data_3CIA
#
_entry.id   3CIA
#
_cell.length_a   81.370
_cell.length_b   87.100
_cell.length_c   116.360
_cell.angle_alpha   88.83
_cell.angle_beta   70.68
_cell.angle_gamma   88.43
#
_symmetry.space_group_name_H-M   'P 1'
#
loop_
_entity.id
_entity.type
_entity.pdbx_description
1 polymer 'cold-active aminopeptidase'
2 non-polymer 'ZINC ION'
3 water water
#
_entity_poly.entity_id   1
_entity_poly.type   'polypeptide(L)'
_entity_poly.pdbx_seq_one_letter_code
;HEGATHQHANVSKLTDAYTYANYDQVKATHVYLDLNVDFDKKSLSGFAELSLDWFTDNKAPLILDTRDLVIHRVMAKNSQ
GQWVKVNYDLAKRDDVLGSKLTINTPLNAKKVRVYYNSTEKATGLQWLSAEQTAGKEKPFLFSQNQAIHARSWIPIQDTP
SVRVTYTARITTDKDLLAVMSANNEPGTERDGDYFFSMPQAIPPYLIAIGVGDLEFKAMSHQTGIYAESYILDAAVAEFD
DTQAMIDKAEQMYGKYRWGRYDLLMLPPSFPFGGMENPRLSFITPTVVAGDKSLVNLIAHELAHSWSGNLVTNESWRDLW
LNEGFTSYVENRIMEAVFGTDRAVMEQALGAQDLNAEILELDASDTQLYIDLKGRDPDDAFSGVPYVKGQLFLMYLEEKF
GRERFDAFVLEYFDSHAFQSLGTDNFVKYLKANLTDKYPNIVSDNEINEWIFKAGLPSYAPQPTSNAFKVIDKQINQLVT
DELTLEQLPTAQWTLHEWLHFINNLPVDLDHQRMVNLDKAFDLTNSSNAEIAHAWYLLSVRADYKEVYPAMAKYLKSIGR
RKLIVPLYKELAKNAESKAWAVEVYKQARPGYHGLAQGTVDGVLK
;
_entity_poly.pdbx_strand_id   A,B,C,D
#
loop_
_chem_comp.id
_chem_comp.type
_chem_comp.name
_chem_comp.formula
ZN non-polymer 'ZINC ION' 'Zn 2'
#
# COMPACT_ATOMS: atom_id res chain seq x y z
N LEU A 14 -8.95 8.21 -44.39
CA LEU A 14 -10.10 8.44 -43.52
C LEU A 14 -9.86 9.63 -42.61
N THR A 15 -9.20 10.63 -43.17
CA THR A 15 -8.84 11.82 -42.44
C THR A 15 -9.99 12.78 -42.41
N ASP A 16 -11.00 12.49 -41.60
CA ASP A 16 -12.33 12.99 -41.87
C ASP A 16 -13.37 12.27 -41.05
N ALA A 17 -13.59 12.78 -39.85
CA ALA A 17 -14.88 12.77 -39.16
C ALA A 17 -15.99 13.24 -40.08
N TYR A 18 -17.14 13.55 -39.51
CA TYR A 18 -18.23 14.19 -40.26
C TYR A 18 -18.81 13.34 -41.41
N THR A 19 -18.18 12.23 -41.73
CA THR A 19 -18.66 11.33 -42.75
C THR A 19 -18.81 10.02 -42.09
N TYR A 20 -19.99 9.39 -42.15
CA TYR A 20 -20.13 8.03 -41.61
C TYR A 20 -19.64 7.14 -42.74
N ALA A 21 -19.55 7.73 -43.93
CA ALA A 21 -19.19 7.02 -45.16
C ALA A 21 -17.90 6.30 -45.01
N ASN A 22 -17.87 5.00 -45.21
CA ASN A 22 -16.65 4.22 -45.06
C ASN A 22 -15.84 4.27 -46.33
N TYR A 23 -15.41 5.44 -46.63
CA TYR A 23 -14.82 5.64 -47.85
C TYR A 23 -13.51 4.93 -47.99
N ASP A 24 -13.31 4.19 -46.97
CA ASP A 24 -12.23 3.31 -46.75
C ASP A 24 -12.24 2.10 -47.74
N GLN A 25 -13.44 1.52 -47.91
CA GLN A 25 -13.58 0.32 -48.70
C GLN A 25 -14.48 0.49 -49.93
N VAL A 26 -15.37 1.45 -49.85
CA VAL A 26 -16.22 1.74 -50.94
C VAL A 26 -16.19 3.23 -51.38
N LYS A 27 -16.23 3.46 -52.69
CA LYS A 27 -16.27 4.84 -53.19
C LYS A 27 -17.19 5.02 -54.42
N ALA A 28 -18.23 5.85 -54.30
CA ALA A 28 -19.17 6.12 -55.39
C ALA A 28 -18.49 6.89 -56.49
N THR A 29 -18.66 6.48 -57.75
CA THR A 29 -18.04 7.21 -58.87
C THR A 29 -18.98 8.05 -59.72
N HIS A 30 -20.28 7.85 -59.54
CA HIS A 30 -21.35 8.61 -60.22
C HIS A 30 -22.60 8.67 -59.36
N VAL A 31 -23.51 9.58 -59.69
CA VAL A 31 -24.84 9.70 -58.95
C VAL A 31 -25.93 10.09 -59.90
N TYR A 32 -26.88 9.19 -60.11
CA TYR A 32 -27.97 9.53 -60.91
C TYR A 32 -29.10 9.93 -59.99
N LEU A 33 -29.59 11.13 -60.15
CA LEU A 33 -30.73 11.62 -59.33
C LEU A 33 -32.00 11.71 -60.17
N ASP A 34 -33.06 11.01 -59.72
CA ASP A 34 -34.37 11.20 -60.26
C ASP A 34 -35.34 12.04 -59.31
N LEU A 35 -35.27 13.37 -59.32
CA LEU A 35 -36.05 14.05 -58.28
C LEU A 35 -37.18 14.92 -58.79
N ASN A 36 -38.18 15.13 -57.95
CA ASN A 36 -39.34 15.97 -58.28
C ASN A 36 -39.38 17.13 -57.30
N VAL A 37 -39.49 18.34 -57.81
CA VAL A 37 -39.51 19.49 -56.95
C VAL A 37 -40.91 19.88 -56.48
N ASP A 38 -41.31 19.44 -55.31
CA ASP A 38 -42.63 19.79 -54.77
C ASP A 38 -42.60 20.96 -53.81
N PHE A 39 -43.09 22.11 -54.26
CA PHE A 39 -43.07 23.31 -53.45
C PHE A 39 -44.12 23.41 -52.32
N ASP A 40 -45.08 22.50 -52.35
CA ASP A 40 -46.19 22.48 -51.35
C ASP A 40 -45.76 21.67 -50.15
N LYS A 41 -45.01 20.63 -50.39
CA LYS A 41 -44.49 19.84 -49.32
C LYS A 41 -43.08 20.19 -49.02
N LYS A 42 -42.56 21.08 -49.87
CA LYS A 42 -41.21 21.54 -49.77
C LYS A 42 -40.29 20.33 -49.72
N SER A 43 -40.38 19.47 -50.72
CA SER A 43 -39.50 18.33 -50.76
C SER A 43 -39.16 17.81 -52.15
N LEU A 44 -37.97 17.26 -52.28
CA LEU A 44 -37.48 16.69 -53.51
C LEU A 44 -37.65 15.21 -53.24
N SER A 45 -38.30 14.46 -54.12
CA SER A 45 -38.54 13.04 -53.94
C SER A 45 -38.39 12.24 -55.23
N GLY A 46 -37.63 11.14 -55.14
CA GLY A 46 -37.34 10.30 -56.30
C GLY A 46 -36.33 9.31 -55.86
N PHE A 47 -35.13 9.40 -56.42
CA PHE A 47 -34.16 8.40 -56.08
C PHE A 47 -32.74 8.77 -56.48
N ALA A 48 -31.82 8.23 -55.72
CA ALA A 48 -30.45 8.47 -55.93
C ALA A 48 -29.81 7.14 -56.37
N GLU A 49 -29.17 7.11 -57.49
CA GLU A 49 -28.58 5.82 -57.90
C GLU A 49 -27.04 5.89 -57.92
N LEU A 50 -26.41 5.49 -56.84
CA LEU A 50 -24.97 5.53 -56.70
C LEU A 50 -24.36 4.37 -57.53
N SER A 51 -23.23 4.61 -58.16
CA SER A 51 -22.49 3.56 -58.85
C SER A 51 -21.26 3.46 -58.04
N LEU A 52 -20.90 2.28 -57.61
CA LEU A 52 -19.77 2.09 -56.71
C LEU A 52 -18.56 1.35 -57.30
N ASP A 53 -17.43 1.58 -56.60
CA ASP A 53 -16.12 1.05 -56.84
C ASP A 53 -15.65 0.52 -55.52
N TRP A 54 -15.45 -0.78 -55.44
CA TRP A 54 -15.06 -1.44 -54.19
C TRP A 54 -13.55 -1.78 -54.21
N PHE A 55 -12.92 -1.75 -53.02
CA PHE A 55 -11.47 -1.93 -52.89
C PHE A 55 -11.14 -3.19 -52.12
N THR A 56 -11.99 -3.51 -51.13
CA THR A 56 -11.81 -4.74 -50.30
C THR A 56 -12.52 -5.95 -50.93
N ASP A 57 -11.81 -7.07 -51.01
CA ASP A 57 -12.36 -8.33 -51.55
C ASP A 57 -13.45 -8.99 -50.70
N ASN A 58 -13.41 -8.71 -49.40
CA ASN A 58 -14.38 -9.25 -48.48
C ASN A 58 -15.59 -8.36 -48.24
N LYS A 59 -16.72 -8.94 -47.86
CA LYS A 59 -17.96 -8.15 -47.74
C LYS A 59 -17.84 -6.94 -46.86
N ALA A 60 -18.49 -5.83 -47.24
CA ALA A 60 -18.55 -4.62 -46.41
C ALA A 60 -19.85 -3.87 -46.76
N PRO A 61 -20.40 -3.11 -45.83
CA PRO A 61 -21.63 -2.34 -46.09
C PRO A 61 -21.36 -1.04 -46.87
N LEU A 62 -22.40 -0.47 -47.45
CA LEU A 62 -22.29 0.82 -48.09
C LEU A 62 -22.87 1.69 -46.99
N ILE A 63 -22.05 2.55 -46.43
CA ILE A 63 -22.47 3.53 -45.45
C ILE A 63 -22.60 4.87 -46.14
N LEU A 64 -23.75 5.51 -45.94
CA LEU A 64 -23.99 6.74 -46.55
C LEU A 64 -24.41 7.77 -45.52
N ASP A 65 -24.26 9.05 -45.86
CA ASP A 65 -24.62 10.16 -44.98
C ASP A 65 -26.03 10.57 -45.37
N THR A 66 -26.81 11.00 -44.40
CA THR A 66 -28.17 11.43 -44.58
C THR A 66 -28.53 12.43 -43.51
N ARG A 67 -29.63 13.12 -43.64
CA ARG A 67 -30.01 13.99 -42.60
C ARG A 67 -31.43 13.94 -42.13
N ASP A 68 -32.36 14.58 -42.83
CA ASP A 68 -33.77 14.49 -42.43
C ASP A 68 -34.32 13.98 -43.77
N LEU A 69 -33.80 12.84 -44.19
CA LEU A 69 -34.16 12.14 -45.38
C LEU A 69 -35.09 11.01 -44.93
N VAL A 70 -36.17 10.80 -45.73
CA VAL A 70 -37.14 9.69 -45.54
C VAL A 70 -36.78 8.61 -46.53
N ILE A 71 -36.63 7.41 -46.04
CA ILE A 71 -36.21 6.32 -46.93
C ILE A 71 -37.46 5.49 -47.24
N HIS A 72 -37.61 5.10 -48.53
CA HIS A 72 -38.73 4.27 -49.02
C HIS A 72 -38.21 2.84 -49.20
N ARG A 73 -37.12 2.69 -49.97
CA ARG A 73 -36.50 1.40 -50.21
C ARG A 73 -35.16 1.48 -50.87
N VAL A 74 -34.39 0.48 -50.67
CA VAL A 74 -33.04 0.43 -51.22
C VAL A 74 -32.81 -0.82 -52.09
N MET A 75 -32.23 -0.69 -53.28
CA MET A 75 -31.93 -1.81 -54.17
C MET A 75 -30.51 -1.82 -54.50
N ALA A 76 -29.94 -2.94 -54.81
CA ALA A 76 -28.61 -2.98 -55.31
C ALA A 76 -28.56 -3.91 -56.43
N LYS A 77 -27.57 -3.81 -57.32
CA LYS A 77 -27.29 -4.73 -58.40
C LYS A 77 -26.33 -5.81 -58.01
N ASN A 78 -26.82 -7.07 -57.84
CA ASN A 78 -25.96 -8.21 -57.53
C ASN A 78 -24.97 -8.65 -58.61
N SER A 79 -24.27 -9.79 -58.36
CA SER A 79 -23.19 -10.32 -59.24
C SER A 79 -23.74 -10.67 -60.63
N GLN A 80 -25.03 -10.38 -60.79
CA GLN A 80 -25.65 -10.69 -62.02
C GLN A 80 -26.52 -9.59 -62.54
N GLY A 81 -26.21 -8.39 -62.12
CA GLY A 81 -26.95 -7.24 -62.46
C GLY A 81 -28.43 -7.38 -62.21
N GLN A 82 -28.84 -7.99 -61.12
CA GLN A 82 -30.25 -8.06 -60.87
C GLN A 82 -30.58 -7.14 -59.73
N TRP A 83 -31.54 -6.17 -59.77
CA TRP A 83 -31.92 -5.23 -58.78
C TRP A 83 -32.73 -5.91 -57.76
N VAL A 84 -32.01 -6.24 -56.73
CA VAL A 84 -32.61 -7.03 -55.70
C VAL A 84 -32.80 -6.07 -54.55
N LYS A 85 -33.71 -6.40 -53.64
CA LYS A 85 -33.93 -5.51 -52.54
C LYS A 85 -33.00 -5.81 -51.41
N VAL A 86 -32.33 -4.79 -50.86
CA VAL A 86 -31.42 -5.01 -49.76
C VAL A 86 -32.06 -4.27 -48.58
N ASN A 87 -31.58 -4.59 -47.37
CA ASN A 87 -32.02 -3.92 -46.18
C ASN A 87 -31.04 -2.96 -45.59
N TYR A 88 -31.58 -1.99 -44.88
CA TYR A 88 -30.78 -0.92 -44.35
C TYR A 88 -31.08 -0.68 -42.88
N ASP A 89 -30.16 0.02 -42.24
CA ASP A 89 -30.31 0.51 -40.87
C ASP A 89 -30.11 2.04 -41.01
N LEU A 90 -30.99 2.82 -40.36
CA LEU A 90 -30.88 4.25 -40.38
C LEU A 90 -30.55 4.49 -38.91
N ALA A 91 -29.28 4.85 -38.59
CA ALA A 91 -28.85 5.08 -37.19
C ALA A 91 -29.52 6.32 -36.61
N LYS A 92 -29.35 6.46 -35.30
CA LYS A 92 -29.95 7.50 -34.48
C LYS A 92 -29.34 8.78 -35.02
N ARG A 93 -30.12 9.85 -35.07
CA ARG A 93 -29.61 11.11 -35.64
C ARG A 93 -28.61 11.86 -34.74
N ASP A 94 -27.47 12.20 -35.33
CA ASP A 94 -26.42 12.97 -34.67
C ASP A 94 -26.86 14.42 -34.74
N ASP A 95 -26.27 15.32 -33.96
CA ASP A 95 -26.79 16.69 -33.97
C ASP A 95 -26.10 17.44 -35.08
N VAL A 96 -24.92 16.96 -35.43
CA VAL A 96 -24.19 17.57 -36.48
C VAL A 96 -24.06 16.71 -37.74
N LEU A 97 -23.88 15.40 -37.60
CA LEU A 97 -23.67 14.50 -38.77
C LEU A 97 -24.98 13.90 -39.32
N GLY A 98 -26.09 14.01 -38.59
CA GLY A 98 -27.33 13.41 -38.95
C GLY A 98 -27.39 11.91 -38.66
N SER A 99 -28.18 11.15 -39.46
CA SER A 99 -28.37 9.74 -39.33
C SER A 99 -27.57 8.87 -40.29
N LYS A 100 -26.79 7.93 -39.79
CA LYS A 100 -25.89 7.13 -40.67
C LYS A 100 -26.69 6.08 -41.32
N LEU A 101 -26.64 5.97 -42.64
CA LEU A 101 -27.38 4.90 -43.35
C LEU A 101 -26.46 3.75 -43.75
N THR A 102 -26.66 2.58 -43.12
CA THR A 102 -25.87 1.37 -43.40
C THR A 102 -26.76 0.43 -44.22
N ILE A 103 -26.46 0.17 -45.48
CA ILE A 103 -27.21 -0.60 -46.34
C ILE A 103 -26.38 -1.80 -46.53
N ASN A 104 -27.05 -2.94 -46.60
CA ASN A 104 -26.45 -4.26 -46.60
C ASN A 104 -26.37 -4.71 -48.01
N THR A 105 -25.22 -4.59 -48.63
CA THR A 105 -25.23 -4.62 -50.08
C THR A 105 -24.59 -5.94 -50.59
N PRO A 106 -25.04 -6.49 -51.69
CA PRO A 106 -24.31 -7.63 -52.20
C PRO A 106 -22.86 -7.49 -52.23
N LEU A 107 -22.13 -8.53 -51.88
CA LEU A 107 -20.66 -8.48 -52.05
C LEU A 107 -20.37 -7.79 -53.35
N ASN A 108 -19.68 -6.64 -53.30
CA ASN A 108 -19.32 -5.81 -54.46
C ASN A 108 -20.45 -5.21 -55.31
N ALA A 109 -21.63 -4.99 -54.74
CA ALA A 109 -22.70 -4.31 -55.46
C ALA A 109 -22.15 -3.15 -56.28
N LYS A 110 -22.33 -3.24 -57.59
CA LYS A 110 -21.94 -2.23 -58.55
C LYS A 110 -22.93 -1.09 -58.59
N LYS A 111 -24.10 -1.21 -57.97
CA LYS A 111 -24.94 -0.03 -57.92
C LYS A 111 -25.95 -0.11 -56.82
N VAL A 112 -26.52 1.00 -56.44
CA VAL A 112 -27.45 0.96 -55.35
C VAL A 112 -28.41 2.06 -55.63
N ARG A 113 -29.67 1.85 -55.39
CA ARG A 113 -30.68 2.83 -55.71
C ARG A 113 -31.42 3.14 -54.46
N VAL A 114 -31.40 4.37 -54.03
CA VAL A 114 -32.13 4.73 -52.83
C VAL A 114 -33.26 5.58 -53.21
N TYR A 115 -34.40 5.26 -52.66
CA TYR A 115 -35.62 5.93 -52.90
C TYR A 115 -35.93 6.67 -51.65
N TYR A 116 -36.06 7.96 -51.74
CA TYR A 116 -36.25 8.79 -50.58
C TYR A 116 -36.96 10.02 -50.93
N ASN A 117 -37.20 10.82 -49.94
CA ASN A 117 -37.50 12.19 -50.15
C ASN A 117 -36.73 13.05 -49.18
N SER A 118 -36.48 14.31 -49.50
CA SER A 118 -36.02 15.25 -48.50
C SER A 118 -37.24 15.92 -47.84
N THR A 119 -37.04 16.47 -46.66
CA THR A 119 -38.08 17.16 -45.92
C THR A 119 -37.73 18.64 -45.83
N GLU A 120 -38.68 19.48 -45.49
CA GLU A 120 -38.45 20.91 -45.54
C GLU A 120 -37.49 21.37 -44.47
N LYS A 121 -37.26 20.52 -43.47
CA LYS A 121 -36.19 20.79 -42.52
C LYS A 121 -34.79 20.49 -43.08
N ALA A 122 -34.67 20.11 -44.35
CA ALA A 122 -33.37 19.79 -44.96
C ALA A 122 -32.55 21.00 -44.81
N THR A 123 -31.38 20.78 -44.23
CA THR A 123 -30.42 21.88 -43.92
C THR A 123 -29.64 22.43 -45.09
N GLY A 124 -29.70 21.76 -46.24
CA GLY A 124 -28.93 22.18 -47.39
C GLY A 124 -29.83 22.78 -48.44
N LEU A 125 -31.06 23.21 -48.10
CA LEU A 125 -31.96 23.69 -49.10
C LEU A 125 -32.82 24.86 -48.60
N GLN A 126 -32.93 25.89 -49.41
CA GLN A 126 -33.74 26.97 -49.03
C GLN A 126 -35.00 27.05 -49.94
N TRP A 127 -36.15 26.89 -49.29
CA TRP A 127 -37.47 26.96 -49.94
C TRP A 127 -38.06 28.33 -49.73
N LEU A 128 -38.01 29.18 -50.74
CA LEU A 128 -38.55 30.53 -50.63
C LEU A 128 -39.90 30.67 -51.25
N SER A 129 -40.83 31.21 -50.48
CA SER A 129 -42.20 31.40 -50.96
C SER A 129 -42.21 32.42 -52.07
N ALA A 130 -43.19 32.34 -52.96
CA ALA A 130 -43.25 33.29 -54.06
C ALA A 130 -43.15 34.74 -53.60
N GLU A 131 -43.53 35.01 -52.36
CA GLU A 131 -43.53 36.40 -51.81
C GLU A 131 -42.11 36.84 -51.37
N GLN A 132 -41.28 35.88 -50.92
CA GLN A 132 -39.89 36.11 -50.53
C GLN A 132 -38.98 36.17 -51.76
N THR A 133 -39.60 36.43 -52.91
CA THR A 133 -38.90 36.51 -54.18
C THR A 133 -39.18 37.89 -54.87
N ALA A 134 -38.40 38.23 -55.89
CA ALA A 134 -38.62 39.50 -56.56
C ALA A 134 -39.84 39.49 -57.46
N GLY A 135 -40.07 38.38 -58.17
CA GLY A 135 -41.22 38.25 -59.04
C GLY A 135 -42.49 38.23 -58.20
N LYS A 136 -42.44 37.84 -56.95
CA LYS A 136 -43.63 37.89 -56.16
C LYS A 136 -44.66 36.89 -56.63
N GLU A 137 -44.44 36.32 -57.83
CA GLU A 137 -45.35 35.33 -58.47
C GLU A 137 -45.02 33.84 -58.34
N LYS A 138 -43.75 33.53 -58.22
CA LYS A 138 -43.36 32.17 -58.11
C LYS A 138 -42.33 31.93 -56.99
N PRO A 139 -42.36 30.76 -56.34
CA PRO A 139 -41.40 30.47 -55.24
C PRO A 139 -40.01 30.21 -55.82
N PHE A 140 -39.03 30.01 -54.97
CA PHE A 140 -37.73 29.85 -55.46
C PHE A 140 -37.02 28.84 -54.59
N LEU A 141 -36.21 28.00 -55.24
CA LEU A 141 -35.44 27.07 -54.47
C LEU A 141 -34.02 27.13 -54.92
N PHE A 142 -33.14 26.91 -53.94
CA PHE A 142 -31.72 26.84 -54.19
C PHE A 142 -31.12 26.04 -53.07
N SER A 143 -30.02 25.33 -53.42
CA SER A 143 -29.16 24.65 -52.56
C SER A 143 -28.01 25.40 -52.09
N GLN A 144 -27.60 25.01 -50.89
CA GLN A 144 -26.24 25.22 -50.35
C GLN A 144 -25.62 24.17 -49.62
N ASN A 145 -24.94 23.32 -50.28
CA ASN A 145 -24.47 22.11 -49.68
C ASN A 145 -23.17 22.11 -48.93
N GLN A 146 -22.56 23.31 -48.67
CA GLN A 146 -21.29 23.42 -47.95
C GLN A 146 -21.58 23.82 -46.52
N ALA A 147 -20.94 23.16 -45.54
CA ALA A 147 -19.96 22.08 -45.70
C ALA A 147 -20.59 20.70 -45.84
N ILE A 148 -21.45 20.34 -44.90
CA ILE A 148 -22.02 19.01 -44.97
C ILE A 148 -23.53 18.92 -44.98
N HIS A 149 -24.19 19.55 -46.09
CA HIS A 149 -25.58 19.66 -46.23
C HIS A 149 -26.14 18.96 -47.43
N ALA A 150 -25.27 18.34 -48.25
CA ALA A 150 -25.70 17.59 -49.41
C ALA A 150 -26.50 16.42 -48.95
N ARG A 151 -26.12 15.81 -47.83
CA ARG A 151 -26.82 14.68 -47.30
C ARG A 151 -28.24 15.12 -46.93
N SER A 152 -28.54 16.39 -46.74
CA SER A 152 -29.93 16.70 -46.37
C SER A 152 -30.96 16.53 -47.47
N TRP A 153 -30.49 16.26 -48.70
CA TRP A 153 -31.40 15.97 -49.85
C TRP A 153 -30.73 15.02 -50.83
N ILE A 154 -29.68 14.34 -50.40
CA ILE A 154 -29.03 13.31 -51.29
C ILE A 154 -28.38 12.29 -50.38
N PRO A 155 -28.80 11.01 -50.45
CA PRO A 155 -28.13 10.03 -49.60
C PRO A 155 -26.84 9.73 -50.39
N ILE A 156 -25.72 10.07 -49.76
CA ILE A 156 -24.41 9.94 -50.42
C ILE A 156 -23.25 9.85 -49.43
N GLN A 157 -22.02 9.78 -49.90
CA GLN A 157 -20.82 9.87 -49.03
C GLN A 157 -20.43 11.37 -49.09
N ASP A 158 -21.08 12.20 -48.24
CA ASP A 158 -20.81 13.64 -48.15
C ASP A 158 -19.43 13.82 -47.54
N THR A 159 -18.44 13.96 -48.44
CA THR A 159 -17.01 14.06 -48.02
C THR A 159 -16.38 14.77 -49.17
N PRO A 160 -15.44 15.73 -48.88
CA PRO A 160 -14.69 16.40 -49.96
C PRO A 160 -13.67 15.40 -50.49
N SER A 161 -13.58 14.22 -49.86
CA SER A 161 -12.59 13.21 -50.26
C SER A 161 -13.15 12.39 -51.32
N VAL A 162 -14.45 12.46 -51.48
CA VAL A 162 -15.07 11.68 -52.54
C VAL A 162 -15.80 12.42 -53.65
N ARG A 163 -15.23 12.20 -54.82
CA ARG A 163 -15.69 12.84 -56.04
C ARG A 163 -16.47 11.89 -56.97
N VAL A 164 -17.57 12.40 -57.51
CA VAL A 164 -18.48 11.64 -58.31
C VAL A 164 -18.97 12.52 -59.42
N THR A 165 -19.41 11.99 -60.55
CA THR A 165 -19.96 12.80 -61.69
C THR A 165 -21.45 12.64 -61.42
N TYR A 166 -22.28 13.47 -61.96
CA TYR A 166 -23.70 13.28 -61.70
C TYR A 166 -24.51 13.61 -62.96
N THR A 167 -25.70 13.00 -63.09
CA THR A 167 -26.68 13.28 -64.16
C THR A 167 -27.92 13.40 -63.34
N ALA A 168 -28.85 14.24 -63.72
CA ALA A 168 -30.02 14.38 -62.83
C ALA A 168 -31.25 14.80 -63.57
N ARG A 169 -32.30 14.03 -63.37
CA ARG A 169 -33.59 14.28 -63.93
C ARG A 169 -34.42 15.01 -62.89
N ILE A 170 -34.57 16.29 -63.14
CA ILE A 170 -35.37 17.14 -62.27
C ILE A 170 -36.67 17.52 -62.95
N THR A 171 -37.72 17.31 -62.15
CA THR A 171 -39.13 17.61 -62.54
C THR A 171 -39.66 18.78 -61.76
N THR A 172 -40.17 19.76 -62.44
CA THR A 172 -40.73 20.96 -61.79
C THR A 172 -42.01 21.38 -62.47
N ASP A 173 -42.60 22.47 -61.99
CA ASP A 173 -43.73 23.10 -62.67
C ASP A 173 -43.29 23.84 -63.92
N LYS A 174 -43.81 23.46 -65.07
CA LYS A 174 -44.31 24.40 -66.06
C LYS A 174 -44.26 25.84 -65.51
N ASP A 175 -43.38 26.64 -66.09
CA ASP A 175 -43.32 28.06 -65.74
C ASP A 175 -42.35 28.20 -64.57
N LEU A 176 -41.51 27.19 -64.37
CA LEU A 176 -40.40 27.27 -63.43
C LEU A 176 -39.19 26.66 -64.13
N LEU A 177 -38.01 27.21 -63.87
CA LEU A 177 -36.79 26.71 -64.47
C LEU A 177 -35.83 26.05 -63.45
N ALA A 178 -35.19 24.99 -63.89
CA ALA A 178 -34.25 24.23 -63.09
C ALA A 178 -32.89 24.50 -63.60
N VAL A 179 -31.98 24.61 -62.62
CA VAL A 179 -30.57 24.93 -62.92
C VAL A 179 -29.82 24.05 -61.98
N MET A 180 -28.60 23.71 -62.37
CA MET A 180 -27.77 22.90 -61.56
C MET A 180 -26.33 23.17 -61.92
N SER A 181 -25.42 22.46 -61.28
CA SER A 181 -24.01 22.66 -61.50
C SER A 181 -23.51 21.61 -62.50
N ALA A 182 -24.11 21.66 -63.68
CA ALA A 182 -23.78 20.72 -64.74
C ALA A 182 -24.23 21.36 -66.01
N ASN A 183 -24.29 20.59 -67.10
CA ASN A 183 -24.69 21.12 -68.37
C ASN A 183 -26.19 21.03 -68.50
N ASN A 184 -26.81 22.16 -68.83
CA ASN A 184 -28.22 22.26 -69.12
C ASN A 184 -28.38 22.29 -70.64
N GLU A 185 -28.99 21.32 -71.21
CA GLU A 185 -29.21 21.28 -72.65
C GLU A 185 -30.14 22.41 -73.10
N ARG A 190 -39.08 26.78 -68.75
CA ARG A 190 -39.54 25.94 -69.84
C ARG A 190 -40.57 24.91 -69.39
N ASP A 191 -40.37 23.67 -69.80
CA ASP A 191 -41.44 22.69 -69.82
C ASP A 191 -41.69 22.14 -68.43
N GLY A 192 -40.61 21.85 -67.71
CA GLY A 192 -40.72 21.44 -66.33
C GLY A 192 -40.07 20.08 -66.21
N ASP A 193 -39.39 19.68 -67.28
CA ASP A 193 -38.67 18.42 -67.34
C ASP A 193 -37.26 18.70 -67.95
N TYR A 194 -36.26 18.77 -67.04
CA TYR A 194 -34.90 19.15 -67.39
C TYR A 194 -34.13 17.91 -66.93
N PHE A 195 -32.95 17.71 -67.46
CA PHE A 195 -32.17 16.56 -67.06
C PHE A 195 -30.83 17.30 -67.20
N PHE A 196 -29.93 17.20 -66.18
CA PHE A 196 -28.59 17.83 -66.21
C PHE A 196 -27.48 16.79 -66.17
N SER A 197 -26.31 17.13 -66.67
CA SER A 197 -25.16 16.26 -66.70
C SER A 197 -23.79 16.94 -66.44
N MET A 198 -23.11 16.47 -65.40
CA MET A 198 -21.81 16.93 -64.98
C MET A 198 -20.85 15.75 -65.19
N PRO A 199 -20.09 15.74 -66.29
CA PRO A 199 -19.14 14.67 -66.62
C PRO A 199 -17.81 14.88 -65.95
N GLN A 200 -17.77 15.91 -65.10
CA GLN A 200 -16.63 16.30 -64.33
C GLN A 200 -16.77 15.84 -62.88
N ALA A 201 -15.89 14.95 -62.41
CA ALA A 201 -15.95 14.46 -61.05
C ALA A 201 -15.78 15.59 -60.01
N ILE A 202 -16.79 15.79 -59.16
CA ILE A 202 -16.77 16.87 -58.16
C ILE A 202 -17.20 16.38 -56.76
N PRO A 203 -16.66 16.98 -55.69
CA PRO A 203 -17.16 16.57 -54.41
C PRO A 203 -18.64 17.13 -54.22
N PRO A 204 -19.52 16.33 -53.61
CA PRO A 204 -20.93 16.67 -53.28
C PRO A 204 -21.29 18.10 -52.84
N TYR A 205 -20.46 18.77 -52.10
CA TYR A 205 -20.90 20.08 -51.59
C TYR A 205 -21.08 21.01 -52.76
N LEU A 206 -20.65 20.49 -53.92
CA LEU A 206 -20.61 21.26 -55.19
C LEU A 206 -21.77 20.91 -56.14
N ILE A 207 -22.55 19.90 -55.78
CA ILE A 207 -23.78 19.56 -56.44
C ILE A 207 -24.75 20.64 -56.00
N ALA A 208 -25.29 21.37 -56.93
CA ALA A 208 -26.19 22.43 -56.56
C ALA A 208 -27.35 22.52 -57.48
N ILE A 209 -28.45 23.09 -56.94
CA ILE A 209 -29.69 23.21 -57.68
C ILE A 209 -30.40 24.52 -57.34
N GLY A 210 -30.99 25.12 -58.39
CA GLY A 210 -31.78 26.30 -58.21
C GLY A 210 -32.99 26.14 -59.08
N VAL A 211 -34.16 26.47 -58.52
CA VAL A 211 -35.38 26.44 -59.29
C VAL A 211 -36.21 27.67 -59.01
N GLY A 212 -36.62 28.37 -60.04
CA GLY A 212 -37.42 29.53 -59.90
C GLY A 212 -37.77 30.17 -61.22
N ASP A 213 -38.37 31.36 -61.18
CA ASP A 213 -38.72 32.12 -62.39
C ASP A 213 -37.41 32.78 -62.89
N LEU A 214 -36.53 32.00 -63.52
CA LEU A 214 -35.25 32.50 -63.99
C LEU A 214 -35.28 32.91 -65.46
N GLU A 215 -34.58 33.98 -65.82
CA GLU A 215 -34.39 34.46 -67.17
C GLU A 215 -32.88 34.39 -67.40
N PHE A 216 -32.46 34.35 -68.64
CA PHE A 216 -31.04 34.24 -68.96
C PHE A 216 -30.58 35.10 -70.10
N LYS A 217 -29.47 35.82 -69.85
CA LYS A 217 -28.80 36.64 -70.87
C LYS A 217 -27.38 36.27 -70.71
N ALA A 218 -26.60 36.13 -71.72
CA ALA A 218 -25.17 35.95 -71.60
C ALA A 218 -24.52 37.30 -71.59
N MET A 219 -23.19 37.17 -71.59
CA MET A 219 -22.35 38.34 -71.63
C MET A 219 -21.24 38.14 -72.60
N SER A 220 -20.64 36.96 -72.55
CA SER A 220 -19.52 36.55 -73.42
C SER A 220 -19.90 35.23 -74.09
N HIS A 221 -18.91 34.51 -74.70
CA HIS A 221 -19.16 33.23 -75.29
C HIS A 221 -19.33 32.09 -74.31
N GLN A 222 -18.77 32.24 -73.10
CA GLN A 222 -18.82 31.27 -72.03
C GLN A 222 -19.22 31.83 -70.70
N THR A 223 -19.85 32.97 -70.67
CA THR A 223 -20.36 33.56 -69.38
C THR A 223 -21.71 34.14 -69.50
N GLY A 224 -22.59 33.80 -68.60
CA GLY A 224 -23.90 34.48 -68.58
C GLY A 224 -24.50 34.56 -67.20
N ILE A 225 -25.71 35.04 -67.15
CA ILE A 225 -26.40 35.28 -65.89
C ILE A 225 -27.83 34.74 -65.93
N TYR A 226 -28.32 34.27 -64.78
CA TYR A 226 -29.71 33.86 -64.62
C TYR A 226 -30.26 34.68 -63.48
N ALA A 227 -31.45 35.25 -63.62
CA ALA A 227 -31.96 36.05 -62.51
C ALA A 227 -33.43 36.36 -62.66
N GLU A 228 -34.00 37.16 -61.79
CA GLU A 228 -35.43 37.44 -61.81
C GLU A 228 -35.84 38.73 -62.56
N SER A 229 -35.07 39.05 -63.60
CA SER A 229 -35.49 40.16 -64.49
C SER A 229 -35.22 41.55 -63.90
N TYR A 230 -35.67 41.78 -62.66
CA TYR A 230 -35.47 43.09 -62.04
C TYR A 230 -33.97 43.40 -61.99
N ILE A 231 -33.21 42.36 -61.63
CA ILE A 231 -31.77 42.44 -61.45
C ILE A 231 -31.01 41.90 -62.63
N LEU A 232 -31.73 41.35 -63.58
CA LEU A 232 -31.08 40.75 -64.76
C LEU A 232 -30.11 41.67 -65.52
N ASP A 233 -30.66 42.69 -66.16
CA ASP A 233 -29.84 43.59 -66.93
C ASP A 233 -28.87 44.41 -66.09
N ALA A 234 -29.11 44.53 -64.80
CA ALA A 234 -28.29 45.37 -63.92
C ALA A 234 -27.05 44.53 -63.63
N ALA A 235 -27.30 43.24 -63.46
CA ALA A 235 -26.31 42.25 -63.20
C ALA A 235 -25.39 42.00 -64.40
N VAL A 236 -25.95 42.03 -65.62
CA VAL A 236 -25.17 41.78 -66.86
C VAL A 236 -24.25 42.95 -67.14
N ALA A 237 -24.68 44.13 -66.70
CA ALA A 237 -23.92 45.37 -66.78
C ALA A 237 -22.81 45.39 -65.73
N GLU A 238 -22.97 44.60 -64.68
CA GLU A 238 -22.04 44.64 -63.60
C GLU A 238 -20.92 43.63 -63.67
N PHE A 239 -21.11 42.48 -64.33
CA PHE A 239 -20.06 41.42 -64.31
C PHE A 239 -19.63 41.12 -65.70
N ASP A 240 -19.85 42.08 -66.61
CA ASP A 240 -19.45 41.90 -67.99
C ASP A 240 -17.95 42.00 -68.16
N ASP A 241 -17.24 41.81 -67.04
CA ASP A 241 -15.81 41.83 -66.99
C ASP A 241 -15.32 40.43 -66.73
N THR A 242 -16.25 39.54 -66.34
CA THR A 242 -15.83 38.24 -65.91
C THR A 242 -15.14 37.43 -66.98
N GLN A 243 -15.49 37.66 -68.23
CA GLN A 243 -14.81 37.00 -69.31
C GLN A 243 -13.34 37.32 -69.23
N ALA A 244 -13.05 38.58 -68.96
CA ALA A 244 -11.73 39.06 -68.74
C ALA A 244 -11.11 38.35 -67.57
N MET A 245 -11.84 38.15 -66.48
CA MET A 245 -11.28 37.42 -65.36
C MET A 245 -10.72 36.07 -65.79
N ILE A 246 -11.42 35.42 -66.74
CA ILE A 246 -11.15 34.02 -67.04
C ILE A 246 -9.99 33.92 -68.01
N ASP A 247 -9.80 34.94 -68.83
CA ASP A 247 -8.74 34.92 -69.81
C ASP A 247 -7.44 35.32 -69.16
N LYS A 248 -7.52 36.28 -68.25
CA LYS A 248 -6.33 36.65 -67.49
C LYS A 248 -5.98 35.58 -66.49
N ALA A 249 -7.00 34.93 -65.95
CA ALA A 249 -6.82 33.84 -64.99
C ALA A 249 -6.23 32.56 -65.59
N GLU A 250 -6.56 32.29 -66.82
CA GLU A 250 -6.06 31.12 -67.55
C GLU A 250 -4.60 31.36 -67.91
N GLN A 251 -4.27 32.63 -68.14
CA GLN A 251 -2.93 32.99 -68.52
C GLN A 251 -1.89 32.57 -67.51
N MET A 252 -2.28 32.65 -66.23
CA MET A 252 -1.35 32.33 -65.16
C MET A 252 -1.61 31.03 -64.45
N TYR A 253 -2.89 30.66 -64.33
CA TYR A 253 -3.26 29.42 -63.63
C TYR A 253 -3.59 28.08 -64.36
N GLY A 254 -3.61 28.09 -65.69
CA GLY A 254 -3.99 26.89 -66.46
C GLY A 254 -5.40 27.09 -67.08
N LYS A 255 -5.87 26.11 -67.85
CA LYS A 255 -7.18 26.25 -68.45
C LYS A 255 -8.35 26.18 -67.45
N TYR A 256 -9.44 26.90 -67.76
CA TYR A 256 -10.69 26.81 -67.01
C TYR A 256 -11.35 25.54 -67.49
N ARG A 257 -11.07 24.41 -66.84
CA ARG A 257 -11.53 23.09 -67.19
C ARG A 257 -13.04 22.85 -67.05
N TRP A 258 -13.90 23.85 -66.86
CA TRP A 258 -15.33 23.56 -66.73
C TRP A 258 -16.20 23.99 -67.89
N GLY A 259 -15.64 24.59 -68.93
CA GLY A 259 -16.39 25.08 -70.07
C GLY A 259 -17.16 26.39 -70.00
N ARG A 260 -18.19 26.45 -69.17
CA ARG A 260 -19.02 27.63 -69.15
C ARG A 260 -18.90 28.13 -67.72
N TYR A 261 -19.16 29.43 -67.50
CA TYR A 261 -19.15 29.99 -66.21
C TYR A 261 -20.30 30.97 -66.15
N ASP A 262 -21.32 30.59 -65.42
CA ASP A 262 -22.46 31.46 -65.29
C ASP A 262 -22.67 31.95 -63.88
N LEU A 263 -23.60 32.89 -63.74
CA LEU A 263 -23.91 33.55 -62.45
C LEU A 263 -25.35 33.39 -62.20
N LEU A 264 -25.70 33.02 -61.01
CA LEU A 264 -27.09 32.80 -60.66
C LEU A 264 -27.32 33.76 -59.52
N MET A 265 -28.05 34.82 -59.80
CA MET A 265 -28.32 35.76 -58.75
C MET A 265 -29.43 35.22 -57.90
N LEU A 266 -29.20 35.07 -56.59
CA LEU A 266 -30.21 34.47 -55.69
C LEU A 266 -30.96 35.65 -55.07
N PRO A 267 -32.10 35.39 -54.41
CA PRO A 267 -32.81 36.56 -53.81
C PRO A 267 -32.01 37.02 -52.57
N PRO A 268 -32.28 38.28 -52.15
CA PRO A 268 -31.69 39.01 -51.03
C PRO A 268 -31.49 38.21 -49.75
N SER A 269 -32.11 37.05 -49.69
CA SER A 269 -32.05 36.16 -48.55
C SER A 269 -30.75 35.36 -48.50
N PHE A 270 -30.05 35.25 -49.64
CA PHE A 270 -28.84 34.44 -49.64
C PHE A 270 -27.95 34.85 -48.46
N PRO A 271 -27.63 33.93 -47.54
CA PRO A 271 -26.76 34.09 -46.38
C PRO A 271 -25.30 34.46 -46.66
N PHE A 272 -24.72 33.97 -47.74
CA PHE A 272 -23.33 34.26 -48.08
C PHE A 272 -23.23 35.32 -49.18
N GLY A 273 -22.03 35.47 -49.71
CA GLY A 273 -21.77 36.36 -50.83
C GLY A 273 -21.76 35.52 -52.11
N GLY A 274 -21.44 34.24 -52.04
CA GLY A 274 -21.53 33.40 -53.16
C GLY A 274 -21.00 32.02 -52.97
N MET A 275 -21.57 31.05 -53.66
CA MET A 275 -21.06 29.69 -53.61
C MET A 275 -20.42 29.29 -54.98
N GLU A 276 -19.23 28.71 -54.96
CA GLU A 276 -18.61 28.29 -56.21
C GLU A 276 -19.10 26.96 -56.86
N ASN A 277 -20.37 26.91 -57.20
CA ASN A 277 -20.92 25.69 -57.72
C ASN A 277 -20.46 25.68 -59.15
N PRO A 278 -19.69 24.62 -59.52
CA PRO A 278 -19.15 24.47 -60.85
C PRO A 278 -20.12 24.86 -61.96
N ARG A 279 -19.69 25.77 -62.85
CA ARG A 279 -20.44 26.25 -64.00
C ARG A 279 -21.56 27.19 -63.59
N LEU A 280 -21.91 27.27 -62.31
CA LEU A 280 -23.02 28.10 -61.91
C LEU A 280 -22.80 28.61 -60.46
N SER A 281 -22.22 29.81 -60.37
CA SER A 281 -21.89 30.39 -59.09
C SER A 281 -23.12 31.11 -58.55
N PHE A 282 -23.45 30.85 -57.33
CA PHE A 282 -24.65 31.48 -56.72
C PHE A 282 -24.29 32.81 -56.13
N ILE A 283 -24.76 33.89 -56.70
CA ILE A 283 -24.33 35.17 -56.23
C ILE A 283 -25.39 36.01 -55.50
N THR A 284 -24.96 36.68 -54.45
CA THR A 284 -25.85 37.60 -53.70
C THR A 284 -26.12 38.88 -54.49
N PRO A 285 -27.35 39.42 -54.40
CA PRO A 285 -27.75 40.64 -55.08
C PRO A 285 -27.05 41.90 -54.49
N THR A 286 -26.48 41.75 -53.29
CA THR A 286 -25.84 42.82 -52.56
C THR A 286 -24.61 43.34 -53.28
N VAL A 287 -24.16 42.63 -54.33
CA VAL A 287 -22.96 43.06 -55.09
C VAL A 287 -23.24 43.79 -56.36
N VAL A 288 -24.51 43.84 -56.78
CA VAL A 288 -24.86 44.58 -57.97
C VAL A 288 -25.04 46.01 -57.46
N ALA A 289 -23.90 46.71 -57.37
CA ALA A 289 -23.78 48.04 -56.82
C ALA A 289 -24.01 49.13 -57.87
N GLY A 290 -23.57 48.85 -59.09
CA GLY A 290 -23.69 49.92 -60.10
C GLY A 290 -22.38 50.54 -60.52
N ASP A 291 -21.29 50.26 -59.83
CA ASP A 291 -20.01 50.85 -60.14
C ASP A 291 -18.89 49.82 -60.29
N LYS A 292 -19.22 48.55 -60.17
CA LYS A 292 -18.25 47.47 -60.26
C LYS A 292 -17.24 47.36 -59.12
N SER A 293 -17.58 47.91 -57.97
CA SER A 293 -16.68 47.98 -56.82
C SER A 293 -16.54 46.72 -56.01
N LEU A 294 -17.66 45.99 -55.81
CA LEU A 294 -17.72 44.68 -55.07
C LEU A 294 -17.54 43.46 -55.94
N VAL A 295 -17.04 43.71 -57.11
CA VAL A 295 -16.82 42.71 -58.11
C VAL A 295 -15.72 41.70 -57.78
N ASN A 296 -14.83 41.99 -56.87
CA ASN A 296 -13.76 41.00 -56.58
C ASN A 296 -14.43 39.72 -56.06
N LEU A 297 -15.70 39.87 -55.63
CA LEU A 297 -16.44 38.72 -55.18
C LEU A 297 -16.49 37.71 -56.33
N ILE A 298 -16.87 38.17 -57.56
CA ILE A 298 -16.92 37.26 -58.69
C ILE A 298 -15.57 36.72 -59.11
N ALA A 299 -14.53 37.47 -58.89
CA ALA A 299 -13.16 37.09 -59.31
C ALA A 299 -12.86 36.02 -58.31
N HIS A 300 -13.36 36.23 -57.10
CA HIS A 300 -13.19 35.25 -56.03
C HIS A 300 -13.89 33.89 -56.25
N GLU A 301 -15.02 33.90 -56.94
CA GLU A 301 -15.72 32.69 -57.10
C GLU A 301 -15.16 32.02 -58.35
N LEU A 302 -14.61 32.78 -59.25
CA LEU A 302 -14.07 32.19 -60.39
C LEU A 302 -12.71 31.54 -60.04
N ALA A 303 -12.13 31.95 -58.91
CA ALA A 303 -10.84 31.45 -58.45
C ALA A 303 -11.04 30.04 -57.95
N HIS A 304 -12.19 29.78 -57.35
CA HIS A 304 -12.44 28.44 -56.85
C HIS A 304 -12.28 27.40 -57.92
N SER A 305 -12.70 27.70 -59.14
CA SER A 305 -12.54 26.83 -60.27
C SER A 305 -11.22 26.07 -60.24
N TRP A 306 -10.27 26.60 -59.54
CA TRP A 306 -8.96 26.00 -59.42
C TRP A 306 -8.71 25.52 -57.99
N SER A 307 -8.98 26.37 -57.02
CA SER A 307 -8.78 26.04 -55.60
C SER A 307 -10.13 25.89 -54.94
N GLY A 308 -10.41 24.62 -54.61
CA GLY A 308 -11.60 24.20 -54.02
C GLY A 308 -12.63 23.55 -54.87
N ASN A 309 -12.33 23.38 -56.15
CA ASN A 309 -13.18 22.81 -57.17
C ASN A 309 -12.37 21.87 -58.01
N LEU A 310 -11.25 22.33 -58.51
CA LEU A 310 -10.42 21.49 -59.34
C LEU A 310 -9.62 20.63 -58.49
N VAL A 311 -9.08 21.22 -57.43
CA VAL A 311 -8.29 20.57 -56.37
C VAL A 311 -8.98 20.93 -55.08
N THR A 312 -9.46 19.89 -54.38
CA THR A 312 -10.25 20.10 -53.14
C THR A 312 -9.68 19.47 -51.89
N ASN A 313 -9.88 20.18 -50.78
CA ASN A 313 -9.40 19.75 -49.49
C ASN A 313 -10.04 18.41 -49.14
N GLU A 314 -9.31 17.40 -48.64
CA GLU A 314 -9.87 16.16 -48.34
C GLU A 314 -10.71 16.21 -47.11
N SER A 315 -10.39 17.05 -46.16
CA SER A 315 -11.20 17.22 -44.97
C SER A 315 -11.54 18.68 -44.70
N TRP A 316 -12.23 18.97 -43.63
CA TRP A 316 -12.52 20.39 -43.32
C TRP A 316 -11.49 21.09 -42.47
N ARG A 317 -10.38 20.39 -42.23
CA ARG A 317 -9.22 20.98 -41.53
C ARG A 317 -8.23 21.47 -42.59
N ASP A 318 -8.44 21.04 -43.84
CA ASP A 318 -7.62 21.47 -44.97
C ASP A 318 -8.32 22.55 -45.75
N LEU A 319 -9.36 23.11 -45.13
CA LEU A 319 -10.16 24.11 -45.71
C LEU A 319 -9.43 25.32 -46.15
N TRP A 320 -8.26 25.55 -45.60
CA TRP A 320 -7.43 26.69 -46.00
C TRP A 320 -6.78 26.48 -47.35
N LEU A 321 -6.68 25.22 -47.84
CA LEU A 321 -5.92 24.96 -49.09
C LEU A 321 -6.88 25.50 -50.18
N ASN A 322 -8.09 25.70 -49.74
CA ASN A 322 -9.21 26.14 -50.58
C ASN A 322 -9.29 27.58 -50.54
N GLU A 323 -9.65 28.17 -49.39
CA GLU A 323 -9.86 29.66 -49.29
C GLU A 323 -8.57 30.42 -49.45
N GLY A 324 -7.50 29.89 -48.88
CA GLY A 324 -6.22 30.46 -49.00
C GLY A 324 -5.85 30.76 -50.42
N PHE A 325 -5.56 29.70 -51.15
CA PHE A 325 -5.30 29.84 -52.58
C PHE A 325 -6.36 30.60 -53.38
N THR A 326 -7.64 30.38 -53.09
CA THR A 326 -8.70 31.08 -53.83
C THR A 326 -8.63 32.57 -53.55
N SER A 327 -8.20 32.96 -52.36
CA SER A 327 -8.13 34.38 -51.98
C SER A 327 -6.92 34.95 -52.71
N TYR A 328 -5.80 34.22 -52.72
CA TYR A 328 -4.60 34.65 -53.42
C TYR A 328 -4.80 34.84 -54.89
N VAL A 329 -5.38 33.84 -55.54
CA VAL A 329 -5.68 33.87 -56.98
C VAL A 329 -6.78 34.91 -57.25
N GLU A 330 -7.66 35.14 -56.31
CA GLU A 330 -8.73 36.09 -56.48
C GLU A 330 -8.09 37.44 -56.76
N ASN A 331 -7.10 37.81 -55.94
CA ASN A 331 -6.40 39.10 -56.03
C ASN A 331 -5.67 39.22 -57.33
N ARG A 332 -4.89 38.17 -57.70
CA ARG A 332 -4.18 38.18 -58.92
C ARG A 332 -5.06 38.51 -60.12
N ILE A 333 -6.19 37.85 -60.23
CA ILE A 333 -7.12 38.09 -61.29
C ILE A 333 -7.59 39.54 -61.22
N MET A 334 -7.60 40.14 -60.04
CA MET A 334 -8.02 41.53 -59.86
C MET A 334 -6.93 42.51 -60.36
N GLU A 335 -5.68 42.10 -60.15
CA GLU A 335 -4.52 42.88 -60.60
C GLU A 335 -4.44 42.87 -62.09
N ALA A 336 -4.61 41.70 -62.68
CA ALA A 336 -4.53 41.51 -64.13
C ALA A 336 -5.62 42.29 -64.90
N VAL A 337 -6.85 42.30 -64.43
CA VAL A 337 -7.83 42.97 -65.19
C VAL A 337 -8.10 44.42 -64.77
N PHE A 338 -7.91 44.72 -63.46
CA PHE A 338 -8.10 46.11 -62.91
C PHE A 338 -6.88 46.91 -62.53
N GLY A 339 -5.71 46.25 -62.37
CA GLY A 339 -4.56 46.99 -62.01
C GLY A 339 -4.13 46.80 -60.59
N THR A 340 -2.80 46.85 -60.31
CA THR A 340 -2.32 46.55 -58.99
C THR A 340 -2.67 47.57 -57.92
N ASP A 341 -3.17 48.71 -58.28
CA ASP A 341 -3.55 49.67 -57.26
C ASP A 341 -4.93 49.34 -56.72
N ARG A 342 -5.78 48.82 -57.56
CA ARG A 342 -7.10 48.31 -57.13
C ARG A 342 -6.89 47.01 -56.29
N ALA A 343 -5.92 46.21 -56.74
CA ALA A 343 -5.52 44.96 -56.20
C ALA A 343 -4.94 45.01 -54.81
N VAL A 344 -4.09 45.99 -54.51
CA VAL A 344 -3.43 45.97 -53.21
C VAL A 344 -4.27 46.84 -52.29
N MET A 345 -5.20 47.56 -52.87
CA MET A 345 -6.12 48.43 -52.12
C MET A 345 -7.07 47.44 -51.52
N GLU A 346 -7.12 46.22 -52.04
CA GLU A 346 -8.04 45.23 -51.57
C GLU A 346 -7.37 44.28 -50.64
N GLN A 347 -6.07 44.12 -50.78
CA GLN A 347 -5.34 43.28 -49.86
C GLN A 347 -5.16 43.92 -48.51
N ALA A 348 -5.06 45.23 -48.49
CA ALA A 348 -4.91 45.98 -47.30
C ALA A 348 -6.28 45.92 -46.65
N LEU A 349 -7.28 46.56 -47.25
CA LEU A 349 -8.64 46.52 -46.70
C LEU A 349 -8.96 45.17 -46.05
N GLY A 350 -8.48 44.09 -46.66
CA GLY A 350 -8.74 42.77 -46.18
C GLY A 350 -7.87 42.43 -45.05
N ALA A 351 -6.55 42.64 -45.15
CA ALA A 351 -5.62 42.34 -44.01
C ALA A 351 -5.94 43.08 -42.71
N GLN A 352 -6.57 44.23 -42.79
CA GLN A 352 -7.05 44.96 -41.61
C GLN A 352 -8.13 44.22 -40.84
N ASP A 353 -8.94 43.43 -41.52
CA ASP A 353 -10.03 42.64 -40.91
C ASP A 353 -9.47 41.35 -40.31
N LEU A 354 -8.46 40.79 -40.96
CA LEU A 354 -7.76 39.60 -40.46
C LEU A 354 -7.25 39.92 -39.08
N ASN A 355 -6.60 41.07 -38.93
CA ASN A 355 -6.04 41.56 -37.71
C ASN A 355 -7.15 41.80 -36.73
N ALA A 356 -8.26 42.38 -37.19
CA ALA A 356 -9.40 42.61 -36.28
C ALA A 356 -10.01 41.31 -35.79
N GLU A 357 -10.11 40.32 -36.69
CA GLU A 357 -10.56 38.96 -36.32
C GLU A 357 -9.61 38.15 -35.46
N ILE A 358 -8.31 38.17 -35.72
CA ILE A 358 -7.37 37.44 -34.91
C ILE A 358 -7.65 37.88 -33.49
N LEU A 359 -7.95 39.16 -33.29
CA LEU A 359 -8.22 39.72 -31.96
C LEU A 359 -9.47 39.17 -31.27
N GLU A 360 -10.59 39.11 -31.97
CA GLU A 360 -11.82 38.59 -31.41
C GLU A 360 -11.85 37.08 -31.48
N LEU A 361 -10.82 36.50 -32.02
CA LEU A 361 -10.81 35.07 -32.21
C LEU A 361 -9.99 34.32 -31.22
N ASP A 362 -10.36 33.08 -31.04
CA ASP A 362 -9.73 32.13 -30.18
C ASP A 362 -8.39 31.75 -30.79
N ALA A 363 -7.34 31.85 -29.99
CA ALA A 363 -6.00 31.61 -30.45
C ALA A 363 -5.79 30.15 -30.77
N SER A 364 -6.66 29.57 -31.58
CA SER A 364 -6.58 28.14 -31.86
C SER A 364 -7.20 28.03 -33.25
N ASP A 365 -8.17 28.90 -33.50
CA ASP A 365 -8.87 28.99 -34.74
C ASP A 365 -8.07 29.84 -35.70
N THR A 366 -7.11 30.63 -35.17
CA THR A 366 -6.32 31.50 -36.04
C THR A 366 -5.26 30.65 -36.77
N GLN A 367 -5.24 29.35 -36.49
CA GLN A 367 -4.30 28.44 -37.14
C GLN A 367 -4.83 28.06 -38.50
N LEU A 368 -3.94 27.73 -39.43
CA LEU A 368 -4.43 27.45 -40.84
C LEU A 368 -5.03 26.05 -40.92
N TYR A 369 -4.27 25.08 -40.41
CA TYR A 369 -4.66 23.67 -40.33
C TYR A 369 -5.42 23.61 -39.00
N ILE A 370 -6.59 24.25 -38.99
CA ILE A 370 -7.47 24.40 -37.83
C ILE A 370 -7.97 23.08 -37.31
N ASP A 371 -8.05 22.94 -35.99
CA ASP A 371 -8.77 21.80 -35.32
C ASP A 371 -10.22 22.20 -35.10
N LEU A 372 -11.08 21.28 -35.51
CA LEU A 372 -12.53 21.59 -35.48
C LEU A 372 -13.16 21.42 -34.08
N LYS A 373 -12.46 20.62 -33.28
CA LYS A 373 -12.86 20.36 -31.90
C LYS A 373 -14.18 19.61 -31.81
N GLY A 374 -14.62 19.02 -32.93
CA GLY A 374 -15.89 18.31 -33.02
C GLY A 374 -17.06 19.26 -33.30
N ARG A 375 -16.73 20.50 -33.66
CA ARG A 375 -17.75 21.50 -33.97
C ARG A 375 -18.41 21.31 -35.33
N ASP A 376 -19.34 22.22 -35.65
CA ASP A 376 -20.01 22.22 -36.91
C ASP A 376 -19.07 22.90 -37.88
N PRO A 377 -18.79 22.29 -39.08
CA PRO A 377 -17.93 22.93 -40.10
C PRO A 377 -18.36 24.36 -40.48
N ASP A 378 -19.51 24.79 -40.01
CA ASP A 378 -20.00 26.13 -40.29
C ASP A 378 -19.68 27.06 -39.12
N ASP A 379 -19.88 26.56 -37.90
CA ASP A 379 -19.57 27.26 -36.64
C ASP A 379 -18.10 27.59 -36.72
N ALA A 380 -17.27 26.56 -36.85
CA ALA A 380 -15.82 26.70 -36.97
C ALA A 380 -15.48 27.32 -38.35
N PHE A 381 -15.64 28.64 -38.44
CA PHE A 381 -15.45 29.32 -39.72
C PHE A 381 -15.09 30.80 -39.46
N SER A 382 -13.99 31.24 -40.09
CA SER A 382 -13.54 32.59 -39.90
C SER A 382 -12.99 33.15 -41.19
N GLY A 383 -12.19 34.21 -41.09
CA GLY A 383 -11.59 34.79 -42.28
C GLY A 383 -10.16 34.27 -42.35
N VAL A 384 -9.73 33.73 -41.26
CA VAL A 384 -8.38 33.20 -41.19
C VAL A 384 -7.83 32.51 -42.45
N PRO A 385 -8.38 31.34 -42.86
CA PRO A 385 -7.83 30.57 -44.02
C PRO A 385 -7.73 31.37 -45.32
N TYR A 386 -8.66 32.31 -45.56
CA TYR A 386 -8.59 33.19 -46.71
C TYR A 386 -7.44 34.24 -46.81
N VAL A 387 -7.46 35.20 -45.87
CA VAL A 387 -6.48 36.23 -45.82
C VAL A 387 -5.14 35.74 -45.29
N LYS A 388 -5.12 34.95 -44.22
CA LYS A 388 -3.88 34.47 -43.70
C LYS A 388 -3.28 33.41 -44.63
N GLY A 389 -4.14 32.72 -45.37
CA GLY A 389 -3.69 31.72 -46.27
C GLY A 389 -3.21 32.42 -47.51
N GLN A 390 -3.76 33.62 -47.75
CA GLN A 390 -3.28 34.52 -48.84
C GLN A 390 -1.94 35.16 -48.57
N LEU A 391 -1.78 35.75 -47.35
CA LEU A 391 -0.57 36.39 -46.97
C LEU A 391 0.49 35.33 -46.99
N PHE A 392 0.11 34.12 -46.65
CA PHE A 392 1.03 33.02 -46.65
C PHE A 392 1.63 32.74 -48.00
N LEU A 393 0.78 32.69 -49.03
CA LEU A 393 1.20 32.45 -50.38
C LEU A 393 1.81 33.68 -50.98
N MET A 394 1.40 34.84 -50.51
CA MET A 394 2.04 36.10 -50.89
C MET A 394 3.44 36.18 -50.37
N TYR A 395 3.71 35.45 -49.28
CA TYR A 395 4.98 35.38 -48.63
C TYR A 395 5.88 34.56 -49.51
N LEU A 396 5.40 33.47 -50.03
CA LEU A 396 6.18 32.57 -50.87
C LEU A 396 6.40 33.27 -52.19
N GLU A 397 5.46 34.15 -52.54
CA GLU A 397 5.60 34.91 -53.82
C GLU A 397 6.84 35.80 -53.68
N GLU A 398 6.76 36.75 -52.70
CA GLU A 398 7.82 37.66 -52.46
C GLU A 398 9.12 36.93 -52.27
N LYS A 399 9.12 35.75 -51.69
CA LYS A 399 10.31 35.03 -51.41
C LYS A 399 11.00 34.44 -52.63
N PHE A 400 10.19 33.99 -53.61
CA PHE A 400 10.63 33.25 -54.83
C PHE A 400 10.43 34.02 -56.12
N GLY A 401 9.49 34.98 -56.10
CA GLY A 401 9.15 35.70 -57.32
C GLY A 401 7.98 35.05 -57.99
N ARG A 402 7.29 35.78 -58.89
CA ARG A 402 6.14 35.22 -59.60
C ARG A 402 6.57 34.18 -60.60
N GLU A 403 7.61 34.49 -61.36
CA GLU A 403 8.12 33.52 -62.33
C GLU A 403 8.12 32.12 -61.72
N ARG A 404 8.88 31.97 -60.67
CA ARG A 404 9.07 30.73 -59.96
C ARG A 404 7.85 30.33 -59.14
N PHE A 405 7.30 31.25 -58.38
CA PHE A 405 6.11 30.90 -57.63
C PHE A 405 4.97 30.48 -58.50
N ASP A 406 4.61 31.31 -59.49
CA ASP A 406 3.48 31.09 -60.43
C ASP A 406 3.63 29.86 -61.30
N ALA A 407 4.86 29.44 -61.69
CA ALA A 407 5.11 28.24 -62.46
C ALA A 407 4.71 27.07 -61.56
N PHE A 408 5.15 27.14 -60.30
CA PHE A 408 4.89 26.14 -59.25
C PHE A 408 3.37 26.05 -59.08
N VAL A 409 2.74 27.17 -58.69
CA VAL A 409 1.31 27.17 -58.53
C VAL A 409 0.59 26.66 -59.73
N LEU A 410 1.00 26.96 -60.94
CA LEU A 410 0.37 26.34 -62.10
C LEU A 410 0.54 24.84 -62.07
N GLU A 411 1.75 24.31 -61.82
CA GLU A 411 1.93 22.85 -61.79
C GLU A 411 1.08 22.25 -60.66
N TYR A 412 0.99 22.96 -59.54
CA TYR A 412 0.24 22.50 -58.40
C TYR A 412 -1.19 22.21 -58.81
N PHE A 413 -1.85 23.13 -59.51
CA PHE A 413 -3.18 22.87 -60.05
C PHE A 413 -3.27 21.84 -61.15
N ASP A 414 -2.32 21.83 -62.08
CA ASP A 414 -2.33 20.78 -63.09
C ASP A 414 -2.16 19.41 -62.50
N SER A 415 -1.26 19.26 -61.57
CA SER A 415 -0.92 17.97 -60.96
C SER A 415 -1.99 17.38 -60.04
N HIS A 416 -2.92 18.21 -59.53
CA HIS A 416 -3.97 17.75 -58.64
C HIS A 416 -5.27 17.91 -59.26
N ALA A 417 -5.32 17.93 -60.59
CA ALA A 417 -6.56 18.07 -61.35
C ALA A 417 -7.62 17.07 -60.96
N PHE A 418 -8.75 17.62 -60.42
CA PHE A 418 -9.89 16.80 -59.98
C PHE A 418 -9.49 15.81 -58.84
N GLN A 419 -8.59 16.26 -57.96
CA GLN A 419 -8.13 15.47 -56.82
C GLN A 419 -8.45 16.10 -55.50
N SER A 420 -8.07 15.40 -54.45
CA SER A 420 -8.30 15.81 -53.06
C SER A 420 -6.91 16.00 -52.45
N LEU A 421 -6.76 16.84 -51.46
CA LEU A 421 -5.44 17.03 -50.84
C LEU A 421 -5.60 17.47 -49.38
N GLY A 422 -4.66 16.96 -48.57
CA GLY A 422 -4.60 17.26 -47.14
C GLY A 422 -3.43 18.10 -46.83
N THR A 423 -3.49 18.81 -45.73
CA THR A 423 -2.42 19.73 -45.33
C THR A 423 -1.04 19.03 -45.37
N ASP A 424 -0.89 17.89 -44.71
CA ASP A 424 0.39 17.22 -44.68
C ASP A 424 0.99 16.99 -46.03
N ASN A 425 0.16 16.70 -47.02
CA ASN A 425 0.65 16.39 -48.36
C ASN A 425 0.95 17.60 -49.14
N PHE A 426 0.16 18.66 -48.91
CA PHE A 426 0.44 19.95 -49.53
C PHE A 426 1.85 20.33 -49.24
N VAL A 427 2.22 20.20 -47.96
CA VAL A 427 3.57 20.47 -47.50
C VAL A 427 4.64 19.67 -48.25
N LYS A 428 4.50 18.36 -48.29
CA LYS A 428 5.39 17.48 -48.97
C LYS A 428 5.63 18.08 -50.37
N TYR A 429 4.56 18.44 -51.10
CA TYR A 429 4.59 18.99 -52.46
C TYR A 429 5.18 20.43 -52.54
N LEU A 430 4.91 21.22 -51.50
CA LEU A 430 5.31 22.62 -51.41
C LEU A 430 6.80 22.64 -51.21
N LYS A 431 7.30 21.57 -50.59
CA LYS A 431 8.73 21.43 -50.38
C LYS A 431 9.39 20.86 -51.62
N ALA A 432 8.88 19.76 -52.11
CA ALA A 432 9.48 19.04 -53.24
C ALA A 432 9.43 19.86 -54.48
N ASN A 433 8.55 20.86 -54.52
CA ASN A 433 8.37 21.68 -55.76
C ASN A 433 8.62 23.20 -55.69
N LEU A 434 9.05 23.60 -54.49
CA LEU A 434 9.36 25.00 -54.25
C LEU A 434 10.50 25.15 -53.26
N THR A 435 10.15 24.98 -52.00
CA THR A 435 10.99 25.22 -50.85
C THR A 435 12.21 24.36 -50.90
N ASP A 436 12.17 23.28 -51.68
CA ASP A 436 13.32 22.37 -51.75
C ASP A 436 13.83 22.44 -53.19
N LYS A 437 13.00 22.94 -54.10
CA LYS A 437 13.41 22.95 -55.48
C LYS A 437 14.43 24.05 -55.57
N TYR A 438 14.08 25.16 -54.95
CA TYR A 438 14.91 26.37 -54.82
C TYR A 438 15.17 26.55 -53.32
N PRO A 439 16.19 25.80 -52.81
CA PRO A 439 16.57 25.63 -51.43
C PRO A 439 17.20 26.86 -50.79
N ASN A 440 17.11 26.94 -49.48
CA ASN A 440 17.66 28.03 -48.72
C ASN A 440 16.98 29.40 -48.83
N ILE A 441 15.72 29.44 -49.27
CA ILE A 441 15.04 30.72 -49.37
C ILE A 441 14.05 30.71 -48.23
N VAL A 442 13.20 29.67 -48.17
CA VAL A 442 12.28 29.46 -47.07
C VAL A 442 12.57 28.16 -46.31
N SER A 443 12.53 28.24 -44.98
CA SER A 443 12.85 27.11 -44.13
C SER A 443 11.57 26.46 -43.60
N ASP A 444 11.65 25.13 -43.41
CA ASP A 444 10.50 24.40 -42.96
C ASP A 444 9.92 24.94 -41.66
N ASN A 445 10.54 25.96 -41.09
CA ASN A 445 10.13 26.55 -39.81
C ASN A 445 9.15 27.64 -40.12
N GLU A 446 9.30 28.23 -41.28
CA GLU A 446 8.48 29.33 -41.69
C GLU A 446 7.23 28.72 -42.29
N ILE A 447 7.44 27.51 -42.86
CA ILE A 447 6.31 26.74 -43.45
C ILE A 447 5.40 26.25 -42.32
N ASN A 448 6.01 25.52 -41.34
CA ASN A 448 5.25 24.99 -40.20
C ASN A 448 4.60 26.09 -39.37
N GLU A 449 5.30 27.21 -39.30
CA GLU A 449 4.87 28.32 -38.49
C GLU A 449 3.63 28.93 -39.13
N TRP A 450 3.71 29.15 -40.45
CA TRP A 450 2.61 29.61 -41.29
C TRP A 450 1.28 28.89 -41.19
N ILE A 451 1.33 27.56 -41.34
CA ILE A 451 0.12 26.72 -41.27
C ILE A 451 -0.41 26.11 -39.99
N PHE A 452 0.44 26.01 -38.98
CA PHE A 452 0.10 25.38 -37.71
C PHE A 452 -0.06 26.27 -36.49
N LYS A 453 0.56 27.47 -36.49
CA LYS A 453 0.53 28.34 -35.33
C LYS A 453 -0.51 29.42 -35.41
N ALA A 454 -0.99 29.88 -34.24
CA ALA A 454 -1.99 30.94 -34.17
C ALA A 454 -1.34 32.27 -34.48
N GLY A 455 -2.21 33.28 -34.65
CA GLY A 455 -1.88 34.67 -35.15
C GLY A 455 -0.93 34.65 -36.35
N LEU A 456 -0.38 35.83 -36.69
CA LEU A 456 0.46 36.00 -37.87
C LEU A 456 1.95 36.00 -37.48
N PRO A 457 2.86 35.53 -38.39
CA PRO A 457 4.30 35.41 -38.18
C PRO A 457 5.09 36.71 -38.03
N SER A 458 4.42 37.86 -38.07
CA SER A 458 5.19 39.10 -37.88
C SER A 458 5.97 39.43 -39.15
N TYR A 459 6.60 38.41 -39.74
CA TYR A 459 7.23 38.60 -41.02
C TYR A 459 6.24 38.37 -42.14
N ALA A 460 4.96 38.32 -41.78
CA ALA A 460 3.87 38.08 -42.68
C ALA A 460 3.65 39.34 -43.45
N PRO A 461 3.62 39.26 -44.80
CA PRO A 461 3.38 40.40 -45.65
C PRO A 461 2.32 41.28 -45.07
N GLN A 462 2.50 42.58 -45.18
CA GLN A 462 1.48 43.45 -44.63
C GLN A 462 1.17 44.53 -45.64
N PRO A 463 0.45 44.17 -46.72
CA PRO A 463 0.14 45.01 -47.85
C PRO A 463 -0.36 46.36 -47.33
N THR A 464 0.06 47.39 -48.06
CA THR A 464 0.05 48.81 -47.63
C THR A 464 -0.32 49.39 -48.96
N SER A 465 -1.21 50.37 -48.94
CA SER A 465 -1.66 50.99 -50.15
C SER A 465 -1.34 52.48 -50.03
N ASN A 466 -0.55 53.03 -50.89
CA ASN A 466 -0.52 54.46 -50.80
C ASN A 466 -1.79 55.24 -50.61
N ALA A 467 -2.74 55.15 -51.53
CA ALA A 467 -3.98 55.98 -51.52
C ALA A 467 -4.70 55.94 -50.23
N PHE A 468 -4.58 54.76 -49.59
CA PHE A 468 -5.21 54.49 -48.32
C PHE A 468 -4.60 55.44 -47.32
N LYS A 469 -3.32 55.71 -47.54
CA LYS A 469 -2.45 56.06 -46.52
C LYS A 469 -2.23 57.52 -46.65
N VAL A 470 -2.33 58.06 -47.81
CA VAL A 470 -2.74 59.46 -47.82
C VAL A 470 -3.95 59.84 -47.02
N ILE A 471 -4.83 58.90 -46.81
CA ILE A 471 -6.07 59.08 -46.12
C ILE A 471 -5.89 59.02 -44.64
N ASP A 472 -5.22 58.01 -44.18
CA ASP A 472 -4.68 57.98 -42.88
C ASP A 472 -4.19 59.30 -42.26
N LYS A 473 -3.62 60.15 -43.09
CA LYS A 473 -2.98 61.42 -42.77
C LYS A 473 -4.04 62.48 -42.73
N GLN A 474 -4.84 62.53 -43.78
CA GLN A 474 -6.14 63.17 -43.74
C GLN A 474 -7.19 62.89 -42.67
N ILE A 475 -7.44 61.67 -42.28
CA ILE A 475 -8.41 61.37 -41.20
C ILE A 475 -8.04 62.27 -39.99
N ASN A 476 -6.84 62.81 -40.05
CA ASN A 476 -6.42 63.72 -39.03
C ASN A 476 -6.87 65.15 -39.34
N GLN A 477 -8.13 65.36 -39.00
CA GLN A 477 -8.74 66.64 -38.92
C GLN A 477 -9.09 66.69 -37.48
N LEU A 478 -8.04 66.53 -36.71
CA LEU A 478 -7.98 66.72 -35.28
C LEU A 478 -9.26 66.44 -34.49
N VAL A 479 -9.83 67.37 -33.73
CA VAL A 479 -10.96 66.98 -32.88
C VAL A 479 -12.27 66.85 -33.66
N THR A 480 -12.52 67.79 -34.58
CA THR A 480 -13.46 67.62 -35.71
C THR A 480 -13.79 68.88 -36.45
N ASP A 481 -13.20 68.99 -37.62
CA ASP A 481 -13.06 70.22 -38.35
C ASP A 481 -12.12 71.08 -37.52
N GLU A 482 -11.16 70.38 -36.96
CA GLU A 482 -10.33 70.83 -35.88
C GLU A 482 -8.93 70.65 -36.46
N LEU A 483 -8.90 70.69 -37.76
CA LEU A 483 -7.83 71.32 -38.45
C LEU A 483 -8.47 71.80 -39.71
N THR A 484 -8.81 70.78 -40.54
CA THR A 484 -9.29 70.87 -41.94
C THR A 484 -10.79 70.57 -42.05
N LEU A 485 -11.49 71.41 -42.79
CA LEU A 485 -12.80 71.08 -43.34
C LEU A 485 -12.78 69.71 -43.98
N GLU A 486 -13.70 69.51 -44.90
CA GLU A 486 -14.12 68.19 -45.25
C GLU A 486 -13.89 68.20 -46.72
N GLN A 487 -13.65 69.40 -47.27
CA GLN A 487 -12.85 69.56 -48.49
C GLN A 487 -11.58 68.74 -48.47
N LEU A 488 -11.79 67.43 -48.40
CA LEU A 488 -10.91 66.39 -48.89
C LEU A 488 -11.28 65.90 -50.28
N PRO A 489 -10.51 64.94 -50.81
CA PRO A 489 -10.71 64.34 -52.15
C PRO A 489 -11.89 63.32 -52.23
N THR A 490 -12.88 63.46 -51.37
CA THR A 490 -14.00 62.55 -51.34
C THR A 490 -14.58 62.36 -52.73
N ALA A 491 -14.75 63.44 -53.49
CA ALA A 491 -15.35 63.33 -54.81
C ALA A 491 -14.48 62.48 -55.71
N GLN A 492 -13.43 61.93 -55.16
CA GLN A 492 -12.55 61.06 -55.93
C GLN A 492 -12.36 59.70 -55.26
N TRP A 493 -12.93 59.59 -54.07
CA TRP A 493 -12.83 58.38 -53.29
C TRP A 493 -13.60 57.22 -53.89
N THR A 494 -12.85 56.17 -54.16
CA THR A 494 -13.43 54.92 -54.57
C THR A 494 -14.06 54.21 -53.37
N LEU A 495 -14.91 53.22 -53.64
CA LEU A 495 -15.48 52.35 -52.63
C LEU A 495 -14.38 51.86 -51.73
N HIS A 496 -13.30 51.37 -52.27
CA HIS A 496 -12.20 51.02 -51.39
C HIS A 496 -11.67 52.16 -50.52
N GLU A 497 -11.66 53.37 -51.04
CA GLU A 497 -11.06 54.47 -50.32
C GLU A 497 -12.00 55.07 -49.30
N TRP A 498 -13.13 54.44 -49.10
CA TRP A 498 -14.22 55.04 -48.38
C TRP A 498 -14.40 54.15 -47.19
N LEU A 499 -13.85 52.98 -47.30
CA LEU A 499 -14.07 51.96 -46.31
C LEU A 499 -12.87 52.06 -45.41
N HIS A 500 -11.86 52.68 -45.97
CA HIS A 500 -10.68 52.94 -45.25
C HIS A 500 -10.82 54.16 -44.42
N PHE A 501 -11.47 55.15 -44.96
CA PHE A 501 -11.82 56.29 -44.18
C PHE A 501 -12.67 55.89 -43.01
N ILE A 502 -13.87 55.40 -43.29
CA ILE A 502 -14.79 54.98 -42.25
C ILE A 502 -14.16 53.94 -41.34
N ASN A 503 -13.34 53.09 -41.91
CA ASN A 503 -12.60 52.08 -41.16
C ASN A 503 -11.51 52.50 -40.15
N ASN A 504 -10.75 53.52 -40.39
CA ASN A 504 -9.77 53.84 -39.41
C ASN A 504 -10.01 55.17 -38.87
N LEU A 505 -11.17 55.69 -39.14
CA LEU A 505 -11.69 56.84 -38.49
C LEU A 505 -11.83 56.47 -37.04
N PRO A 506 -11.68 57.44 -36.16
CA PRO A 506 -11.57 57.14 -34.76
C PRO A 506 -12.93 57.01 -34.15
N VAL A 507 -13.02 56.11 -33.22
CA VAL A 507 -14.26 55.67 -32.70
C VAL A 507 -14.82 56.63 -31.64
N ASP A 508 -14.13 57.73 -31.48
CA ASP A 508 -14.42 58.81 -30.55
C ASP A 508 -14.92 60.07 -31.23
N LEU A 509 -15.87 59.91 -32.15
CA LEU A 509 -16.48 61.01 -32.85
C LEU A 509 -17.89 61.14 -32.27
N ASP A 510 -18.44 60.00 -31.87
CA ASP A 510 -19.76 59.91 -31.27
C ASP A 510 -20.79 60.77 -32.02
N HIS A 511 -21.12 61.92 -31.47
CA HIS A 511 -22.06 62.78 -32.13
C HIS A 511 -21.23 63.85 -32.75
N GLN A 512 -19.94 63.79 -32.48
CA GLN A 512 -19.18 64.99 -32.22
C GLN A 512 -19.20 65.88 -33.43
N MET A 514 -19.86 63.81 -36.00
CA MET A 514 -20.21 62.60 -36.73
C MET A 514 -21.17 62.87 -37.84
N VAL A 515 -21.48 64.14 -38.05
CA VAL A 515 -22.81 64.51 -38.48
C VAL A 515 -22.66 65.32 -39.76
N ASN A 516 -21.71 66.23 -39.74
CA ASN A 516 -21.00 66.64 -40.94
C ASN A 516 -20.78 65.47 -41.87
N LEU A 517 -20.30 64.37 -41.32
CA LEU A 517 -20.07 63.18 -42.12
C LEU A 517 -21.33 62.70 -42.80
N ASP A 518 -22.29 62.27 -42.00
CA ASP A 518 -23.55 61.77 -42.55
C ASP A 518 -24.26 62.88 -43.34
N LYS A 519 -24.44 64.06 -42.80
CA LYS A 519 -25.18 64.99 -43.62
C LYS A 519 -24.50 65.42 -44.94
N ALA A 520 -23.21 65.54 -44.93
CA ALA A 520 -22.48 65.84 -46.16
C ALA A 520 -22.53 64.75 -47.22
N PHE A 521 -21.97 63.59 -46.87
CA PHE A 521 -21.94 62.38 -47.72
C PHE A 521 -23.13 61.40 -47.58
N ASP A 522 -23.93 61.57 -46.53
CA ASP A 522 -25.05 60.68 -46.25
C ASP A 522 -24.60 59.21 -46.40
N LEU A 523 -23.87 58.72 -45.41
CA LEU A 523 -23.42 57.34 -45.41
C LEU A 523 -24.51 56.44 -44.84
N THR A 524 -25.50 57.05 -44.20
CA THR A 524 -26.65 56.33 -43.69
C THR A 524 -27.47 55.68 -44.83
N ASN A 525 -27.93 56.49 -45.77
CA ASN A 525 -28.71 55.98 -46.87
C ASN A 525 -27.81 55.55 -48.02
N SER A 526 -26.55 55.31 -47.72
CA SER A 526 -25.59 54.91 -48.74
C SER A 526 -26.09 53.74 -49.56
N SER A 527 -25.98 53.91 -50.87
CA SER A 527 -26.35 52.90 -51.81
C SER A 527 -25.50 51.63 -51.60
N ASN A 528 -24.21 51.67 -51.93
CA ASN A 528 -23.37 50.50 -51.78
C ASN A 528 -23.56 49.90 -50.42
N ALA A 529 -23.84 48.61 -50.33
CA ALA A 529 -24.09 47.97 -49.02
C ALA A 529 -22.89 47.89 -48.07
N GLU A 530 -21.70 47.64 -48.64
CA GLU A 530 -20.49 47.59 -47.84
C GLU A 530 -20.36 48.90 -47.04
N ILE A 531 -20.59 50.04 -47.73
CA ILE A 531 -20.54 51.38 -47.15
C ILE A 531 -21.54 51.41 -46.02
N ALA A 532 -22.82 51.17 -46.31
CA ALA A 532 -23.83 51.17 -45.27
C ALA A 532 -23.38 50.35 -44.08
N HIS A 533 -22.66 49.25 -44.33
CA HIS A 533 -22.24 48.37 -43.25
C HIS A 533 -21.23 49.00 -42.30
N ALA A 534 -20.07 49.30 -42.87
CA ALA A 534 -18.98 49.95 -42.16
C ALA A 534 -19.45 51.23 -41.44
N TRP A 535 -20.43 51.93 -42.00
CA TRP A 535 -21.03 53.11 -41.40
C TRP A 535 -21.80 52.74 -40.12
N TYR A 536 -22.77 51.83 -40.18
CA TYR A 536 -23.51 51.45 -39.00
C TYR A 536 -22.59 50.86 -37.93
N LEU A 537 -21.58 50.11 -38.38
CA LEU A 537 -20.58 49.52 -37.47
C LEU A 537 -19.88 50.59 -36.64
N LEU A 538 -19.42 51.61 -37.33
CA LEU A 538 -18.75 52.70 -36.68
C LEU A 538 -19.76 53.50 -35.88
N SER A 539 -20.89 53.86 -36.46
CA SER A 539 -21.92 54.58 -35.76
C SER A 539 -22.18 53.95 -34.41
N VAL A 540 -22.76 52.75 -34.38
CA VAL A 540 -23.09 52.08 -33.11
C VAL A 540 -21.92 52.04 -32.11
N ARG A 541 -20.71 51.87 -32.64
CA ARG A 541 -19.49 51.89 -31.81
C ARG A 541 -19.32 53.21 -31.09
N ALA A 542 -19.15 54.29 -31.83
CA ALA A 542 -19.09 55.62 -31.26
C ALA A 542 -20.41 56.09 -30.69
N ASP A 543 -21.54 55.34 -30.72
CA ASP A 543 -22.86 55.80 -30.31
C ASP A 543 -23.35 56.94 -31.16
N TYR A 544 -23.33 56.74 -32.48
CA TYR A 544 -23.93 57.68 -33.43
C TYR A 544 -25.39 57.32 -33.68
N LYS A 545 -26.24 57.58 -32.71
CA LYS A 545 -27.32 56.68 -32.41
C LYS A 545 -28.33 56.95 -33.47
N GLU A 546 -27.91 57.73 -34.45
CA GLU A 546 -28.80 58.37 -35.40
C GLU A 546 -29.13 57.43 -36.53
N VAL A 547 -28.27 56.51 -36.79
CA VAL A 547 -28.40 55.63 -37.92
C VAL A 547 -29.01 54.31 -37.52
N TYR A 548 -29.77 54.27 -36.41
CA TYR A 548 -30.54 53.09 -35.99
C TYR A 548 -31.76 52.70 -36.81
N PRO A 549 -32.60 53.65 -37.22
CA PRO A 549 -33.70 53.28 -38.12
C PRO A 549 -33.26 52.70 -39.48
N ALA A 550 -32.37 53.40 -40.19
CA ALA A 550 -31.85 52.98 -41.48
C ALA A 550 -31.19 51.62 -41.36
N MET A 551 -30.57 51.39 -40.20
CA MET A 551 -29.87 50.15 -39.88
C MET A 551 -30.87 49.05 -39.66
N ALA A 552 -32.02 49.44 -39.13
CA ALA A 552 -33.13 48.51 -38.91
C ALA A 552 -33.62 47.92 -40.25
N LYS A 553 -34.12 48.76 -41.16
CA LYS A 553 -34.53 48.26 -42.45
C LYS A 553 -33.39 47.41 -43.08
N TYR A 554 -32.15 47.85 -42.92
CA TYR A 554 -30.97 47.17 -43.47
C TYR A 554 -30.82 45.78 -42.92
N LEU A 555 -30.96 45.66 -41.61
CA LEU A 555 -30.88 44.38 -40.94
C LEU A 555 -32.03 43.48 -41.29
N LYS A 556 -33.22 44.07 -41.42
CA LYS A 556 -34.46 43.33 -41.77
C LYS A 556 -34.47 42.90 -43.27
N SER A 557 -33.92 43.77 -44.13
CA SER A 557 -33.84 43.54 -45.56
C SER A 557 -32.88 42.46 -45.98
N ILE A 558 -31.58 42.72 -45.82
CA ILE A 558 -30.57 41.73 -46.19
C ILE A 558 -30.21 40.69 -45.12
N GLY A 559 -29.88 39.49 -45.58
CA GLY A 559 -29.63 38.38 -44.71
C GLY A 559 -28.29 37.74 -44.95
N ARG A 560 -27.44 38.44 -45.72
CA ARG A 560 -26.05 38.03 -45.99
C ARG A 560 -25.44 38.11 -44.58
N ARG A 561 -24.68 37.11 -44.13
CA ARG A 561 -24.12 37.05 -42.75
C ARG A 561 -23.04 38.12 -42.63
N LYS A 562 -21.99 37.98 -43.39
CA LYS A 562 -20.98 39.01 -43.50
C LYS A 562 -21.46 40.33 -44.02
N LEU A 563 -22.54 40.77 -43.44
CA LEU A 563 -23.02 42.13 -43.52
C LEU A 563 -24.10 42.49 -42.47
N ILE A 564 -24.41 41.54 -41.60
CA ILE A 564 -25.37 41.76 -40.53
C ILE A 564 -24.82 41.08 -39.27
N VAL A 565 -24.10 39.99 -39.44
CA VAL A 565 -23.54 39.24 -38.31
C VAL A 565 -22.73 40.21 -37.41
N PRO A 566 -21.60 40.75 -37.93
CA PRO A 566 -20.79 41.64 -37.10
C PRO A 566 -21.60 42.82 -36.57
N LEU A 567 -22.65 43.23 -37.27
CA LEU A 567 -23.51 44.30 -36.81
C LEU A 567 -24.28 43.86 -35.56
N TYR A 568 -24.84 42.65 -35.58
CA TYR A 568 -25.56 42.11 -34.45
C TYR A 568 -24.62 41.85 -33.26
N LYS A 569 -23.33 41.67 -33.54
CA LYS A 569 -22.33 41.42 -32.50
C LYS A 569 -22.07 42.67 -31.73
N GLU A 570 -21.57 43.71 -32.39
CA GLU A 570 -21.35 44.98 -31.72
C GLU A 570 -22.62 45.49 -31.05
N LEU A 571 -23.76 45.31 -31.72
CA LEU A 571 -25.06 45.75 -31.22
C LEU A 571 -25.39 45.03 -29.90
N ALA A 572 -25.16 43.74 -29.89
CA ALA A 572 -25.42 42.90 -28.73
C ALA A 572 -24.18 42.84 -27.86
N LYS A 573 -23.80 43.99 -27.30
CA LYS A 573 -22.69 44.04 -26.36
C LYS A 573 -22.86 45.19 -25.37
N ASN A 574 -24.09 45.67 -25.22
CA ASN A 574 -24.41 46.81 -24.39
C ASN A 574 -25.83 46.33 -24.21
N ALA A 575 -26.09 45.67 -23.10
CA ALA A 575 -27.40 45.16 -22.80
C ALA A 575 -28.62 45.97 -23.26
N GLU A 576 -28.46 47.31 -23.31
CA GLU A 576 -29.55 48.21 -23.67
C GLU A 576 -29.64 48.16 -25.16
N SER A 577 -28.47 48.11 -25.79
CA SER A 577 -28.33 47.99 -27.24
C SER A 577 -28.63 46.56 -27.74
N LYS A 578 -28.02 45.57 -27.11
CA LYS A 578 -28.31 44.16 -27.36
C LYS A 578 -29.79 43.83 -27.32
N ALA A 579 -30.60 44.65 -26.67
CA ALA A 579 -32.05 44.44 -26.64
C ALA A 579 -32.69 44.96 -27.92
N TRP A 580 -32.17 46.07 -28.45
CA TRP A 580 -32.67 46.64 -29.70
C TRP A 580 -32.51 45.61 -30.80
N ALA A 581 -31.46 44.79 -30.68
CA ALA A 581 -31.18 43.70 -31.60
C ALA A 581 -32.33 42.69 -31.62
N VAL A 582 -32.54 41.98 -30.50
CA VAL A 582 -33.64 41.02 -30.36
C VAL A 582 -34.95 41.57 -30.91
N GLU A 583 -35.23 42.86 -30.69
CA GLU A 583 -36.47 43.46 -31.21
C GLU A 583 -36.56 43.50 -32.74
N VAL A 584 -35.42 43.72 -33.37
CA VAL A 584 -35.37 43.69 -34.82
C VAL A 584 -35.13 42.28 -35.35
N TYR A 585 -34.25 41.53 -34.70
CA TYR A 585 -33.96 40.17 -35.10
C TYR A 585 -35.20 39.32 -34.97
N LYS A 586 -36.25 39.88 -34.43
CA LYS A 586 -37.52 39.17 -34.33
C LYS A 586 -38.41 39.47 -35.53
N GLN A 587 -38.00 40.48 -36.29
CA GLN A 587 -38.64 40.92 -37.51
C GLN A 587 -37.91 40.35 -38.71
N ALA A 588 -36.59 40.37 -38.65
CA ALA A 588 -35.75 39.91 -39.74
C ALA A 588 -35.50 38.41 -39.67
N ARG A 589 -35.78 37.82 -38.52
CA ARG A 589 -35.53 36.38 -38.27
C ARG A 589 -36.15 35.53 -39.38
N PRO A 590 -37.48 35.66 -39.60
CA PRO A 590 -38.12 34.93 -40.67
C PRO A 590 -37.70 35.54 -42.03
N GLY A 591 -37.18 34.71 -42.90
CA GLY A 591 -36.68 35.27 -44.15
C GLY A 591 -35.20 34.98 -44.30
N TYR A 592 -34.47 35.08 -43.20
CA TYR A 592 -33.04 34.74 -43.18
C TYR A 592 -32.87 33.28 -43.57
N HIS A 593 -31.70 32.93 -44.07
CA HIS A 593 -31.45 31.55 -44.43
C HIS A 593 -31.13 30.88 -43.11
N GLY A 594 -31.41 29.60 -42.99
CA GLY A 594 -31.08 28.91 -41.76
C GLY A 594 -29.65 29.14 -41.39
N LEU A 595 -28.73 29.08 -42.37
CA LEU A 595 -27.28 29.24 -42.13
C LEU A 595 -26.96 30.57 -41.44
N ALA A 596 -27.86 31.54 -41.54
CA ALA A 596 -27.68 32.85 -40.96
C ALA A 596 -28.34 32.91 -39.62
N GLN A 597 -29.67 32.75 -39.56
CA GLN A 597 -30.39 32.61 -38.29
C GLN A 597 -29.51 31.89 -37.26
N GLY A 598 -28.95 30.75 -37.66
CA GLY A 598 -28.11 29.95 -36.79
C GLY A 598 -27.07 30.78 -36.10
N THR A 599 -26.30 31.51 -36.91
CA THR A 599 -25.20 32.38 -36.42
C THR A 599 -25.69 33.51 -35.55
N VAL A 600 -26.67 34.29 -36.03
CA VAL A 600 -27.25 35.39 -35.27
C VAL A 600 -27.95 34.90 -34.03
N ASP A 601 -28.45 33.66 -34.05
CA ASP A 601 -29.11 33.05 -32.89
C ASP A 601 -28.16 32.86 -31.72
N GLY A 602 -26.86 32.80 -32.03
CA GLY A 602 -25.83 32.59 -31.01
C GLY A 602 -25.23 33.86 -30.47
N VAL A 603 -24.93 34.81 -31.38
CA VAL A 603 -24.41 36.14 -31.01
C VAL A 603 -25.47 37.04 -30.33
N LEU A 604 -26.70 36.55 -30.20
CA LEU A 604 -27.75 37.32 -29.58
C LEU A 604 -28.17 36.61 -28.31
N LYS A 605 -27.19 35.96 -27.66
CA LYS A 605 -27.36 35.20 -26.39
C LYS A 605 -28.47 34.18 -26.51
N LEU B 14 -6.83 -17.59 23.62
CA LEU B 14 -5.66 -17.96 22.83
C LEU B 14 -4.50 -18.39 23.72
N THR B 15 -4.79 -19.23 24.71
CA THR B 15 -3.82 -19.57 25.75
C THR B 15 -2.79 -20.57 25.23
N ASP B 16 -2.92 -20.95 23.95
CA ASP B 16 -2.02 -21.92 23.35
C ASP B 16 -1.10 -21.26 22.33
N ALA B 17 0.20 -21.28 22.60
CA ALA B 17 1.20 -21.25 21.55
C ALA B 17 1.26 -22.57 20.80
N TYR B 18 2.29 -22.75 19.98
CA TYR B 18 2.50 -23.99 19.26
C TYR B 18 1.47 -24.11 18.13
N THR B 19 0.51 -23.19 18.07
CA THR B 19 -0.51 -23.24 17.10
C THR B 19 -0.42 -21.89 16.41
N TYR B 20 -0.28 -21.86 15.09
CA TYR B 20 -0.26 -20.62 14.37
C TYR B 20 -1.74 -20.38 14.12
N ALA B 21 -2.57 -21.40 14.35
CA ALA B 21 -4.00 -21.35 14.13
C ALA B 21 -4.63 -20.21 14.90
N ASN B 22 -5.26 -19.29 14.22
CA ASN B 22 -5.92 -18.17 14.87
C ASN B 22 -7.26 -18.55 15.41
N TYR B 23 -7.26 -19.46 16.34
CA TYR B 23 -8.47 -20.00 16.78
C TYR B 23 -9.29 -19.01 17.49
N ASP B 24 -8.77 -17.83 17.42
CA ASP B 24 -9.31 -16.66 17.94
C ASP B 24 -10.59 -16.24 17.19
N GLN B 25 -10.57 -16.35 15.85
CA GLN B 25 -11.67 -15.85 15.02
C GLN B 25 -12.30 -16.91 14.12
N VAL B 26 -11.54 -17.97 13.89
CA VAL B 26 -12.03 -19.08 13.12
C VAL B 26 -11.86 -20.43 13.86
N LYS B 27 -12.91 -21.29 13.84
CA LYS B 27 -12.77 -22.63 14.41
C LYS B 27 -13.42 -23.74 13.54
N ALA B 28 -12.61 -24.72 13.12
CA ALA B 28 -13.07 -25.88 12.32
C ALA B 28 -13.95 -26.77 13.18
N THR B 29 -15.10 -27.20 12.66
CA THR B 29 -15.98 -28.09 13.40
C THR B 29 -16.06 -29.53 12.92
N HIS B 30 -15.49 -29.79 11.75
CA HIS B 30 -15.40 -31.11 11.13
C HIS B 30 -14.17 -31.23 10.21
N VAL B 31 -13.76 -32.43 9.86
CA VAL B 31 -12.63 -32.64 8.90
C VAL B 31 -12.90 -33.85 8.05
N TYR B 32 -13.10 -33.62 6.73
CA TYR B 32 -13.25 -34.69 5.85
C TYR B 32 -11.88 -34.97 5.24
N LEU B 33 -11.38 -36.16 5.47
CA LEU B 33 -10.10 -36.58 4.84
C LEU B 33 -10.31 -37.53 3.70
N ASP B 34 -9.79 -37.23 2.52
CA ASP B 34 -9.70 -38.16 1.44
C ASP B 34 -8.25 -38.63 1.16
N LEU B 35 -7.73 -39.60 1.87
CA LEU B 35 -6.30 -39.92 1.68
C LEU B 35 -6.02 -41.31 1.13
N ASN B 36 -4.88 -41.44 0.45
CA ASN B 36 -4.42 -42.70 -0.13
C ASN B 36 -3.12 -43.14 0.60
N VAL B 37 -3.06 -44.37 1.07
CA VAL B 37 -1.90 -44.78 1.78
C VAL B 37 -0.82 -45.40 0.84
N ASP B 38 0.16 -44.61 0.41
CA ASP B 38 1.22 -45.11 -0.47
C ASP B 38 2.48 -45.52 0.30
N PHE B 39 2.68 -46.81 0.49
CA PHE B 39 3.84 -47.32 1.21
C PHE B 39 5.20 -47.25 0.50
N ASP B 40 5.19 -46.99 -0.79
CA ASP B 40 6.44 -46.84 -1.59
C ASP B 40 7.00 -45.41 -1.47
N LYS B 41 6.14 -44.43 -1.44
CA LYS B 41 6.56 -43.09 -1.25
C LYS B 41 6.40 -42.69 0.17
N LYS B 42 5.85 -43.61 0.99
CA LYS B 42 5.57 -43.38 2.41
C LYS B 42 4.86 -42.05 2.52
N SER B 43 3.76 -41.87 1.79
CA SER B 43 2.95 -40.68 1.98
C SER B 43 1.45 -40.88 1.83
N LEU B 44 0.69 -40.09 2.56
CA LEU B 44 -0.77 -40.11 2.49
C LEU B 44 -1.04 -38.90 1.67
N SER B 45 -1.81 -39.06 0.59
CA SER B 45 -2.13 -37.96 -0.34
C SER B 45 -3.60 -37.95 -0.80
N GLY B 46 -4.24 -36.78 -0.68
CA GLY B 46 -5.61 -36.62 -1.05
C GLY B 46 -6.01 -35.21 -0.66
N PHE B 47 -6.85 -35.10 0.36
CA PHE B 47 -7.27 -33.79 0.72
C PHE B 47 -8.00 -33.69 2.03
N ALA B 48 -7.88 -32.56 2.64
CA ALA B 48 -8.53 -32.34 3.86
C ALA B 48 -9.60 -31.32 3.69
N GLU B 49 -10.79 -31.59 4.11
CA GLU B 49 -11.84 -30.57 3.90
C GLU B 49 -12.41 -30.05 5.21
N LEU B 50 -11.95 -28.88 5.65
CA LEU B 50 -12.32 -28.34 6.94
C LEU B 50 -13.67 -27.60 6.75
N SER B 51 -14.50 -27.60 7.78
CA SER B 51 -15.77 -26.96 7.74
C SER B 51 -15.60 -25.98 8.86
N LEU B 52 -15.81 -24.71 8.60
CA LEU B 52 -15.48 -23.70 9.61
C LEU B 52 -16.69 -22.94 10.16
N ASP B 53 -16.43 -22.35 11.33
CA ASP B 53 -17.36 -21.52 12.13
C ASP B 53 -16.62 -20.23 12.42
N TRP B 54 -17.07 -19.11 11.90
CA TRP B 54 -16.40 -17.83 12.08
C TRP B 54 -17.10 -17.03 13.20
N PHE B 55 -16.31 -16.24 13.93
CA PHE B 55 -16.82 -15.45 15.06
C PHE B 55 -16.76 -13.96 14.77
N THR B 56 -15.77 -13.53 13.97
CA THR B 56 -15.56 -12.12 13.62
C THR B 56 -16.31 -11.76 12.33
N ASP B 57 -17.06 -10.66 12.38
CA ASP B 57 -17.79 -10.16 11.20
C ASP B 57 -16.95 -9.66 10.04
N ASN B 58 -15.70 -9.31 10.33
CA ASN B 58 -14.80 -8.74 9.35
C ASN B 58 -13.80 -9.75 8.82
N LYS B 59 -13.27 -9.52 7.62
CA LYS B 59 -12.39 -10.55 7.01
C LYS B 59 -11.22 -10.94 7.87
N ALA B 60 -10.87 -12.23 7.83
CA ALA B 60 -9.73 -12.84 8.56
C ALA B 60 -9.30 -14.07 7.79
N PRO B 61 -8.02 -14.42 7.84
CA PRO B 61 -7.52 -15.61 7.11
C PRO B 61 -7.79 -16.86 7.90
N LEU B 62 -7.65 -17.99 7.23
CA LEU B 62 -7.72 -19.23 7.88
C LEU B 62 -6.25 -19.58 8.02
N ILE B 63 -5.78 -19.64 9.25
CA ILE B 63 -4.41 -20.09 9.53
C ILE B 63 -4.44 -21.52 10.04
N LEU B 64 -3.61 -22.34 9.42
CA LEU B 64 -3.56 -23.72 9.78
C LEU B 64 -2.16 -24.14 10.07
N ASP B 65 -2.02 -25.22 10.80
CA ASP B 65 -0.74 -25.76 11.15
C ASP B 65 -0.31 -26.81 10.12
N THR B 66 0.95 -26.95 9.84
CA THR B 66 1.44 -27.89 8.88
C THR B 66 2.86 -28.24 9.23
N ARG B 67 3.41 -29.27 8.65
CA ARG B 67 4.74 -29.64 8.92
C ARG B 67 5.66 -29.92 7.76
N ASP B 68 5.61 -31.10 7.22
CA ASP B 68 6.42 -31.31 6.04
C ASP B 68 5.35 -31.80 5.06
N LEU B 69 4.37 -30.93 4.86
CA LEU B 69 3.17 -31.17 4.06
C LEU B 69 3.45 -30.47 2.72
N VAL B 70 3.07 -31.10 1.63
CA VAL B 70 3.17 -30.55 0.30
C VAL B 70 1.83 -30.09 -0.20
N ILE B 71 1.72 -28.82 -0.49
CA ILE B 71 0.48 -28.28 -0.94
C ILE B 71 0.36 -28.23 -2.43
N HIS B 72 -0.78 -28.63 -2.90
CA HIS B 72 -1.05 -28.73 -4.28
C HIS B 72 -2.03 -27.70 -4.58
N ARG B 73 -2.98 -27.49 -3.68
CA ARG B 73 -4.08 -26.64 -3.98
C ARG B 73 -5.12 -26.39 -2.87
N VAL B 74 -5.66 -25.20 -2.81
CA VAL B 74 -6.64 -24.89 -1.81
C VAL B 74 -7.91 -24.26 -2.40
N MET B 75 -9.07 -24.73 -2.03
CA MET B 75 -10.30 -24.10 -2.44
C MET B 75 -11.19 -23.76 -1.25
N ALA B 76 -12.10 -22.82 -1.42
CA ALA B 76 -13.01 -22.50 -0.39
C ALA B 76 -14.36 -22.29 -0.94
N LYS B 77 -15.42 -22.50 -0.17
CA LYS B 77 -16.79 -22.22 -0.53
C LYS B 77 -17.22 -20.79 -0.21
N ASN B 78 -17.40 -19.97 -1.25
CA ASN B 78 -17.87 -18.58 -1.06
C ASN B 78 -19.32 -18.41 -0.61
N SER B 79 -19.77 -17.13 -0.52
CA SER B 79 -21.11 -16.77 -0.03
C SER B 79 -22.23 -17.41 -0.85
N GLN B 80 -21.84 -18.17 -1.85
CA GLN B 80 -22.78 -18.80 -2.73
C GLN B 80 -22.43 -20.26 -2.96
N GLY B 81 -21.76 -20.84 -1.99
CA GLY B 81 -21.30 -22.20 -2.07
C GLY B 81 -20.60 -22.55 -3.35
N GLN B 82 -19.77 -21.67 -3.89
CA GLN B 82 -19.05 -22.01 -5.10
C GLN B 82 -17.64 -22.26 -4.74
N TRP B 83 -16.97 -23.42 -5.04
CA TRP B 83 -15.62 -23.83 -4.75
C TRP B 83 -14.69 -23.08 -5.62
N VAL B 84 -14.25 -22.03 -5.05
CA VAL B 84 -13.43 -21.11 -5.86
C VAL B 84 -12.03 -21.33 -5.40
N LYS B 85 -11.06 -20.95 -6.22
CA LYS B 85 -9.66 -21.14 -5.82
C LYS B 85 -9.18 -19.95 -5.00
N VAL B 86 -8.61 -20.20 -3.82
CA VAL B 86 -8.04 -19.17 -2.97
C VAL B 86 -6.51 -19.41 -2.98
N ASN B 87 -5.78 -18.38 -2.60
CA ASN B 87 -4.35 -18.49 -2.51
C ASN B 87 -3.83 -18.53 -1.12
N TYR B 88 -2.67 -19.12 -0.99
CA TYR B 88 -2.11 -19.36 0.30
C TYR B 88 -0.66 -18.93 0.35
N ASP B 89 -0.21 -18.72 1.58
CA ASP B 89 1.21 -18.50 1.94
C ASP B 89 1.62 -19.65 2.86
N LEU B 90 2.76 -20.26 2.56
CA LEU B 90 3.26 -21.29 3.40
C LEU B 90 4.46 -20.61 4.02
N ALA B 91 4.38 -20.20 5.30
CA ALA B 91 5.49 -19.54 5.99
C ALA B 91 6.69 -20.47 6.17
N LYS B 92 7.80 -19.83 6.55
CA LYS B 92 9.12 -20.44 6.73
C LYS B 92 8.95 -21.46 7.82
N ARG B 93 9.57 -22.60 7.68
CA ARG B 93 9.43 -23.69 8.67
C ARG B 93 10.09 -23.41 10.02
N ASP B 94 9.29 -23.50 11.10
CA ASP B 94 9.79 -23.36 12.46
C ASP B 94 10.43 -24.69 12.81
N ASP B 95 11.24 -24.74 13.87
CA ASP B 95 11.95 -26.00 14.17
C ASP B 95 11.05 -26.88 15.01
N VAL B 96 10.10 -26.23 15.68
CA VAL B 96 9.20 -26.96 16.51
C VAL B 96 7.75 -26.88 16.00
N LEU B 97 7.29 -25.73 15.55
CA LEU B 97 5.92 -25.61 15.04
C LEU B 97 5.73 -25.94 13.56
N GLY B 98 6.80 -26.09 12.81
CA GLY B 98 6.64 -26.22 11.38
C GLY B 98 6.35 -24.96 10.56
N SER B 99 5.69 -25.16 9.42
CA SER B 99 5.31 -24.08 8.55
C SER B 99 3.87 -23.52 8.66
N LYS B 100 3.69 -22.23 8.91
CA LYS B 100 2.31 -21.71 9.14
C LYS B 100 1.65 -21.55 7.80
N LEU B 101 0.48 -22.18 7.59
CA LEU B 101 -0.29 -21.98 6.33
C LEU B 101 -1.41 -20.92 6.48
N THR B 102 -1.20 -19.77 5.84
CA THR B 102 -2.22 -18.71 5.85
C THR B 102 -2.94 -18.72 4.46
N ILE B 103 -4.21 -19.06 4.45
CA ILE B 103 -4.96 -19.15 3.28
C ILE B 103 -5.91 -18.03 3.34
N ASN B 104 -6.20 -17.50 2.17
CA ASN B 104 -6.89 -16.24 2.05
C ASN B 104 -8.29 -16.55 1.67
N THR B 105 -9.20 -16.49 2.62
CA THR B 105 -10.44 -17.24 2.42
C THR B 105 -11.60 -16.26 2.18
N PRO B 106 -12.59 -16.55 1.36
CA PRO B 106 -13.70 -15.67 1.31
C PRO B 106 -14.22 -15.22 2.62
N LEU B 107 -14.60 -13.98 2.75
CA LEU B 107 -15.23 -13.54 4.00
C LEU B 107 -16.18 -14.63 4.42
N ASN B 108 -15.93 -15.24 5.61
CA ASN B 108 -16.75 -16.30 6.19
C ASN B 108 -16.85 -17.63 5.44
N ALA B 109 -15.86 -17.96 4.62
CA ALA B 109 -15.78 -19.24 3.93
C ALA B 109 -16.25 -20.34 4.87
N LYS B 110 -17.33 -21.05 4.50
CA LYS B 110 -17.91 -22.14 5.25
C LYS B 110 -17.17 -23.41 5.06
N LYS B 111 -16.26 -23.46 4.08
CA LYS B 111 -15.47 -24.66 3.94
C LYS B 111 -14.21 -24.36 3.18
N VAL B 112 -13.24 -25.24 3.32
CA VAL B 112 -11.98 -25.07 2.67
C VAL B 112 -11.46 -26.45 2.39
N ARG B 113 -10.89 -26.62 1.23
CA ARG B 113 -10.43 -27.94 0.79
C ARG B 113 -8.97 -27.78 0.50
N VAL B 114 -8.17 -28.57 1.18
CA VAL B 114 -6.75 -28.44 0.98
C VAL B 114 -6.31 -29.74 0.35
N TYR B 115 -5.63 -29.61 -0.77
CA TYR B 115 -5.06 -30.72 -1.45
C TYR B 115 -3.62 -30.80 -1.14
N TYR B 116 -3.16 -31.94 -0.68
CA TYR B 116 -1.82 -32.11 -0.06
C TYR B 116 -1.29 -33.47 -0.12
N ASN B 117 -0.04 -33.60 0.21
CA ASN B 117 0.51 -34.89 0.55
C ASN B 117 1.37 -34.84 1.80
N SER B 118 1.39 -35.91 2.58
CA SER B 118 2.43 -36.12 3.57
C SER B 118 3.70 -36.63 2.91
N THR B 119 4.83 -36.45 3.58
CA THR B 119 6.10 -37.01 3.15
C THR B 119 6.71 -37.86 4.26
N GLU B 120 7.74 -38.63 3.91
CA GLU B 120 8.25 -39.70 4.77
C GLU B 120 8.89 -39.15 6.04
N LYS B 121 9.16 -37.85 6.03
CA LYS B 121 9.67 -37.16 7.21
C LYS B 121 8.55 -36.72 8.15
N ALA B 122 7.28 -37.04 7.88
CA ALA B 122 6.16 -36.55 8.66
C ALA B 122 6.45 -37.07 10.04
N THR B 123 6.43 -36.15 11.02
CA THR B 123 6.77 -36.47 12.41
C THR B 123 5.74 -37.22 13.22
N GLY B 124 4.51 -37.29 12.69
CA GLY B 124 3.46 -37.96 13.39
C GLY B 124 3.08 -39.31 12.83
N LEU B 125 3.94 -39.93 12.01
CA LEU B 125 3.58 -41.14 11.35
C LEU B 125 4.77 -42.06 11.33
N GLN B 126 4.53 -43.33 11.63
CA GLN B 126 5.59 -44.29 11.57
C GLN B 126 5.37 -45.29 10.42
N TRP B 127 6.28 -45.31 9.45
CA TRP B 127 6.16 -46.17 8.29
C TRP B 127 7.08 -47.34 8.46
N LEU B 128 6.52 -48.51 8.76
CA LEU B 128 7.29 -49.71 9.07
C LEU B 128 7.35 -50.68 7.91
N SER B 129 8.54 -51.03 7.51
CA SER B 129 8.69 -51.93 6.40
C SER B 129 8.17 -53.30 6.79
N ALA B 130 7.79 -54.07 5.80
CA ALA B 130 7.23 -55.38 6.07
C ALA B 130 8.11 -56.19 6.95
N GLU B 131 9.41 -55.90 6.93
CA GLU B 131 10.40 -56.64 7.72
C GLU B 131 10.40 -56.22 9.21
N GLN B 132 10.09 -54.95 9.47
CA GLN B 132 10.02 -54.45 10.82
C GLN B 132 8.68 -54.78 11.48
N THR B 133 8.00 -55.78 10.92
CA THR B 133 6.69 -56.23 11.37
C THR B 133 6.76 -57.74 11.71
N ALA B 134 5.73 -58.24 12.40
CA ALA B 134 5.72 -59.65 12.82
C ALA B 134 5.41 -60.59 11.68
N GLY B 135 4.47 -60.17 10.80
CA GLY B 135 4.11 -60.90 9.60
C GLY B 135 5.31 -60.99 8.65
N LYS B 136 6.16 -60.00 8.62
CA LYS B 136 7.30 -60.08 7.75
C LYS B 136 6.91 -59.99 6.32
N GLU B 137 5.61 -60.04 6.06
CA GLU B 137 5.01 -59.98 4.73
C GLU B 137 4.37 -58.67 4.30
N LYS B 138 3.97 -57.88 5.25
CA LYS B 138 3.37 -56.61 4.90
C LYS B 138 3.89 -55.47 5.78
N PRO B 139 3.98 -54.24 5.23
CA PRO B 139 4.42 -53.07 6.00
C PRO B 139 3.30 -52.65 7.00
N PHE B 140 3.60 -51.64 7.79
CA PHE B 140 2.69 -51.29 8.79
C PHE B 140 2.78 -49.81 9.00
N LEU B 141 1.62 -49.17 9.20
CA LEU B 141 1.60 -47.77 9.41
C LEU B 141 0.75 -47.51 10.63
N PHE B 142 1.18 -46.51 11.40
CA PHE B 142 0.45 -46.04 12.53
C PHE B 142 0.87 -44.59 12.75
N SER B 143 -0.10 -43.83 13.30
CA SER B 143 0.07 -42.51 13.77
C SER B 143 0.34 -42.41 15.20
N GLN B 144 1.07 -41.36 15.54
CA GLN B 144 1.09 -40.73 16.86
C GLN B 144 1.08 -39.30 16.94
N ASN B 145 -0.05 -38.70 17.00
CA ASN B 145 -0.18 -37.27 16.83
C ASN B 145 -0.01 -36.47 18.03
N GLN B 146 0.49 -37.03 19.02
CA GLN B 146 0.59 -36.30 20.28
C GLN B 146 2.03 -35.92 20.51
N ALA B 147 2.37 -34.62 20.55
CA ALA B 147 1.45 -33.52 20.96
C ALA B 147 1.06 -32.65 19.78
N ILE B 148 2.05 -32.26 18.96
CA ILE B 148 1.76 -31.49 17.76
C ILE B 148 2.38 -32.20 16.52
N HIS B 149 1.80 -33.39 16.27
CA HIS B 149 2.21 -34.10 15.13
C HIS B 149 1.14 -34.38 14.10
N ALA B 150 -0.09 -33.92 14.37
CA ALA B 150 -1.23 -34.15 13.51
C ALA B 150 -0.98 -33.35 12.31
N ARG B 151 -0.37 -32.20 12.48
CA ARG B 151 -0.12 -31.31 11.37
C ARG B 151 0.88 -31.98 10.42
N SER B 152 1.60 -33.03 10.85
CA SER B 152 2.56 -33.62 9.90
C SER B 152 1.94 -34.42 8.75
N TRP B 153 0.62 -34.64 8.86
CA TRP B 153 -0.16 -35.35 7.80
C TRP B 153 -1.59 -34.83 7.72
N ILE B 154 -1.86 -33.70 8.30
CA ILE B 154 -3.25 -33.12 8.24
C ILE B 154 -3.11 -31.59 8.32
N PRO B 155 -3.52 -30.84 7.30
CA PRO B 155 -3.43 -29.39 7.46
C PRO B 155 -4.64 -29.07 8.32
N ILE B 156 -4.41 -28.57 9.52
CA ILE B 156 -5.52 -28.28 10.47
C ILE B 156 -5.09 -27.31 11.55
N GLN B 157 -5.96 -27.05 12.52
CA GLN B 157 -5.60 -26.18 13.67
C GLN B 157 -5.20 -27.19 14.80
N ASP B 158 -3.94 -27.60 14.81
CA ASP B 158 -3.43 -28.57 15.74
C ASP B 158 -3.37 -27.87 17.07
N THR B 159 -4.41 -28.04 17.88
CA THR B 159 -4.56 -27.39 19.20
C THR B 159 -5.47 -28.27 19.99
N PRO B 160 -5.19 -28.45 21.31
CA PRO B 160 -6.16 -29.24 22.11
C PRO B 160 -7.38 -28.38 22.37
N SER B 161 -7.31 -27.12 22.01
CA SER B 161 -8.40 -26.22 22.31
C SER B 161 -9.38 -26.31 21.24
N VAL B 162 -9.02 -26.90 20.11
CA VAL B 162 -9.99 -27.10 19.04
C VAL B 162 -10.41 -28.54 18.70
N ARG B 163 -11.69 -28.78 18.94
CA ARG B 163 -12.33 -30.07 18.69
C ARG B 163 -13.21 -30.11 17.38
N VAL B 164 -13.05 -31.18 16.61
CA VAL B 164 -13.70 -31.33 15.31
C VAL B 164 -14.13 -32.80 15.26
N THR B 165 -15.17 -33.11 14.50
CA THR B 165 -15.59 -34.50 14.27
C THR B 165 -14.84 -34.81 12.94
N TYR B 166 -14.70 -36.06 12.59
CA TYR B 166 -14.02 -36.38 11.32
C TYR B 166 -14.65 -37.57 10.61
N THR B 167 -14.58 -37.61 9.27
CA THR B 167 -15.06 -38.76 8.48
C THR B 167 -13.84 -38.92 7.60
N ALA B 168 -13.47 -40.11 7.22
CA ALA B 168 -12.24 -40.21 6.44
C ALA B 168 -12.30 -41.33 5.49
N ARG B 169 -12.04 -41.04 4.22
CA ARG B 169 -11.95 -42.08 3.18
C ARG B 169 -10.52 -42.45 3.00
N ILE B 170 -10.15 -43.61 3.50
CA ILE B 170 -8.77 -44.06 3.40
C ILE B 170 -8.71 -45.15 2.37
N THR B 171 -7.73 -45.03 1.47
CA THR B 171 -7.48 -46.03 0.39
C THR B 171 -6.19 -46.75 0.60
N THR B 172 -6.21 -48.07 0.62
CA THR B 172 -5.00 -48.87 0.88
C THR B 172 -4.92 -50.01 -0.13
N ASP B 173 -3.87 -50.83 0.01
CA ASP B 173 -3.69 -51.99 -0.86
C ASP B 173 -4.96 -52.80 -0.62
N LYS B 174 -5.28 -53.68 -1.56
CA LYS B 174 -6.07 -54.84 -1.19
C LYS B 174 -5.19 -55.52 -0.15
N ASP B 175 -5.82 -56.23 0.77
CA ASP B 175 -5.06 -57.05 1.69
C ASP B 175 -4.46 -56.36 2.91
N LEU B 176 -4.65 -55.05 3.04
CA LEU B 176 -4.05 -54.38 4.18
C LEU B 176 -5.37 -53.84 4.74
N LEU B 177 -5.39 -53.70 6.06
CA LEU B 177 -6.54 -53.16 6.78
C LEU B 177 -6.30 -51.75 7.35
N ALA B 178 -7.30 -50.85 7.26
CA ALA B 178 -7.22 -49.52 7.82
C ALA B 178 -8.06 -49.48 9.06
N VAL B 179 -7.56 -48.72 10.03
CA VAL B 179 -8.17 -48.59 11.35
C VAL B 179 -7.88 -47.21 11.86
N MET B 180 -8.94 -46.50 12.28
CA MET B 180 -8.77 -45.21 12.85
C MET B 180 -9.47 -45.10 14.14
N SER B 181 -9.55 -43.88 14.64
CA SER B 181 -10.18 -43.59 15.93
C SER B 181 -11.61 -43.09 15.65
N ALA B 182 -12.37 -43.93 14.99
CA ALA B 182 -13.75 -43.64 14.62
C ALA B 182 -14.45 -44.98 14.46
N ASN B 183 -15.63 -44.94 13.87
CA ASN B 183 -16.38 -46.13 13.62
C ASN B 183 -15.96 -46.72 12.28
N ASN B 184 -15.53 -47.99 12.33
CA ASN B 184 -15.24 -48.77 11.14
C ASN B 184 -16.46 -49.63 10.82
N ARG B 190 -10.06 -56.62 4.18
CA ARG B 190 -11.11 -56.47 3.20
C ARG B 190 -10.55 -55.84 1.93
N ASP B 191 -11.37 -54.97 1.33
CA ASP B 191 -11.09 -54.42 -0.03
C ASP B 191 -9.90 -53.51 -0.26
N GLY B 192 -9.74 -52.53 0.63
CA GLY B 192 -8.70 -51.52 0.52
C GLY B 192 -9.35 -50.15 0.39
N ASP B 193 -10.64 -50.12 0.61
CA ASP B 193 -11.46 -48.92 0.54
C ASP B 193 -12.31 -48.89 1.82
N TYR B 194 -11.84 -48.15 2.82
CA TYR B 194 -12.52 -48.09 4.11
C TYR B 194 -12.92 -46.61 4.18
N PHE B 195 -13.88 -46.24 4.98
CA PHE B 195 -14.23 -44.84 5.12
C PHE B 195 -14.54 -44.95 6.62
N PHE B 196 -14.08 -43.99 7.46
CA PHE B 196 -14.34 -44.01 8.90
C PHE B 196 -15.10 -42.78 9.31
N SER B 197 -15.82 -42.86 10.42
CA SER B 197 -16.61 -41.76 10.92
C SER B 197 -16.61 -41.57 12.47
N MET B 198 -16.15 -40.42 12.96
CA MET B 198 -16.15 -40.08 14.37
C MET B 198 -17.10 -38.91 14.54
N PRO B 199 -18.31 -39.18 15.00
CA PRO B 199 -19.36 -38.12 15.25
C PRO B 199 -19.20 -37.44 16.58
N GLN B 200 -18.12 -37.81 17.26
CA GLN B 200 -17.77 -37.22 18.54
C GLN B 200 -16.64 -36.22 18.37
N ALA B 201 -16.89 -34.97 18.73
CA ALA B 201 -15.88 -33.93 18.54
C ALA B 201 -14.61 -34.22 19.40
N ILE B 202 -13.42 -34.33 18.77
CA ILE B 202 -12.16 -34.62 19.50
C ILE B 202 -11.02 -33.69 19.04
N PRO B 203 -10.06 -33.42 19.95
CA PRO B 203 -8.97 -32.63 19.52
C PRO B 203 -8.06 -33.50 18.56
N PRO B 204 -7.52 -32.94 17.50
CA PRO B 204 -6.62 -33.59 16.55
C PRO B 204 -5.55 -34.55 17.06
N TYR B 205 -4.98 -34.39 18.22
CA TYR B 205 -3.89 -35.32 18.53
C TYR B 205 -4.47 -36.71 18.73
N LEU B 206 -5.83 -36.73 18.70
CA LEU B 206 -6.65 -37.95 18.96
C LEU B 206 -7.13 -38.58 17.61
N ILE B 207 -6.97 -37.89 16.49
CA ILE B 207 -7.18 -38.50 15.19
C ILE B 207 -6.03 -39.49 14.99
N ALA B 208 -6.35 -40.77 14.81
CA ALA B 208 -5.30 -41.75 14.63
C ALA B 208 -5.60 -42.71 13.54
N ILE B 209 -4.56 -43.31 12.99
CA ILE B 209 -4.73 -44.23 11.84
C ILE B 209 -3.67 -45.36 11.96
N GLY B 210 -4.09 -46.61 11.68
CA GLY B 210 -3.18 -47.73 11.67
C GLY B 210 -3.51 -48.50 10.43
N VAL B 211 -2.49 -48.89 9.67
CA VAL B 211 -2.70 -49.70 8.48
C VAL B 211 -1.70 -50.87 8.48
N GLY B 212 -2.20 -52.09 8.38
CA GLY B 212 -1.36 -53.23 8.27
C GLY B 212 -2.12 -54.51 8.13
N ASP B 213 -1.40 -55.61 8.24
CA ASP B 213 -1.98 -56.98 8.23
C ASP B 213 -2.61 -57.29 9.59
N LEU B 214 -3.75 -56.67 9.85
CA LEU B 214 -4.44 -56.77 11.11
C LEU B 214 -5.51 -57.82 11.11
N GLU B 215 -5.67 -58.53 12.20
CA GLU B 215 -6.72 -59.51 12.36
C GLU B 215 -7.49 -59.00 13.57
N PHE B 216 -8.72 -59.43 13.78
CA PHE B 216 -9.58 -58.98 14.87
C PHE B 216 -10.39 -60.07 15.58
N LYS B 217 -10.26 -60.13 16.92
CA LYS B 217 -11.07 -60.98 17.76
C LYS B 217 -11.61 -60.07 18.84
N ALA B 218 -12.81 -60.22 19.33
CA ALA B 218 -13.35 -59.41 20.43
C ALA B 218 -13.01 -60.16 21.67
N MET B 219 -13.49 -59.57 22.76
CA MET B 219 -13.37 -60.17 24.05
C MET B 219 -14.70 -60.05 24.76
N SER B 220 -15.32 -58.87 24.66
CA SER B 220 -16.62 -58.61 25.29
C SER B 220 -17.56 -58.08 24.19
N HIS B 221 -18.69 -57.48 24.57
CA HIS B 221 -19.62 -56.91 23.64
C HIS B 221 -19.16 -55.57 23.07
N GLN B 222 -18.32 -54.84 23.83
CA GLN B 222 -17.74 -53.59 23.36
C GLN B 222 -16.25 -53.50 23.46
N THR B 223 -15.56 -54.58 23.53
CA THR B 223 -14.09 -54.54 23.54
C THR B 223 -13.47 -55.58 22.68
N GLY B 224 -12.48 -55.22 21.90
CA GLY B 224 -11.81 -56.19 21.09
C GLY B 224 -10.36 -55.85 20.83
N ILE B 225 -9.66 -56.68 20.07
CA ILE B 225 -8.30 -56.48 19.83
C ILE B 225 -7.99 -56.65 18.33
N TYR B 226 -6.99 -55.91 17.80
CA TYR B 226 -6.49 -56.00 16.41
C TYR B 226 -5.01 -56.26 16.55
N ALA B 227 -4.43 -57.22 15.83
CA ALA B 227 -3.02 -57.51 15.97
C ALA B 227 -2.51 -58.37 14.85
N GLU B 228 -1.25 -58.73 14.87
CA GLU B 228 -0.63 -59.53 13.78
C GLU B 228 -0.65 -61.06 13.97
N SER B 229 -1.70 -61.55 14.64
CA SER B 229 -1.85 -63.02 14.78
C SER B 229 -0.94 -63.64 15.80
N TYR B 230 0.35 -63.35 15.72
CA TYR B 230 1.32 -63.98 16.63
C TYR B 230 0.94 -63.61 18.05
N ILE B 231 0.63 -62.33 18.23
CA ILE B 231 0.21 -61.74 19.53
C ILE B 231 -1.31 -61.66 19.74
N LEU B 232 -2.06 -61.96 18.69
CA LEU B 232 -3.49 -61.80 18.78
C LEU B 232 -4.12 -62.55 19.93
N ASP B 233 -4.04 -63.88 19.92
CA ASP B 233 -4.69 -64.64 20.99
C ASP B 233 -4.04 -64.50 22.38
N ALA B 234 -2.77 -64.10 22.42
CA ALA B 234 -2.02 -63.97 23.66
C ALA B 234 -2.54 -62.66 24.28
N ALA B 235 -2.84 -61.70 23.41
CA ALA B 235 -3.35 -60.40 23.78
C ALA B 235 -4.79 -60.45 24.31
N VAL B 236 -5.62 -61.28 23.69
CA VAL B 236 -7.02 -61.46 24.06
C VAL B 236 -7.14 -62.16 25.40
N ALA B 237 -6.15 -62.99 25.70
CA ALA B 237 -6.02 -63.67 27.00
C ALA B 237 -5.51 -62.74 28.09
N GLU B 238 -4.83 -61.67 27.67
CA GLU B 238 -4.26 -60.73 28.59
C GLU B 238 -5.14 -59.59 29.04
N PHE B 239 -6.07 -59.12 28.21
CA PHE B 239 -6.83 -57.92 28.53
C PHE B 239 -8.27 -58.21 28.57
N ASP B 240 -8.62 -59.46 28.78
CA ASP B 240 -10.02 -59.87 28.82
C ASP B 240 -10.67 -59.44 30.13
N ASP B 241 -10.07 -58.45 30.76
CA ASP B 241 -10.53 -57.92 32.01
C ASP B 241 -11.01 -56.52 31.72
N THR B 242 -10.71 -56.03 30.52
CA THR B 242 -10.98 -54.64 30.24
C THR B 242 -12.43 -54.30 30.26
N GLN B 243 -13.29 -55.27 29.96
CA GLN B 243 -14.71 -55.02 30.06
C GLN B 243 -15.09 -54.69 31.49
N ALA B 244 -14.41 -55.34 32.40
CA ALA B 244 -14.55 -55.13 33.78
C ALA B 244 -14.11 -53.77 34.12
N MET B 245 -12.95 -53.36 33.60
CA MET B 245 -12.50 -51.97 33.81
C MET B 245 -13.57 -50.92 33.48
N ILE B 246 -14.30 -51.12 32.36
CA ILE B 246 -15.23 -50.17 31.89
C ILE B 246 -16.51 -50.11 32.72
N ASP B 247 -16.83 -51.23 33.35
CA ASP B 247 -18.07 -51.32 34.11
C ASP B 247 -17.85 -50.79 35.51
N LYS B 248 -16.72 -51.16 36.09
CA LYS B 248 -16.32 -50.59 37.37
C LYS B 248 -16.03 -49.11 37.18
N ALA B 249 -15.50 -48.71 36.04
CA ALA B 249 -15.19 -47.29 35.80
C ALA B 249 -16.41 -46.42 35.58
N GLU B 250 -17.44 -46.98 34.99
CA GLU B 250 -18.65 -46.24 34.68
C GLU B 250 -19.42 -46.02 36.00
N GLN B 251 -19.20 -46.95 36.93
CA GLN B 251 -19.92 -46.93 38.17
C GLN B 251 -19.59 -45.70 38.99
N MET B 252 -18.31 -45.30 38.88
CA MET B 252 -17.79 -44.16 39.60
C MET B 252 -17.65 -42.85 38.82
N TYR B 253 -17.20 -42.99 37.57
CA TYR B 253 -16.94 -41.85 36.67
C TYR B 253 -17.96 -41.36 35.61
N GLY B 254 -19.08 -42.08 35.45
CA GLY B 254 -20.08 -41.72 34.46
C GLY B 254 -19.99 -42.63 33.26
N LYS B 255 -20.86 -42.41 32.26
CA LYS B 255 -20.86 -43.32 31.12
C LYS B 255 -19.61 -43.24 30.21
N TYR B 256 -19.22 -44.35 29.62
CA TYR B 256 -18.13 -44.39 28.60
C TYR B 256 -18.80 -43.95 27.30
N ARG B 257 -18.75 -42.63 27.00
CA ARG B 257 -19.40 -41.95 25.89
C ARG B 257 -18.86 -42.29 24.53
N TRP B 258 -17.99 -43.29 24.38
CA TRP B 258 -17.47 -43.58 23.04
C TRP B 258 -17.95 -44.87 22.40
N GLY B 259 -18.76 -45.65 23.11
CA GLY B 259 -19.35 -46.84 22.53
C GLY B 259 -18.51 -48.10 22.50
N ARG B 260 -17.40 -48.09 21.77
CA ARG B 260 -16.62 -49.35 21.65
C ARG B 260 -15.26 -49.01 22.23
N TYR B 261 -14.49 -50.00 22.69
CA TYR B 261 -13.18 -49.76 23.18
C TYR B 261 -12.29 -50.89 22.73
N ASP B 262 -11.46 -50.63 21.76
CA ASP B 262 -10.62 -51.69 21.22
C ASP B 262 -9.17 -51.47 21.52
N LEU B 263 -8.34 -52.46 21.20
CA LEU B 263 -6.89 -52.38 21.46
C LEU B 263 -6.20 -52.70 20.19
N LEU B 264 -5.18 -51.95 19.88
CA LEU B 264 -4.48 -52.13 18.65
C LEU B 264 -3.06 -52.36 19.07
N MET B 265 -2.65 -53.59 18.98
CA MET B 265 -1.28 -53.91 19.34
C MET B 265 -0.35 -53.49 18.22
N LEU B 266 0.59 -52.61 18.50
CA LEU B 266 1.50 -52.10 17.45
C LEU B 266 2.73 -52.95 17.52
N PRO B 267 3.60 -52.83 16.51
CA PRO B 267 4.83 -53.67 16.59
C PRO B 267 5.81 -53.17 17.67
N PRO B 268 6.72 -54.06 18.15
CA PRO B 268 7.72 -53.77 19.20
C PRO B 268 8.44 -52.42 19.11
N SER B 269 8.29 -51.77 18.00
CA SER B 269 8.88 -50.46 17.74
C SER B 269 8.15 -49.31 18.43
N PHE B 270 6.91 -49.53 18.87
CA PHE B 270 6.15 -48.43 19.46
C PHE B 270 6.99 -47.81 20.59
N PRO B 271 7.24 -46.48 20.47
CA PRO B 271 7.99 -45.66 21.43
C PRO B 271 7.39 -45.56 22.86
N PHE B 272 6.07 -45.54 22.96
CA PHE B 272 5.42 -45.40 24.25
C PHE B 272 4.87 -46.77 24.72
N GLY B 273 3.99 -46.67 25.71
CA GLY B 273 3.25 -47.80 26.28
C GLY B 273 1.86 -47.80 25.64
N GLY B 274 1.37 -46.65 25.24
CA GLY B 274 0.15 -46.59 24.57
C GLY B 274 -0.48 -45.25 24.43
N MET B 275 -1.21 -45.03 23.32
CA MET B 275 -1.88 -43.77 23.08
C MET B 275 -3.41 -43.95 23.24
N GLU B 276 -4.08 -43.07 23.98
CA GLU B 276 -5.51 -43.16 24.12
C GLU B 276 -6.34 -42.67 22.92
N ASN B 277 -6.15 -43.24 21.75
CA ASN B 277 -6.91 -42.78 20.62
C ASN B 277 -8.29 -43.29 20.82
N PRO B 278 -9.28 -42.39 20.85
CA PRO B 278 -10.68 -42.74 21.03
C PRO B 278 -11.17 -43.98 20.27
N ARG B 279 -11.81 -44.92 21.00
CA ARG B 279 -12.26 -46.18 20.47
C ARG B 279 -11.16 -47.11 20.07
N LEU B 280 -9.90 -46.68 19.98
CA LEU B 280 -8.86 -47.59 19.51
C LEU B 280 -7.50 -47.22 20.15
N SER B 281 -7.18 -47.81 21.31
CA SER B 281 -5.99 -47.45 22.04
C SER B 281 -4.82 -48.21 21.42
N PHE B 282 -3.74 -47.52 21.10
CA PHE B 282 -2.55 -48.15 20.49
C PHE B 282 -1.68 -48.73 21.60
N ILE B 283 -1.55 -50.04 21.69
CA ILE B 283 -0.82 -50.62 22.81
C ILE B 283 0.50 -51.31 22.41
N THR B 284 1.50 -51.14 23.23
CA THR B 284 2.78 -51.80 23.03
C THR B 284 2.70 -53.28 23.37
N PRO B 285 3.42 -54.14 22.60
CA PRO B 285 3.47 -55.55 22.81
C PRO B 285 4.19 -55.94 24.13
N THR B 286 4.93 -55.00 24.67
CA THR B 286 5.76 -55.19 25.85
C THR B 286 4.90 -55.48 27.05
N VAL B 287 3.56 -55.30 26.95
CA VAL B 287 2.66 -55.54 28.10
C VAL B 287 1.95 -56.89 28.09
N VAL B 288 2.06 -57.65 27.00
CA VAL B 288 1.49 -58.99 26.93
C VAL B 288 2.57 -59.86 27.56
N ALA B 289 2.50 -59.91 28.89
CA ALA B 289 3.41 -60.64 29.74
C ALA B 289 3.00 -62.08 30.03
N GLY B 290 1.72 -62.31 30.14
CA GLY B 290 1.28 -63.67 30.40
C GLY B 290 0.68 -63.84 31.78
N ASP B 291 0.78 -62.83 32.61
CA ASP B 291 0.27 -62.94 33.97
C ASP B 291 -0.63 -61.79 34.37
N LYS B 292 -0.87 -60.87 33.45
CA LYS B 292 -1.74 -59.72 33.69
C LYS B 292 -1.17 -58.68 34.67
N SER B 293 0.13 -58.66 34.87
CA SER B 293 0.80 -57.77 35.80
C SER B 293 0.93 -56.30 35.35
N LEU B 294 1.26 -56.16 34.06
CA LEU B 294 1.44 -54.82 33.39
C LEU B 294 0.15 -54.24 32.84
N VAL B 295 -0.92 -54.84 33.24
CA VAL B 295 -2.23 -54.46 32.80
C VAL B 295 -2.71 -53.10 33.26
N ASN B 296 -2.21 -52.51 34.33
CA ASN B 296 -2.71 -51.16 34.67
C ASN B 296 -2.53 -50.20 33.52
N LEU B 297 -1.68 -50.58 32.59
CA LEU B 297 -1.46 -49.76 31.43
C LEU B 297 -2.82 -49.57 30.72
N ILE B 298 -3.56 -50.66 30.48
CA ILE B 298 -4.84 -50.58 29.80
C ILE B 298 -5.92 -49.86 30.60
N ALA B 299 -5.78 -49.89 31.90
CA ALA B 299 -6.78 -49.28 32.79
C ALA B 299 -6.50 -47.85 32.66
N HIS B 300 -5.21 -47.58 32.47
CA HIS B 300 -4.72 -46.22 32.30
C HIS B 300 -5.14 -45.61 30.99
N GLU B 301 -5.25 -46.39 29.93
CA GLU B 301 -5.64 -45.82 28.68
C GLU B 301 -7.15 -45.69 28.61
N LEU B 302 -7.84 -46.53 29.34
CA LEU B 302 -9.26 -46.45 29.38
C LEU B 302 -9.72 -45.22 30.22
N ALA B 303 -8.81 -44.79 31.11
CA ALA B 303 -9.05 -43.68 32.02
C ALA B 303 -9.10 -42.40 31.18
N HIS B 304 -8.31 -42.34 30.12
CA HIS B 304 -8.27 -41.14 29.36
C HIS B 304 -9.61 -40.84 28.76
N SER B 305 -10.41 -41.87 28.45
CA SER B 305 -11.72 -41.72 27.85
C SER B 305 -12.48 -40.63 28.62
N TRP B 306 -12.08 -40.40 29.86
CA TRP B 306 -12.61 -39.30 30.67
C TRP B 306 -11.66 -38.07 30.82
N SER B 307 -10.42 -38.29 31.19
CA SER B 307 -9.45 -37.25 31.40
C SER B 307 -8.45 -37.31 30.21
N GLY B 308 -8.58 -36.32 29.34
CA GLY B 308 -7.75 -36.17 28.23
C GLY B 308 -8.38 -36.45 26.90
N ASN B 309 -9.64 -36.89 26.91
CA ASN B 309 -10.41 -37.26 25.75
C ASN B 309 -11.78 -36.69 25.82
N LEU B 310 -12.40 -36.82 26.96
CA LEU B 310 -13.75 -36.31 27.12
C LEU B 310 -13.67 -34.86 27.44
N VAL B 311 -12.77 -34.57 28.40
CA VAL B 311 -12.39 -33.23 28.85
C VAL B 311 -10.89 -33.12 28.65
N THR B 312 -10.50 -32.17 27.81
CA THR B 312 -9.09 -32.04 27.40
C THR B 312 -8.45 -30.70 27.71
N ASN B 313 -7.19 -30.75 28.08
CA ASN B 313 -6.38 -29.57 28.29
C ASN B 313 -6.44 -28.58 27.16
N GLU B 314 -6.67 -27.30 27.44
CA GLU B 314 -6.63 -26.38 26.32
C GLU B 314 -5.26 -26.11 25.79
N SER B 315 -4.26 -26.17 26.64
CA SER B 315 -2.90 -26.03 26.21
C SER B 315 -1.97 -27.13 26.71
N TRP B 316 -0.71 -27.09 26.38
CA TRP B 316 0.21 -28.10 26.89
C TRP B 316 0.82 -27.82 28.29
N ARG B 317 0.31 -26.75 28.91
CA ARG B 317 0.72 -26.36 30.25
C ARG B 317 -0.32 -26.90 31.19
N ASP B 318 -1.44 -27.36 30.63
CA ASP B 318 -2.54 -27.92 31.43
C ASP B 318 -2.58 -29.43 31.32
N LEU B 319 -1.46 -29.91 30.82
CA LEU B 319 -1.25 -31.30 30.49
C LEU B 319 -1.44 -32.18 31.69
N TRP B 320 -1.33 -31.62 32.88
CA TRP B 320 -1.54 -32.39 34.11
C TRP B 320 -3.04 -32.69 34.40
N LEU B 321 -3.98 -31.92 33.78
CA LEU B 321 -5.42 -32.06 34.08
C LEU B 321 -5.80 -33.37 33.39
N ASN B 322 -4.87 -33.80 32.56
CA ASN B 322 -4.97 -34.97 31.74
C ASN B 322 -4.35 -36.11 32.43
N GLU B 323 -3.02 -36.11 32.58
CA GLU B 323 -2.32 -37.29 33.16
C GLU B 323 -2.61 -37.45 34.63
N GLY B 324 -2.75 -36.32 35.32
CA GLY B 324 -3.09 -36.31 36.70
C GLY B 324 -4.31 -37.12 36.99
N PHE B 325 -5.44 -36.59 36.54
CA PHE B 325 -6.67 -37.36 36.64
C PHE B 325 -6.72 -38.75 36.06
N THR B 326 -6.11 -38.95 34.92
CA THR B 326 -6.08 -40.26 34.28
C THR B 326 -5.22 -41.22 35.10
N SER B 327 -4.20 -40.73 35.77
CA SER B 327 -3.40 -41.61 36.70
C SER B 327 -4.21 -41.93 37.90
N TYR B 328 -4.96 -40.94 38.42
CA TYR B 328 -5.83 -41.18 39.58
C TYR B 328 -6.94 -42.19 39.35
N VAL B 329 -7.66 -41.97 38.26
CA VAL B 329 -8.76 -42.80 37.77
C VAL B 329 -8.19 -44.13 37.37
N GLU B 330 -6.99 -44.18 36.84
CA GLU B 330 -6.34 -45.43 36.51
C GLU B 330 -6.34 -46.36 37.69
N ASN B 331 -5.84 -45.88 38.85
CA ASN B 331 -5.64 -46.68 40.05
C ASN B 331 -6.98 -47.13 40.56
N ARG B 332 -7.93 -46.19 40.58
CA ARG B 332 -9.27 -46.52 41.04
C ARG B 332 -9.84 -47.74 40.32
N ILE B 333 -9.83 -47.67 39.00
CA ILE B 333 -10.27 -48.80 38.21
C ILE B 333 -9.49 -50.07 38.57
N MET B 334 -8.26 -49.92 39.04
CA MET B 334 -7.45 -51.07 39.45
C MET B 334 -7.90 -51.61 40.77
N GLU B 335 -8.29 -50.71 41.64
CA GLU B 335 -8.81 -51.11 42.96
C GLU B 335 -10.11 -51.86 42.84
N ALA B 336 -11.03 -51.29 42.06
CA ALA B 336 -12.36 -51.86 41.78
C ALA B 336 -12.29 -53.28 41.17
N VAL B 337 -11.49 -53.49 40.16
CA VAL B 337 -11.44 -54.80 39.58
C VAL B 337 -10.46 -55.76 40.15
N PHE B 338 -9.32 -55.26 40.68
CA PHE B 338 -8.23 -56.14 41.24
C PHE B 338 -8.04 -56.08 42.76
N GLY B 339 -8.61 -55.05 43.39
CA GLY B 339 -8.45 -54.95 44.80
C GLY B 339 -7.44 -53.93 45.26
N THR B 340 -7.67 -53.33 46.46
CA THR B 340 -6.82 -52.26 46.92
C THR B 340 -5.41 -52.68 47.31
N ASP B 341 -5.09 -53.94 47.45
CA ASP B 341 -3.70 -54.27 47.74
C ASP B 341 -2.87 -54.25 46.47
N ARG B 342 -3.45 -54.56 45.34
CA ARG B 342 -2.79 -54.41 44.06
C ARG B 342 -2.65 -52.98 43.62
N ALA B 343 -3.59 -52.17 44.04
CA ALA B 343 -3.76 -50.83 43.64
C ALA B 343 -2.77 -49.97 44.34
N VAL B 344 -2.51 -50.30 45.57
CA VAL B 344 -1.67 -49.53 46.44
C VAL B 344 -0.27 -49.99 46.40
N MET B 345 -0.03 -51.06 45.70
CA MET B 345 1.26 -51.61 45.43
C MET B 345 1.79 -50.93 44.25
N GLU B 346 0.90 -50.29 43.55
CA GLU B 346 1.15 -49.65 42.29
C GLU B 346 1.27 -48.16 42.49
N GLN B 347 0.85 -47.73 43.64
CA GLN B 347 0.80 -46.35 43.99
C GLN B 347 2.11 -46.04 44.61
N ALA B 348 2.62 -46.99 45.33
CA ALA B 348 3.90 -46.95 45.92
C ALA B 348 4.92 -47.07 44.86
N LEU B 349 4.90 -48.15 44.13
CA LEU B 349 5.89 -48.37 43.13
C LEU B 349 6.11 -47.16 42.32
N GLY B 350 5.08 -46.36 42.23
CA GLY B 350 5.02 -45.30 41.28
C GLY B 350 5.42 -44.04 41.91
N ALA B 351 4.97 -43.80 43.12
CA ALA B 351 5.47 -42.65 43.94
C ALA B 351 7.00 -42.69 44.27
N GLN B 352 7.61 -43.87 44.35
CA GLN B 352 9.07 -43.97 44.46
C GLN B 352 9.81 -43.43 43.24
N ASP B 353 9.16 -43.45 42.08
CA ASP B 353 9.73 -42.99 40.78
C ASP B 353 9.60 -41.49 40.65
N LEU B 354 8.47 -40.98 41.13
CA LEU B 354 8.19 -39.54 41.20
C LEU B 354 9.31 -38.91 41.99
N ASN B 355 9.59 -39.45 43.18
CA ASN B 355 10.67 -39.01 44.05
C ASN B 355 11.99 -39.13 43.38
N ALA B 356 12.27 -40.25 42.66
CA ALA B 356 13.54 -40.37 41.92
C ALA B 356 13.64 -39.35 40.81
N GLU B 357 12.55 -39.11 40.08
CA GLU B 357 12.52 -38.07 39.06
C GLU B 357 12.60 -36.61 39.56
N ILE B 358 11.95 -36.29 40.65
CA ILE B 358 12.01 -34.95 41.15
C ILE B 358 13.51 -34.67 41.34
N LEU B 359 14.26 -35.66 41.81
CA LEU B 359 15.70 -35.50 42.01
C LEU B 359 16.54 -35.22 40.76
N GLU B 360 16.31 -35.98 39.70
CA GLU B 360 17.00 -35.78 38.43
C GLU B 360 16.36 -34.64 37.66
N LEU B 361 15.33 -34.04 38.20
CA LEU B 361 14.60 -33.06 37.46
C LEU B 361 14.84 -31.65 37.87
N ASP B 362 14.69 -30.76 36.93
CA ASP B 362 14.87 -29.36 37.10
C ASP B 362 13.71 -28.82 37.94
N ALA B 363 14.01 -28.11 39.00
CA ALA B 363 13.01 -27.66 39.95
C ALA B 363 12.13 -26.62 39.33
N SER B 364 11.55 -26.89 38.18
CA SER B 364 10.73 -25.93 37.49
C SER B 364 9.74 -26.76 36.71
N ASP B 365 10.21 -27.93 36.29
CA ASP B 365 9.43 -28.90 35.58
C ASP B 365 8.65 -29.76 36.56
N THR B 366 9.08 -29.76 37.85
CA THR B 366 8.36 -30.51 38.85
C THR B 366 7.07 -29.81 39.22
N GLN B 367 6.76 -28.68 38.59
CA GLN B 367 5.50 -28.00 38.88
C GLN B 367 4.40 -28.57 38.05
N LEU B 368 3.17 -28.48 38.51
CA LEU B 368 2.04 -29.11 37.78
C LEU B 368 1.66 -28.32 36.52
N TYR B 369 1.47 -27.02 36.73
CA TYR B 369 1.15 -26.06 35.68
C TYR B 369 2.52 -25.64 35.19
N ILE B 370 3.16 -26.53 34.47
CA ILE B 370 4.50 -26.39 33.98
C ILE B 370 4.63 -25.32 32.92
N ASP B 371 5.78 -24.65 32.92
CA ASP B 371 6.22 -23.72 31.86
C ASP B 371 7.10 -24.51 30.92
N LEU B 372 6.69 -24.40 29.65
CA LEU B 372 7.36 -25.10 28.59
C LEU B 372 8.70 -24.45 28.16
N LYS B 373 8.82 -23.15 28.42
CA LYS B 373 10.01 -22.40 28.11
C LYS B 373 10.27 -22.32 26.62
N GLY B 374 9.25 -22.55 25.77
CA GLY B 374 9.39 -22.50 24.33
C GLY B 374 9.95 -23.80 23.77
N ARG B 375 10.04 -24.80 24.63
CA ARG B 375 10.35 -26.18 24.25
C ARG B 375 9.34 -26.91 23.37
N ASP B 376 9.84 -28.00 22.78
CA ASP B 376 9.08 -29.17 22.39
C ASP B 376 8.24 -29.68 23.53
N PRO B 377 6.99 -30.03 23.22
CA PRO B 377 6.03 -30.49 24.22
C PRO B 377 6.24 -31.96 24.51
N ASP B 378 7.30 -32.50 23.94
CA ASP B 378 7.70 -33.87 24.20
C ASP B 378 9.13 -34.07 24.66
N ASP B 379 9.98 -33.09 24.42
CA ASP B 379 10.84 -32.48 25.44
C ASP B 379 10.29 -31.79 26.67
N ALA B 380 8.97 -31.62 26.72
CA ALA B 380 8.28 -31.33 27.97
C ALA B 380 8.61 -32.19 29.15
N PHE B 381 8.59 -33.50 28.93
CA PHE B 381 7.62 -34.37 29.52
C PHE B 381 8.29 -35.13 30.64
N SER B 382 7.70 -35.06 31.82
CA SER B 382 8.02 -35.97 32.89
C SER B 382 6.99 -36.96 33.37
N GLY B 383 7.24 -37.51 34.54
CA GLY B 383 6.22 -38.29 35.25
C GLY B 383 5.47 -37.42 36.21
N VAL B 384 5.96 -36.23 36.36
CA VAL B 384 5.34 -35.29 37.27
C VAL B 384 3.82 -35.17 37.22
N PRO B 385 3.26 -34.69 36.09
CA PRO B 385 1.78 -34.47 35.95
C PRO B 385 0.90 -35.70 36.33
N TYR B 386 1.36 -36.89 35.99
CA TYR B 386 0.71 -38.16 36.35
C TYR B 386 0.68 -38.54 37.83
N VAL B 387 1.86 -38.79 38.41
CA VAL B 387 1.91 -39.22 39.82
C VAL B 387 1.70 -38.08 40.81
N LYS B 388 2.28 -36.89 40.53
CA LYS B 388 2.08 -35.76 41.39
C LYS B 388 0.68 -35.22 41.22
N GLY B 389 0.11 -35.32 40.00
CA GLY B 389 -1.25 -34.89 39.81
C GLY B 389 -2.18 -35.88 40.44
N GLN B 390 -1.70 -37.09 40.62
CA GLN B 390 -2.44 -38.16 41.27
C GLN B 390 -2.43 -38.07 42.77
N LEU B 391 -1.26 -37.78 43.35
CA LEU B 391 -1.16 -37.70 44.81
C LEU B 391 -1.97 -36.47 45.14
N PHE B 392 -2.04 -35.51 44.22
CA PHE B 392 -2.79 -34.32 44.44
C PHE B 392 -4.25 -34.54 44.63
N LEU B 393 -4.81 -35.36 43.72
CA LEU B 393 -6.21 -35.73 43.78
C LEU B 393 -6.48 -36.75 44.89
N MET B 394 -5.47 -37.54 45.20
CA MET B 394 -5.52 -38.46 46.33
C MET B 394 -5.56 -37.72 47.63
N TYR B 395 -5.02 -36.53 47.59
CA TYR B 395 -4.97 -35.63 48.70
C TYR B 395 -6.39 -35.10 48.95
N LEU B 396 -7.08 -34.70 47.89
CA LEU B 396 -8.41 -34.11 48.02
C LEU B 396 -9.35 -35.25 48.36
N GLU B 397 -8.96 -36.49 47.99
CA GLU B 397 -9.79 -37.65 48.35
C GLU B 397 -9.72 -37.76 49.83
N GLU B 398 -8.53 -38.07 50.40
CA GLU B 398 -8.38 -38.23 51.83
C GLU B 398 -9.02 -37.08 52.59
N LYS B 399 -8.95 -35.88 52.05
CA LYS B 399 -9.40 -34.70 52.70
C LYS B 399 -10.91 -34.59 52.79
N PHE B 400 -11.59 -35.01 51.70
CA PHE B 400 -13.08 -34.96 51.57
C PHE B 400 -13.83 -36.30 51.65
N GLY B 401 -13.15 -37.40 51.34
CA GLY B 401 -13.79 -38.72 51.30
C GLY B 401 -14.16 -38.98 49.87
N ARG B 402 -14.42 -40.23 49.50
CA ARG B 402 -14.74 -40.61 48.14
C ARG B 402 -16.17 -40.14 47.84
N GLU B 403 -17.06 -40.37 48.78
CA GLU B 403 -18.44 -39.96 48.58
C GLU B 403 -18.42 -38.54 48.02
N ARG B 404 -17.86 -37.61 48.75
CA ARG B 404 -17.87 -36.22 48.33
C ARG B 404 -16.91 -35.96 47.20
N PHE B 405 -15.71 -36.53 47.30
CA PHE B 405 -14.75 -36.34 46.20
C PHE B 405 -15.24 -36.87 44.88
N ASP B 406 -15.67 -38.14 44.85
CA ASP B 406 -16.11 -38.88 43.65
C ASP B 406 -17.35 -38.31 43.03
N ALA B 407 -18.25 -37.70 43.83
CA ALA B 407 -19.47 -37.09 43.35
C ALA B 407 -19.03 -35.90 42.56
N PHE B 408 -18.09 -35.12 43.09
CA PHE B 408 -17.51 -33.93 42.46
C PHE B 408 -16.83 -34.37 41.18
N VAL B 409 -15.86 -35.33 41.27
CA VAL B 409 -15.15 -35.79 40.08
C VAL B 409 -16.11 -36.22 39.02
N LEU B 410 -17.18 -36.93 39.39
CA LEU B 410 -18.22 -37.33 38.40
C LEU B 410 -18.82 -36.10 37.73
N GLU B 411 -19.23 -35.10 38.52
CA GLU B 411 -19.78 -33.88 37.94
C GLU B 411 -18.74 -33.16 37.08
N TYR B 412 -17.48 -33.16 37.54
CA TYR B 412 -16.40 -32.53 36.84
C TYR B 412 -16.39 -33.06 35.40
N PHE B 413 -16.43 -34.37 35.22
CA PHE B 413 -16.44 -34.97 33.86
C PHE B 413 -17.74 -34.75 33.08
N ASP B 414 -18.88 -34.82 33.76
CA ASP B 414 -20.13 -34.58 33.12
C ASP B 414 -20.21 -33.18 32.62
N SER B 415 -19.83 -32.24 33.44
CA SER B 415 -19.96 -30.79 33.14
C SER B 415 -19.00 -30.29 32.06
N HIS B 416 -17.93 -31.02 31.80
CA HIS B 416 -16.94 -30.63 30.78
C HIS B 416 -16.94 -31.56 29.63
N ALA B 417 -18.06 -32.25 29.43
CA ALA B 417 -18.20 -33.26 28.37
C ALA B 417 -17.85 -32.66 27.02
N PHE B 418 -16.76 -33.20 26.43
CA PHE B 418 -16.31 -32.84 25.09
C PHE B 418 -15.82 -31.35 25.02
N GLN B 419 -15.21 -30.93 26.10
CA GLN B 419 -14.80 -29.55 26.28
C GLN B 419 -13.32 -29.44 26.52
N SER B 420 -12.83 -28.20 26.58
CA SER B 420 -11.40 -27.94 26.82
C SER B 420 -11.29 -27.22 28.17
N LEU B 421 -10.17 -27.35 28.88
CA LEU B 421 -10.04 -26.64 30.17
C LEU B 421 -8.62 -26.28 30.47
N GLY B 422 -8.46 -25.11 31.07
CA GLY B 422 -7.13 -24.60 31.50
C GLY B 422 -6.96 -24.67 32.98
N THR B 423 -5.72 -24.67 33.44
CA THR B 423 -5.44 -24.77 34.86
C THR B 423 -6.22 -23.75 35.69
N ASP B 424 -6.13 -22.47 35.33
CA ASP B 424 -6.83 -21.41 36.04
C ASP B 424 -8.29 -21.67 36.24
N ASN B 425 -8.97 -22.22 35.26
CA ASN B 425 -10.41 -22.48 35.36
C ASN B 425 -10.73 -23.76 36.15
N PHE B 426 -9.87 -24.77 35.99
CA PHE B 426 -9.99 -25.96 36.82
C PHE B 426 -10.12 -25.52 38.26
N VAL B 427 -9.27 -24.57 38.65
CA VAL B 427 -9.21 -24.12 40.02
C VAL B 427 -10.52 -23.48 40.43
N LYS B 428 -11.03 -22.58 39.61
CA LYS B 428 -12.27 -21.86 39.83
C LYS B 428 -13.33 -22.91 40.18
N TYR B 429 -13.38 -23.97 39.36
CA TYR B 429 -14.33 -25.11 39.50
C TYR B 429 -14.07 -26.06 40.68
N LEU B 430 -12.80 -26.24 41.02
CA LEU B 430 -12.34 -27.10 42.10
C LEU B 430 -12.66 -26.43 43.41
N LYS B 431 -12.75 -25.12 43.38
CA LYS B 431 -13.15 -24.33 44.53
C LYS B 431 -14.65 -24.22 44.61
N ALA B 432 -15.30 -23.77 43.55
CA ALA B 432 -16.76 -23.62 43.52
C ALA B 432 -17.49 -24.95 43.73
N ASN B 433 -16.83 -26.08 43.49
CA ASN B 433 -17.50 -27.40 43.63
C ASN B 433 -16.91 -28.39 44.61
N LEU B 434 -15.86 -27.91 45.30
CA LEU B 434 -15.28 -28.77 46.34
C LEU B 434 -14.80 -27.98 47.59
N THR B 435 -13.69 -27.29 47.34
CA THR B 435 -12.93 -26.58 48.33
C THR B 435 -13.78 -25.45 48.92
N ASP B 436 -14.79 -25.01 48.19
CA ASP B 436 -15.63 -23.94 48.71
C ASP B 436 -17.00 -24.54 49.01
N LYS B 437 -17.27 -25.71 48.41
CA LYS B 437 -18.59 -26.29 48.59
C LYS B 437 -18.61 -26.79 49.98
N TYR B 438 -17.53 -27.45 50.33
CA TYR B 438 -17.26 -27.98 51.67
C TYR B 438 -15.99 -27.27 52.16
N PRO B 439 -16.21 -26.02 52.73
CA PRO B 439 -15.24 -25.01 53.18
C PRO B 439 -14.50 -25.40 54.44
N ASN B 440 -13.31 -24.87 54.59
CA ASN B 440 -12.50 -25.15 55.77
C ASN B 440 -11.83 -26.49 55.88
N ILE B 441 -11.77 -27.23 54.76
CA ILE B 441 -11.03 -28.50 54.75
C ILE B 441 -9.70 -28.30 54.08
N VAL B 442 -9.77 -27.78 52.85
CA VAL B 442 -8.56 -27.42 52.08
C VAL B 442 -8.53 -25.92 51.78
N SER B 443 -7.35 -25.32 51.95
CA SER B 443 -7.17 -23.86 51.76
C SER B 443 -6.52 -23.59 50.46
N ASP B 444 -6.87 -22.45 49.87
CA ASP B 444 -6.34 -22.12 48.54
C ASP B 444 -4.81 -22.10 48.49
N ASN B 445 -4.17 -22.33 49.64
CA ASN B 445 -2.70 -22.30 49.76
C ASN B 445 -2.21 -23.66 49.44
N GLU B 446 -3.02 -24.66 49.80
CA GLU B 446 -2.70 -26.03 49.56
C GLU B 446 -2.96 -26.35 48.09
N ILE B 447 -3.94 -25.63 47.54
CA ILE B 447 -4.28 -25.79 46.12
C ILE B 447 -3.19 -25.20 45.25
N ASN B 448 -2.86 -23.93 45.54
CA ASN B 448 -1.86 -23.19 44.76
C ASN B 448 -0.51 -23.88 44.90
N GLU B 449 -0.27 -24.42 46.07
CA GLU B 449 0.97 -25.02 46.41
C GLU B 449 1.14 -26.28 45.54
N TRP B 450 0.08 -27.06 45.50
CA TRP B 450 0.00 -28.28 44.75
C TRP B 450 0.23 -28.19 43.27
N ILE B 451 -0.45 -27.24 42.62
CA ILE B 451 -0.27 -27.04 41.19
C ILE B 451 0.79 -26.13 40.60
N PHE B 452 1.31 -25.23 41.39
CA PHE B 452 2.27 -24.22 40.92
C PHE B 452 3.69 -24.32 41.43
N LYS B 453 3.94 -24.99 42.56
CA LYS B 453 5.28 -25.12 43.12
C LYS B 453 6.01 -26.40 42.79
N ALA B 454 7.33 -26.31 42.79
CA ALA B 454 8.16 -27.45 42.47
C ALA B 454 8.17 -28.42 43.65
N GLY B 455 8.72 -29.62 43.43
CA GLY B 455 8.73 -30.74 44.42
C GLY B 455 7.35 -31.03 45.00
N LEU B 456 7.32 -31.89 46.02
CA LEU B 456 6.07 -32.27 46.66
C LEU B 456 5.84 -31.50 47.98
N PRO B 457 4.57 -31.24 48.39
CA PRO B 457 4.14 -30.52 49.58
C PRO B 457 4.47 -31.12 50.95
N SER B 458 5.17 -32.26 50.98
CA SER B 458 5.52 -32.89 52.27
C SER B 458 4.26 -33.50 52.92
N TYR B 459 3.15 -32.75 52.87
CA TYR B 459 1.87 -33.29 53.36
C TYR B 459 1.21 -34.08 52.24
N ALA B 460 1.97 -34.32 51.15
CA ALA B 460 1.51 -35.04 49.97
C ALA B 460 1.39 -36.52 50.31
N PRO B 461 0.22 -37.15 50.06
CA PRO B 461 0.03 -38.54 50.37
C PRO B 461 1.26 -39.32 50.01
N GLN B 462 1.62 -40.28 50.83
CA GLN B 462 2.76 -41.09 50.48
C GLN B 462 2.43 -42.60 50.62
N PRO B 463 1.63 -43.18 49.66
CA PRO B 463 1.16 -44.54 49.64
C PRO B 463 2.30 -45.47 50.02
N THR B 464 1.91 -46.44 50.85
CA THR B 464 2.78 -47.31 51.61
C THR B 464 1.98 -48.56 51.40
N SER B 465 2.69 -49.64 51.14
CA SER B 465 2.11 -50.95 50.92
C SER B 465 2.68 -51.88 51.98
N ASN B 466 1.87 -52.42 52.85
CA ASN B 466 2.44 -53.48 53.62
C ASN B 466 3.39 -54.50 53.01
N ALA B 467 2.94 -55.20 51.98
CA ALA B 467 3.72 -56.31 51.34
C ALA B 467 5.07 -55.89 50.90
N PHE B 468 5.16 -54.63 50.51
CA PHE B 468 6.31 -54.06 49.95
C PHE B 468 7.29 -53.97 51.09
N LYS B 469 6.73 -53.86 52.28
CA LYS B 469 7.40 -53.28 53.34
C LYS B 469 7.80 -54.36 54.27
N VAL B 470 7.05 -55.42 54.30
CA VAL B 470 7.70 -56.66 54.67
C VAL B 470 8.98 -56.98 53.98
N ILE B 471 9.14 -56.44 52.79
CA ILE B 471 10.23 -56.77 51.90
C ILE B 471 11.39 -55.93 52.24
N ASP B 472 11.12 -54.66 52.41
CA ASP B 472 12.06 -53.77 52.98
C ASP B 472 12.90 -54.32 54.15
N LYS B 473 12.31 -55.19 54.94
CA LYS B 473 12.86 -55.73 56.17
C LYS B 473 13.69 -56.91 55.80
N GLN B 474 13.11 -57.75 54.98
CA GLN B 474 13.85 -58.72 54.26
C GLN B 474 15.02 -58.34 53.39
N ILE B 475 14.97 -57.27 52.60
CA ILE B 475 16.13 -56.89 51.75
C ILE B 475 17.38 -56.85 52.66
N ASN B 476 17.16 -56.79 53.96
CA ASN B 476 18.25 -56.73 54.93
C ASN B 476 19.14 -57.96 54.86
N GLN B 477 19.30 -58.51 53.65
CA GLN B 477 20.14 -59.68 53.45
C GLN B 477 21.56 -59.44 53.92
N LEU B 478 21.78 -58.30 54.55
CA LEU B 478 23.11 -57.93 55.04
C LEU B 478 24.04 -57.57 53.90
N VAL B 479 25.00 -58.47 53.62
CA VAL B 479 25.95 -58.24 52.54
C VAL B 479 25.77 -59.25 51.42
N THR B 480 24.79 -60.14 51.58
CA THR B 480 24.51 -61.17 50.59
C THR B 480 24.70 -62.57 51.16
N ASP B 481 23.66 -63.07 51.83
CA ASP B 481 23.71 -64.40 52.43
C ASP B 481 24.36 -64.36 53.81
N GLU B 482 24.95 -63.22 54.15
CA GLU B 482 25.61 -63.04 55.44
C GLU B 482 24.66 -63.38 56.58
N LEU B 483 23.47 -62.79 56.56
CA LEU B 483 22.48 -63.02 57.60
C LEU B 483 21.56 -64.18 57.23
N THR B 484 20.65 -63.95 56.29
CA THR B 484 19.72 -64.97 55.85
C THR B 484 19.97 -65.35 54.40
N LEU B 485 19.87 -66.64 54.10
CA LEU B 485 20.07 -67.13 52.74
C LEU B 485 19.01 -66.59 51.78
N GLU B 486 18.61 -67.41 50.83
CA GLU B 486 17.60 -67.01 49.85
C GLU B 486 16.24 -67.58 50.21
N GLN B 487 16.08 -68.00 51.47
CA GLN B 487 14.82 -68.56 51.94
C GLN B 487 13.76 -67.47 52.11
N LEU B 488 13.44 -66.78 51.01
CA LEU B 488 12.45 -65.72 51.04
C LEU B 488 11.18 -66.15 50.31
N PRO B 489 10.11 -65.37 50.49
CA PRO B 489 8.83 -65.66 49.86
C PRO B 489 8.77 -65.42 48.34
N THR B 490 9.92 -65.45 47.67
CA THR B 490 10.00 -65.20 46.24
C THR B 490 8.97 -65.99 45.48
N ALA B 491 8.87 -67.29 45.75
CA ALA B 491 7.90 -68.11 45.05
C ALA B 491 6.50 -67.53 45.23
N GLN B 492 6.38 -66.40 45.91
CA GLN B 492 5.06 -65.80 46.13
C GLN B 492 5.01 -64.35 45.69
N TRP B 493 6.17 -63.85 45.26
CA TRP B 493 6.34 -62.47 44.85
C TRP B 493 5.70 -62.17 43.52
N THR B 494 4.80 -61.19 43.57
CA THR B 494 4.13 -60.73 42.39
C THR B 494 5.08 -59.80 41.66
N LEU B 495 4.77 -59.49 40.40
CA LEU B 495 5.53 -58.52 39.57
C LEU B 495 5.77 -57.26 40.35
N HIS B 496 4.74 -56.67 40.94
CA HIS B 496 4.95 -55.57 41.85
C HIS B 496 5.76 -55.86 43.11
N GLU B 497 6.00 -57.13 43.45
CA GLU B 497 6.85 -57.37 44.59
C GLU B 497 8.28 -57.51 44.32
N TRP B 498 8.69 -57.31 43.09
CA TRP B 498 10.01 -57.70 42.64
C TRP B 498 10.66 -56.43 42.21
N LEU B 499 9.84 -55.44 41.95
CA LEU B 499 10.34 -54.20 41.43
C LEU B 499 10.68 -53.38 42.64
N HIS B 500 9.92 -53.58 43.69
CA HIS B 500 10.35 -53.20 45.01
C HIS B 500 11.60 -53.89 45.48
N PHE B 501 11.60 -55.20 45.50
CA PHE B 501 12.74 -55.88 46.04
C PHE B 501 13.97 -55.20 45.53
N ILE B 502 14.01 -54.97 44.22
CA ILE B 502 15.25 -54.81 43.51
C ILE B 502 15.55 -53.35 43.21
N ASN B 503 14.48 -52.58 43.07
CA ASN B 503 14.49 -51.11 43.02
C ASN B 503 15.02 -50.43 44.29
N ASN B 504 14.77 -51.06 45.42
CA ASN B 504 15.21 -50.55 46.69
C ASN B 504 16.25 -51.47 47.27
N LEU B 505 16.79 -52.33 46.42
CA LEU B 505 17.93 -53.15 46.81
C LEU B 505 19.22 -52.35 46.82
N PRO B 506 20.10 -52.46 47.76
CA PRO B 506 21.30 -51.60 47.75
C PRO B 506 22.15 -51.73 46.47
N VAL B 507 22.60 -50.58 46.01
CA VAL B 507 23.45 -50.49 44.82
C VAL B 507 24.92 -50.96 45.13
N ASP B 508 25.04 -51.75 46.20
CA ASP B 508 26.34 -52.12 46.81
C ASP B 508 26.53 -53.58 47.22
N VAL B 515 24.07 -62.41 41.67
CA VAL B 515 24.51 -63.75 41.29
C VAL B 515 23.69 -64.83 41.94
N ASN B 516 24.10 -65.22 43.14
CA ASN B 516 23.18 -65.34 44.24
C ASN B 516 21.77 -65.02 43.79
N LEU B 517 21.66 -64.01 42.94
CA LEU B 517 20.40 -63.36 42.66
C LEU B 517 19.97 -63.74 41.26
N ASP B 518 20.78 -63.34 40.30
CA ASP B 518 20.63 -63.77 38.92
C ASP B 518 20.67 -65.31 38.75
N LYS B 519 21.64 -66.00 39.31
CA LYS B 519 21.57 -67.42 39.05
C LYS B 519 20.38 -68.15 39.69
N ALA B 520 19.95 -67.72 40.86
CA ALA B 520 18.77 -68.32 41.47
C ALA B 520 17.47 -68.02 40.72
N PHE B 521 17.13 -66.72 40.63
CA PHE B 521 15.92 -66.24 39.95
C PHE B 521 16.09 -65.88 38.44
N ASP B 522 17.34 -65.75 38.01
CA ASP B 522 17.66 -65.39 36.63
C ASP B 522 16.83 -64.18 36.24
N LEU B 523 17.20 -63.01 36.76
CA LEU B 523 16.49 -61.78 36.41
C LEU B 523 17.01 -61.24 35.09
N THR B 524 18.16 -61.78 34.65
CA THR B 524 18.75 -61.41 33.35
C THR B 524 17.82 -61.75 32.15
N ASN B 525 17.48 -63.03 32.06
CA ASN B 525 16.64 -63.53 30.98
C ASN B 525 15.17 -63.46 31.38
N SER B 526 14.87 -62.64 32.39
CA SER B 526 13.51 -62.49 32.88
C SER B 526 12.56 -62.18 31.75
N SER B 527 11.42 -62.86 31.83
CA SER B 527 10.37 -62.77 30.85
C SER B 527 9.81 -61.36 30.87
N ASN B 528 9.09 -61.05 31.95
CA ASN B 528 8.42 -59.76 32.05
C ASN B 528 9.43 -58.64 31.78
N ALA B 529 9.13 -57.74 30.85
CA ALA B 529 10.06 -56.64 30.49
C ALA B 529 10.43 -55.69 31.64
N GLU B 530 9.42 -55.33 32.45
CA GLU B 530 9.63 -54.43 33.55
C GLU B 530 10.74 -54.97 34.42
N ILE B 531 10.66 -56.28 34.70
CA ILE B 531 11.64 -56.98 35.52
C ILE B 531 13.01 -56.83 34.87
N ALA B 532 13.13 -57.26 33.60
CA ALA B 532 14.41 -57.15 32.86
C ALA B 532 14.94 -55.71 32.95
N HIS B 533 14.06 -54.70 32.89
CA HIS B 533 14.47 -53.30 32.98
C HIS B 533 15.10 -52.92 34.33
N ALA B 534 14.30 -53.01 35.40
CA ALA B 534 14.77 -52.72 36.75
C ALA B 534 16.08 -53.48 37.05
N TRP B 535 16.24 -54.67 36.47
CA TRP B 535 17.39 -55.51 36.71
C TRP B 535 18.66 -54.90 36.10
N TYR B 536 18.64 -54.61 34.79
CA TYR B 536 19.80 -54.00 34.10
C TYR B 536 20.15 -52.65 34.73
N LEU B 537 19.10 -51.89 35.09
CA LEU B 537 19.23 -50.58 35.79
C LEU B 537 20.06 -50.73 37.07
N LEU B 538 19.70 -51.70 37.90
CA LEU B 538 20.39 -51.96 39.14
C LEU B 538 21.76 -52.54 38.80
N SER B 539 21.79 -53.47 37.85
CA SER B 539 23.05 -54.11 37.46
C SER B 539 24.12 -53.08 37.11
N VAL B 540 23.94 -52.39 35.97
CA VAL B 540 24.85 -51.31 35.52
C VAL B 540 25.24 -50.29 36.66
N ARG B 541 24.29 -49.99 37.55
CA ARG B 541 24.56 -49.14 38.73
C ARG B 541 25.61 -49.75 39.67
N ALA B 542 25.30 -50.90 40.26
CA ALA B 542 26.22 -51.64 41.11
C ALA B 542 27.33 -52.33 40.28
N ASP B 543 27.31 -52.07 38.98
CA ASP B 543 28.28 -52.63 38.01
C ASP B 543 28.34 -54.16 38.00
N TYR B 544 27.20 -54.75 37.63
CA TYR B 544 27.07 -56.19 37.46
C TYR B 544 27.15 -56.32 35.95
N LYS B 545 28.37 -56.11 35.48
CA LYS B 545 28.71 -56.18 34.10
C LYS B 545 28.21 -57.44 33.36
N GLU B 546 27.98 -58.52 34.11
CA GLU B 546 27.46 -59.80 33.53
C GLU B 546 26.12 -59.75 32.71
N VAL B 547 25.26 -58.77 32.97
CA VAL B 547 23.98 -58.61 32.25
C VAL B 547 24.04 -57.67 31.03
N TYR B 548 25.26 -57.33 30.58
CA TYR B 548 25.45 -56.45 29.44
C TYR B 548 25.00 -57.06 28.11
N PRO B 549 25.34 -58.36 27.84
CA PRO B 549 24.87 -58.95 26.56
C PRO B 549 23.33 -58.96 26.42
N ALA B 550 22.68 -59.50 27.47
CA ALA B 550 21.22 -59.67 27.53
C ALA B 550 20.59 -58.30 27.41
N MET B 551 21.24 -57.31 28.01
CA MET B 551 20.77 -55.92 27.96
C MET B 551 20.91 -55.36 26.56
N ALA B 552 21.95 -55.83 25.87
CA ALA B 552 22.21 -55.42 24.49
C ALA B 552 21.02 -55.79 23.58
N LYS B 553 20.70 -57.09 23.50
CA LYS B 553 19.58 -57.54 22.69
C LYS B 553 18.31 -56.81 23.11
N TYR B 554 18.17 -56.57 24.43
CA TYR B 554 17.00 -55.88 25.01
C TYR B 554 16.88 -54.46 24.48
N LEU B 555 18.02 -53.78 24.47
CA LEU B 555 18.12 -52.38 23.98
C LEU B 555 17.88 -52.32 22.50
N LYS B 556 18.49 -53.27 21.79
CA LYS B 556 18.31 -53.42 20.32
C LYS B 556 16.86 -53.86 19.87
N SER B 557 16.25 -54.78 20.63
CA SER B 557 14.88 -55.29 20.40
C SER B 557 13.76 -54.26 20.62
N ILE B 558 13.53 -53.88 21.87
CA ILE B 558 12.45 -52.93 22.19
C ILE B 558 12.79 -51.43 22.10
N GLY B 559 11.81 -50.63 21.72
CA GLY B 559 12.05 -49.22 21.44
C GLY B 559 11.14 -48.36 22.23
N ARG B 560 10.47 -49.00 23.19
CA ARG B 560 9.58 -48.29 24.15
C ARG B 560 10.60 -47.40 24.91
N ARG B 561 10.32 -46.09 25.03
CA ARG B 561 11.24 -45.13 25.69
C ARG B 561 11.39 -45.47 27.15
N LYS B 562 10.30 -45.35 27.87
CA LYS B 562 10.25 -45.77 29.26
C LYS B 562 10.50 -47.24 29.48
N LEU B 563 11.55 -47.72 28.83
CA LEU B 563 12.18 -49.01 29.12
C LEU B 563 13.64 -49.18 28.54
N ILE B 564 14.12 -48.13 27.88
CA ILE B 564 15.46 -48.12 27.31
C ILE B 564 16.06 -46.71 27.58
N VAL B 565 15.21 -45.67 27.62
CA VAL B 565 15.67 -44.30 27.91
C VAL B 565 16.49 -44.29 29.22
N PRO B 566 15.82 -44.54 30.40
CA PRO B 566 16.56 -44.53 31.68
C PRO B 566 17.79 -45.41 31.65
N LEU B 567 17.72 -46.48 30.89
CA LEU B 567 18.85 -47.41 30.73
C LEU B 567 20.06 -46.74 30.03
N TYR B 568 19.81 -46.09 28.90
CA TYR B 568 20.86 -45.34 28.16
C TYR B 568 21.44 -44.17 28.98
N LYS B 569 20.65 -43.62 29.92
CA LYS B 569 21.06 -42.55 30.82
C LYS B 569 22.08 -43.07 31.80
N GLU B 570 21.67 -43.99 32.67
CA GLU B 570 22.60 -44.55 33.63
C GLU B 570 23.85 -45.07 32.91
N LEU B 571 23.63 -45.62 31.71
CA LEU B 571 24.69 -46.24 30.89
C LEU B 571 25.68 -45.17 30.40
N ALA B 572 25.13 -44.09 29.87
CA ALA B 572 25.88 -42.93 29.41
C ALA B 572 26.17 -41.96 30.55
N LYS B 573 26.93 -42.41 31.55
CA LYS B 573 27.32 -41.62 32.73
C LYS B 573 28.66 -42.10 33.35
N ASN B 574 29.43 -42.85 32.56
CA ASN B 574 30.71 -43.40 32.95
C ASN B 574 31.21 -43.47 31.51
N ALA B 575 32.01 -42.50 31.09
CA ALA B 575 32.54 -42.46 29.74
C ALA B 575 32.90 -43.80 29.03
N GLU B 576 33.35 -44.77 29.83
CA GLU B 576 33.76 -46.06 29.30
C GLU B 576 32.47 -46.83 29.01
N SER B 577 31.51 -46.68 29.91
CA SER B 577 30.20 -47.29 29.77
C SER B 577 29.39 -46.53 28.71
N LYS B 578 29.33 -45.21 28.82
CA LYS B 578 28.62 -44.34 27.86
C LYS B 578 29.01 -44.62 26.41
N ALA B 579 30.18 -45.24 26.22
CA ALA B 579 30.68 -45.59 24.90
C ALA B 579 30.04 -46.90 24.47
N TRP B 580 29.80 -47.83 25.40
CA TRP B 580 29.15 -49.11 25.10
C TRP B 580 27.76 -48.83 24.56
N ALA B 581 27.16 -47.73 25.05
CA ALA B 581 25.86 -47.24 24.57
C ALA B 581 25.87 -46.90 23.09
N VAL B 582 26.62 -45.88 22.70
CA VAL B 582 26.77 -45.51 21.28
C VAL B 582 26.97 -46.73 20.36
N GLU B 583 27.74 -47.72 20.80
CA GLU B 583 27.99 -48.92 20.00
C GLU B 583 26.77 -49.78 19.77
N VAL B 584 25.93 -49.88 20.79
CA VAL B 584 24.65 -50.56 20.62
C VAL B 584 23.57 -49.62 20.04
N TYR B 585 23.45 -48.40 20.55
CA TYR B 585 22.50 -47.43 20.01
C TYR B 585 22.73 -47.21 18.53
N LYS B 586 23.81 -47.76 17.99
CA LYS B 586 24.10 -47.63 16.54
C LYS B 586 23.48 -48.79 15.76
N GLN B 587 23.13 -49.81 16.53
CA GLN B 587 22.45 -51.01 16.03
C GLN B 587 20.93 -50.88 16.24
N ALA B 588 20.52 -50.42 17.41
CA ALA B 588 19.12 -50.28 17.73
C ALA B 588 18.52 -48.99 17.20
N ARG B 589 19.39 -48.06 16.79
CA ARG B 589 18.99 -46.74 16.27
C ARG B 589 17.94 -46.89 15.15
N PRO B 590 18.29 -47.64 14.07
CA PRO B 590 17.32 -47.82 12.98
C PRO B 590 16.21 -48.78 13.49
N GLY B 591 14.98 -48.35 13.36
CA GLY B 591 13.95 -49.22 13.88
C GLY B 591 13.17 -48.54 15.00
N TYR B 592 13.90 -47.75 15.79
CA TYR B 592 13.30 -46.96 16.86
C TYR B 592 12.31 -46.00 16.22
N HIS B 593 11.29 -45.62 16.98
CA HIS B 593 10.39 -44.60 16.46
C HIS B 593 11.16 -43.25 16.53
N GLY B 594 10.82 -42.30 15.64
CA GLY B 594 11.45 -40.98 15.70
C GLY B 594 11.39 -40.47 17.12
N LEU B 595 10.19 -40.52 17.74
CA LEU B 595 9.94 -40.00 19.11
C LEU B 595 10.91 -40.55 20.17
N ALA B 596 11.53 -41.70 19.83
CA ALA B 596 12.44 -42.37 20.74
C ALA B 596 13.85 -41.95 20.42
N GLN B 597 14.33 -42.27 19.22
CA GLN B 597 15.65 -41.84 18.76
C GLN B 597 15.96 -40.42 19.24
N GLY B 598 15.02 -39.49 18.98
CA GLY B 598 15.12 -38.12 19.42
C GLY B 598 15.59 -38.04 20.86
N THR B 599 14.86 -38.68 21.77
CA THR B 599 15.23 -38.68 23.21
C THR B 599 16.62 -39.28 23.52
N VAL B 600 16.87 -40.50 23.05
CA VAL B 600 18.14 -41.20 23.20
C VAL B 600 19.27 -40.44 22.50
N ASP B 601 18.91 -39.68 21.46
CA ASP B 601 19.91 -38.90 20.70
C ASP B 601 20.51 -37.79 21.56
N GLY B 602 19.74 -37.36 22.58
CA GLY B 602 20.19 -36.34 23.55
C GLY B 602 20.93 -36.87 24.79
N VAL B 603 20.37 -37.93 25.41
CA VAL B 603 21.00 -38.54 26.58
C VAL B 603 22.27 -39.32 26.24
N LEU B 604 22.64 -39.33 24.96
CA LEU B 604 23.86 -40.02 24.50
C LEU B 604 24.85 -38.98 23.95
N LYS B 605 24.81 -37.77 24.53
CA LYS B 605 25.66 -36.59 24.17
C LYS B 605 25.62 -36.25 22.67
N LEU C 14 8.29 -9.53 45.17
CA LEU C 14 9.31 -10.55 45.03
C LEU C 14 9.37 -11.06 43.62
N THR C 15 9.60 -10.15 42.70
CA THR C 15 9.53 -10.46 41.29
C THR C 15 10.86 -10.84 40.69
N ASP C 16 11.55 -11.78 41.30
CA ASP C 16 12.98 -11.88 41.10
C ASP C 16 13.60 -13.15 41.60
N ALA C 17 13.48 -14.21 40.82
CA ALA C 17 14.27 -15.41 41.02
C ALA C 17 15.75 -15.06 41.01
N TYR C 18 16.59 -16.06 41.28
CA TYR C 18 18.03 -15.85 41.28
C TYR C 18 18.51 -15.26 42.61
N THR C 19 17.57 -14.97 43.50
CA THR C 19 17.91 -14.46 44.79
C THR C 19 17.23 -15.40 45.74
N TYR C 20 17.96 -16.03 46.67
CA TYR C 20 17.31 -16.81 47.70
C TYR C 20 16.86 -15.81 48.77
N ALA C 21 17.40 -14.61 48.68
CA ALA C 21 17.19 -13.53 49.61
C ALA C 21 15.75 -13.26 49.76
N ASN C 22 15.22 -13.37 50.96
CA ASN C 22 13.80 -13.11 51.19
C ASN C 22 13.51 -11.64 51.36
N TYR C 23 13.70 -10.93 50.30
CA TYR C 23 13.73 -9.56 50.41
C TYR C 23 12.36 -9.00 50.69
N ASP C 24 11.55 -9.98 50.93
CA ASP C 24 10.17 -9.90 51.24
C ASP C 24 9.94 -9.31 52.66
N GLN C 25 10.76 -9.77 53.61
CA GLN C 25 10.57 -9.40 55.00
C GLN C 25 11.79 -8.71 55.62
N VAL C 26 12.95 -8.97 55.00
CA VAL C 26 14.17 -8.38 55.42
C VAL C 26 14.90 -7.63 54.30
N LYS C 27 15.40 -6.42 54.59
CA LYS C 27 16.21 -5.64 53.58
C LYS C 27 17.46 -4.95 54.19
N ALA C 28 18.66 -5.35 53.77
CA ALA C 28 19.91 -4.75 54.21
C ALA C 28 19.98 -3.30 53.73
N THR C 29 20.36 -2.40 54.63
CA THR C 29 20.53 -1.01 54.20
C THR C 29 21.95 -0.47 54.06
N HIS C 30 22.90 -1.20 54.59
CA HIS C 30 24.33 -0.91 54.51
C HIS C 30 25.17 -2.17 54.51
N VAL C 31 26.42 -2.09 54.14
CA VAL C 31 27.33 -3.27 54.19
C VAL C 31 28.73 -2.86 54.57
N TYR C 32 29.23 -3.30 55.75
CA TYR C 32 30.55 -2.96 56.09
C TYR C 32 31.39 -4.17 55.78
N LEU C 33 32.36 -3.97 54.92
CA LEU C 33 33.30 -5.05 54.53
C LEU C 33 34.64 -4.89 55.20
N ASP C 34 35.13 -5.88 55.94
CA ASP C 34 36.48 -5.87 56.36
C ASP C 34 37.34 -6.96 55.65
N LEU C 35 37.86 -6.68 54.45
CA LEU C 35 38.52 -7.76 53.70
C LEU C 35 39.99 -7.57 53.51
N ASN C 36 40.70 -8.67 53.37
CA ASN C 36 42.14 -8.69 53.07
C ASN C 36 42.37 -9.30 51.70
N VAL C 37 43.19 -8.66 50.87
CA VAL C 37 43.46 -9.20 49.56
C VAL C 37 44.68 -10.11 49.49
N ASP C 38 44.48 -11.42 49.53
CA ASP C 38 45.59 -12.37 49.47
C ASP C 38 45.74 -12.93 48.07
N PHE C 39 46.76 -12.47 47.36
CA PHE C 39 47.04 -12.94 46.00
C PHE C 39 47.65 -14.35 45.90
N ASP C 40 48.10 -14.92 47.00
CA ASP C 40 48.68 -16.27 46.97
C ASP C 40 47.56 -17.33 47.06
N LYS C 41 46.54 -17.04 47.85
CA LYS C 41 45.45 -17.95 48.00
C LYS C 41 44.31 -17.49 47.13
N LYS C 42 44.53 -16.33 46.52
CA LYS C 42 43.56 -15.71 45.63
C LYS C 42 42.24 -15.62 46.35
N SER C 43 42.21 -15.05 47.56
CA SER C 43 40.98 -14.90 48.29
C SER C 43 40.91 -13.66 49.14
N LEU C 44 39.72 -13.11 49.26
CA LEU C 44 39.44 -11.95 50.06
C LEU C 44 38.83 -12.56 51.29
N SER C 45 39.33 -12.23 52.49
CA SER C 45 38.88 -12.81 53.75
C SER C 45 38.79 -11.82 54.87
N GLY C 46 37.64 -11.76 55.55
CA GLY C 46 37.42 -10.81 56.66
C GLY C 46 35.99 -10.99 57.01
N PHE C 47 35.17 -9.98 56.77
CA PHE C 47 33.83 -10.07 57.17
C PHE C 47 32.87 -9.06 56.57
N ALA C 48 31.63 -9.41 56.47
CA ALA C 48 30.64 -8.54 55.93
C ALA C 48 29.67 -8.22 57.05
N GLU C 49 29.40 -6.98 57.28
CA GLU C 49 28.41 -6.66 58.36
C GLU C 49 27.22 -5.94 57.80
N LEU C 50 26.14 -6.69 57.59
CA LEU C 50 24.88 -6.17 57.00
C LEU C 50 24.13 -5.47 58.17
N SER C 51 23.42 -4.40 57.84
CA SER C 51 22.63 -3.72 58.82
C SER C 51 21.26 -3.91 58.20
N LEU C 52 20.31 -4.41 58.94
CA LEU C 52 19.01 -4.72 58.38
C LEU C 52 17.85 -3.86 58.87
N ASP C 53 16.83 -3.86 58.01
CA ASP C 53 15.52 -3.21 58.21
C ASP C 53 14.48 -4.30 58.04
N TRP C 54 13.76 -4.63 59.09
CA TRP C 54 12.74 -5.68 59.07
C TRP C 54 11.32 -5.10 58.87
N PHE C 55 10.47 -5.87 58.18
CA PHE C 55 9.12 -5.39 57.85
C PHE C 55 8.02 -6.20 58.59
N THR C 56 8.30 -7.50 58.78
CA THR C 56 7.37 -8.42 59.46
C THR C 56 7.64 -8.43 60.99
N ASP C 57 6.56 -8.28 61.76
CA ASP C 57 6.64 -8.31 63.22
C ASP C 57 7.03 -9.65 63.82
N ASN C 58 6.88 -10.71 63.03
CA ASN C 58 7.10 -12.04 63.51
C ASN C 58 8.39 -12.65 62.98
N LYS C 59 8.96 -13.61 63.71
CA LYS C 59 10.29 -14.08 63.36
C LYS C 59 10.43 -14.54 61.94
N ALA C 60 11.56 -14.26 61.31
CA ALA C 60 11.93 -14.72 59.95
C ALA C 60 13.46 -14.81 59.90
N PRO C 61 14.00 -15.68 59.06
CA PRO C 61 15.47 -15.81 58.87
C PRO C 61 16.03 -14.70 57.96
N LEU C 62 17.35 -14.54 57.98
CA LEU C 62 17.97 -13.66 57.07
C LEU C 62 18.51 -14.68 56.08
N ILE C 63 18.00 -14.59 54.84
CA ILE C 63 18.50 -15.42 53.77
C ILE C 63 19.42 -14.58 52.91
N LEU C 64 20.60 -15.13 52.67
CA LEU C 64 21.56 -14.40 51.88
C LEU C 64 22.04 -15.27 50.76
N ASP C 65 22.53 -14.66 49.71
CA ASP C 65 23.06 -15.34 48.55
C ASP C 65 24.55 -15.56 48.74
N THR C 66 25.09 -16.64 48.25
CA THR C 66 26.50 -16.93 48.40
C THR C 66 26.93 -17.78 47.23
N ARG C 67 28.20 -17.95 46.99
CA ARG C 67 28.64 -18.80 45.94
C ARG C 67 29.65 -19.83 46.26
N ASP C 68 30.90 -19.45 46.28
CA ASP C 68 31.90 -20.48 46.69
C ASP C 68 32.58 -19.73 47.83
N LEU C 69 31.79 -19.41 48.83
CA LEU C 69 32.15 -18.63 49.96
C LEU C 69 32.34 -19.62 51.11
N VAL C 70 33.40 -19.44 51.93
CA VAL C 70 33.67 -20.31 53.06
C VAL C 70 33.20 -19.52 54.27
N ILE C 71 32.34 -20.14 55.06
CA ILE C 71 31.83 -19.46 56.26
C ILE C 71 32.62 -19.89 57.49
N HIS C 72 32.93 -18.91 58.38
CA HIS C 72 33.69 -19.15 59.60
C HIS C 72 32.70 -19.04 60.73
N ARG C 73 31.91 -17.94 60.77
CA ARG C 73 30.91 -17.74 61.84
C ARG C 73 29.98 -16.60 61.63
N VAL C 74 28.81 -16.65 62.20
CA VAL C 74 27.83 -15.61 62.00
C VAL C 74 27.38 -15.03 63.36
N MET C 75 27.38 -13.72 63.51
CA MET C 75 26.86 -13.05 64.70
C MET C 75 25.77 -12.15 64.36
N ALA C 76 24.91 -11.86 65.28
CA ALA C 76 23.94 -10.85 65.11
C ALA C 76 23.78 -10.09 66.34
N LYS C 77 23.30 -8.84 66.28
CA LYS C 77 22.93 -7.97 67.37
C LYS C 77 21.50 -8.16 67.85
N ASN C 78 21.34 -8.75 69.02
CA ASN C 78 20.02 -8.87 69.64
C ASN C 78 19.31 -7.58 70.09
N SER C 79 18.14 -7.76 70.73
CA SER C 79 17.25 -6.66 71.23
C SER C 79 18.00 -5.75 72.24
N GLN C 80 19.27 -6.04 72.40
CA GLN C 80 20.08 -5.44 73.42
C GLN C 80 21.48 -5.14 72.89
N GLY C 81 21.58 -4.99 71.58
CA GLY C 81 22.82 -4.82 70.93
C GLY C 81 23.93 -5.76 71.43
N GLN C 82 23.66 -7.03 71.69
CA GLN C 82 24.72 -7.88 72.11
C GLN C 82 25.06 -8.79 70.99
N TRP C 83 26.30 -8.89 70.41
CA TRP C 83 26.76 -9.73 69.36
C TRP C 83 26.81 -11.12 69.83
N VAL C 84 25.77 -11.82 69.47
CA VAL C 84 25.60 -13.16 70.03
C VAL C 84 25.81 -14.05 68.84
N LYS C 85 26.14 -15.32 69.08
CA LYS C 85 26.40 -16.18 67.96
C LYS C 85 25.11 -16.80 67.49
N VAL C 86 24.82 -16.77 66.19
CA VAL C 86 23.63 -17.35 65.63
C VAL C 86 24.16 -18.54 64.77
N ASN C 87 23.28 -19.46 64.43
CA ASN C 87 23.64 -20.55 63.57
C ASN C 87 23.02 -20.42 62.21
N TYR C 88 23.62 -21.11 61.27
CA TYR C 88 23.24 -20.97 59.89
C TYR C 88 23.20 -22.32 59.22
N ASP C 89 22.52 -22.33 58.09
CA ASP C 89 22.44 -23.44 57.17
C ASP C 89 22.95 -22.89 55.82
N LEU C 90 23.85 -23.67 55.19
CA LEU C 90 24.41 -23.29 53.90
C LEU C 90 23.76 -24.38 53.07
N ALA C 91 22.73 -24.02 52.26
CA ALA C 91 22.03 -24.99 51.38
C ALA C 91 22.99 -25.54 50.27
N LYS C 92 22.54 -26.63 49.64
CA LYS C 92 23.21 -27.34 48.57
C LYS C 92 23.42 -26.32 47.48
N ARG C 93 24.55 -26.39 46.82
CA ARG C 93 24.89 -25.40 45.81
C ARG C 93 24.10 -25.58 44.48
N ASP C 94 23.47 -24.50 43.99
CA ASP C 94 22.72 -24.51 42.76
C ASP C 94 23.78 -24.34 41.68
N ASP C 95 23.43 -24.60 40.42
CA ASP C 95 24.42 -24.45 39.35
C ASP C 95 24.46 -23.00 38.89
N VAL C 96 23.38 -22.29 39.10
CA VAL C 96 23.32 -20.93 38.71
C VAL C 96 23.24 -19.99 39.91
N LEU C 97 22.49 -20.34 40.92
CA LEU C 97 22.32 -19.44 42.07
C LEU C 97 23.30 -19.61 43.25
N GLY C 98 24.08 -20.69 43.23
CA GLY C 98 24.98 -21.03 44.31
C GLY C 98 24.29 -21.63 45.52
N SER C 99 24.84 -21.41 46.72
CA SER C 99 24.34 -21.94 47.98
C SER C 99 23.55 -20.93 48.82
N LYS C 100 22.32 -21.25 49.18
CA LYS C 100 21.49 -20.27 49.93
C LYS C 100 21.92 -20.31 51.35
N LEU C 101 22.26 -19.16 51.92
CA LEU C 101 22.62 -19.09 53.36
C LEU C 101 21.44 -18.59 54.22
N THR C 102 20.91 -19.50 55.05
CA THR C 102 19.84 -19.18 55.98
C THR C 102 20.44 -19.07 57.39
N ILE C 103 20.47 -17.89 57.95
CA ILE C 103 20.99 -17.61 59.22
C ILE C 103 19.80 -17.32 60.07
N ASN C 104 19.88 -17.76 61.31
CA ASN C 104 18.75 -17.79 62.20
C ASN C 104 18.94 -16.66 63.15
N THR C 105 18.23 -15.59 62.92
CA THR C 105 18.70 -14.35 63.48
C THR C 105 17.76 -13.92 64.61
N PRO C 106 18.22 -13.28 65.65
CA PRO C 106 17.24 -12.76 66.61
C PRO C 106 16.07 -12.04 66.05
N LEU C 107 14.92 -12.25 66.63
CA LEU C 107 13.77 -11.54 66.15
C LEU C 107 14.22 -10.09 65.90
N ASN C 108 14.10 -9.57 64.68
CA ASN C 108 14.53 -8.20 64.34
C ASN C 108 16.01 -7.80 64.43
N ALA C 109 16.93 -8.76 64.36
CA ALA C 109 18.35 -8.51 64.46
C ALA C 109 18.67 -7.32 63.61
N LYS C 110 19.22 -6.28 64.22
CA LYS C 110 19.57 -5.01 63.58
C LYS C 110 20.85 -5.12 62.88
N LYS C 111 21.60 -6.21 63.09
CA LYS C 111 22.85 -6.36 62.35
C LYS C 111 23.26 -7.78 62.33
N VAL C 112 24.14 -8.11 61.41
CA VAL C 112 24.63 -9.47 61.30
C VAL C 112 26.02 -9.36 60.75
N ARG C 113 26.90 -10.14 61.29
CA ARG C 113 28.28 -10.08 60.86
C ARG C 113 28.63 -11.48 60.39
N VAL C 114 29.05 -11.53 59.14
CA VAL C 114 29.40 -12.81 58.58
C VAL C 114 30.90 -12.83 58.35
N TYR C 115 31.51 -13.84 58.90
CA TYR C 115 32.90 -14.06 58.76
C TYR C 115 33.13 -15.09 57.70
N TYR C 116 33.90 -14.78 56.67
CA TYR C 116 33.99 -15.58 55.46
C TYR C 116 35.28 -15.41 54.77
N ASN C 117 35.52 -16.27 53.80
CA ASN C 117 36.51 -16.03 52.79
C ASN C 117 36.00 -16.31 51.38
N SER C 118 36.39 -15.49 50.41
CA SER C 118 36.20 -15.82 49.01
C SER C 118 37.17 -16.91 48.59
N THR C 119 36.75 -17.73 47.64
CA THR C 119 37.65 -18.70 47.00
C THR C 119 38.05 -18.25 45.60
N GLU C 120 39.07 -18.91 45.07
CA GLU C 120 39.66 -18.54 43.79
C GLU C 120 38.67 -18.79 42.67
N LYS C 121 37.83 -19.79 42.87
CA LYS C 121 36.76 -20.07 41.94
C LYS C 121 35.62 -19.04 42.00
N ALA C 122 35.78 -17.96 42.78
CA ALA C 122 34.74 -16.92 42.92
C ALA C 122 34.49 -16.48 41.54
N THR C 123 33.25 -16.59 41.10
CA THR C 123 32.86 -16.20 39.72
C THR C 123 32.78 -14.66 39.44
N GLY C 124 32.88 -13.84 40.49
CA GLY C 124 32.77 -12.42 40.30
C GLY C 124 34.12 -11.70 40.42
N LEU C 125 35.22 -12.46 40.40
CA LEU C 125 36.52 -11.89 40.62
C LEU C 125 37.55 -12.45 39.65
N GLN C 126 38.32 -11.55 39.08
CA GLN C 126 39.39 -11.99 38.24
C GLN C 126 40.78 -11.80 38.92
N TRP C 127 41.52 -12.88 39.16
CA TRP C 127 42.83 -12.81 39.78
C TRP C 127 43.87 -13.00 38.68
N LEU C 128 44.53 -11.90 38.33
CA LEU C 128 45.50 -11.85 37.25
C LEU C 128 46.93 -11.87 37.78
N SER C 129 47.75 -12.83 37.30
CA SER C 129 49.15 -12.93 37.74
C SER C 129 49.96 -11.74 37.27
N ALA C 130 51.03 -11.43 37.97
CA ALA C 130 51.79 -10.25 37.63
C ALA C 130 52.16 -10.31 36.18
N GLU C 131 52.29 -11.52 35.63
CA GLU C 131 52.67 -11.70 34.23
C GLU C 131 51.52 -11.40 33.25
N GLN C 132 50.26 -11.66 33.64
CA GLN C 132 49.09 -11.33 32.82
C GLN C 132 48.74 -9.86 32.92
N THR C 133 49.69 -9.05 33.36
CA THR C 133 49.51 -7.61 33.52
C THR C 133 50.58 -6.86 32.66
N ALA C 134 50.36 -5.55 32.47
CA ALA C 134 51.30 -4.72 31.72
C ALA C 134 52.62 -4.50 32.45
N GLY C 135 52.54 -4.29 33.76
CA GLY C 135 53.71 -4.03 34.57
C GLY C 135 54.52 -5.30 34.66
N LYS C 136 53.92 -6.45 34.53
CA LYS C 136 54.72 -7.67 34.57
C LYS C 136 55.32 -7.92 35.94
N GLU C 137 55.21 -6.90 36.81
CA GLU C 137 55.79 -6.95 38.15
C GLU C 137 54.82 -7.24 39.29
N LYS C 138 53.57 -6.87 39.07
CA LYS C 138 52.59 -7.05 40.13
C LYS C 138 51.28 -7.64 39.60
N PRO C 139 50.63 -8.51 40.39
CA PRO C 139 49.33 -9.08 40.00
C PRO C 139 48.22 -8.01 39.95
N PHE C 140 47.07 -8.41 39.50
CA PHE C 140 46.03 -7.47 39.39
C PHE C 140 44.72 -8.11 39.75
N LEU C 141 43.86 -7.40 40.47
CA LEU C 141 42.54 -7.93 40.75
C LEU C 141 41.49 -6.94 40.40
N PHE C 142 40.36 -7.47 39.93
CA PHE C 142 39.20 -6.67 39.67
C PHE C 142 38.00 -7.55 39.77
N SER C 143 36.86 -6.93 40.16
CA SER C 143 35.56 -7.48 40.15
C SER C 143 34.77 -7.20 38.95
N GLN C 144 33.93 -8.17 38.67
CA GLN C 144 32.71 -8.02 37.88
C GLN C 144 31.49 -8.66 38.33
N ASN C 145 30.69 -7.97 39.08
CA ASN C 145 29.61 -8.55 39.80
C ASN C 145 28.30 -8.59 39.10
N GLN C 146 28.33 -8.29 37.87
CA GLN C 146 27.08 -8.31 37.12
C GLN C 146 27.01 -9.57 36.30
N ALA C 147 26.00 -10.42 36.52
CA ALA C 147 24.69 -10.02 37.07
C ALA C 147 24.53 -10.55 38.53
N ILE C 148 24.90 -11.83 38.77
CA ILE C 148 24.83 -12.39 40.09
C ILE C 148 26.18 -12.99 40.49
N HIS C 149 27.16 -12.05 40.56
CA HIS C 149 28.44 -12.53 40.98
C HIS C 149 28.95 -11.87 42.23
N ALA C 150 28.18 -10.91 42.79
CA ALA C 150 28.57 -10.23 43.99
C ALA C 150 28.62 -11.26 45.07
N ARG C 151 27.73 -12.23 45.03
CA ARG C 151 27.66 -13.24 46.10
C ARG C 151 28.92 -14.09 46.04
N SER C 152 29.68 -14.06 44.95
CA SER C 152 30.88 -14.93 44.96
C SER C 152 32.04 -14.51 45.89
N TRP C 153 31.91 -13.28 46.40
CA TRP C 153 32.86 -12.68 47.37
C TRP C 153 32.13 -11.74 48.37
N ILE C 154 30.82 -11.80 48.47
CA ILE C 154 30.12 -10.99 49.48
C ILE C 154 28.86 -11.75 49.86
N PRO C 155 28.69 -12.15 51.14
CA PRO C 155 27.40 -12.80 51.51
C PRO C 155 26.42 -11.63 51.63
N ILE C 156 25.44 -11.58 50.72
CA ILE C 156 24.47 -10.50 50.73
C ILE C 156 23.19 -10.88 50.02
N GLN C 157 22.26 -9.95 49.81
CA GLN C 157 21.03 -10.20 49.05
C GLN C 157 21.32 -9.65 47.63
N ASP C 158 21.93 -10.49 46.80
CA ASP C 158 22.35 -10.15 45.48
C ASP C 158 21.09 -10.02 44.68
N THR C 159 20.55 -8.83 44.63
CA THR C 159 19.31 -8.53 43.89
C THR C 159 19.42 -7.08 43.41
N PRO C 160 18.92 -6.75 42.21
CA PRO C 160 18.94 -5.36 41.80
C PRO C 160 17.83 -4.63 42.53
N SER C 161 17.03 -5.39 43.28
CA SER C 161 15.87 -4.80 43.94
C SER C 161 16.30 -4.32 45.30
N VAL C 162 17.46 -4.78 45.76
CA VAL C 162 18.01 -4.27 47.03
C VAL C 162 19.30 -3.43 46.97
N ARG C 163 19.08 -2.18 47.37
CA ARG C 163 20.14 -1.14 47.43
C ARG C 163 20.66 -0.87 48.87
N VAL C 164 22.00 -0.79 48.98
CA VAL C 164 22.63 -0.66 50.29
C VAL C 164 23.76 0.34 50.05
N THR C 165 24.23 1.03 51.08
CA THR C 165 25.41 1.93 50.97
C THR C 165 26.51 0.98 51.49
N TYR C 166 27.78 1.26 51.19
CA TYR C 166 28.82 0.42 51.72
C TYR C 166 30.02 1.21 52.16
N THR C 167 30.79 0.67 53.12
CA THR C 167 32.08 1.28 53.58
C THR C 167 32.91 0.05 53.57
N ALA C 168 34.19 0.14 53.25
CA ALA C 168 34.95 -1.12 53.16
C ALA C 168 36.38 -0.94 53.53
N ARG C 169 36.88 -1.66 54.50
CA ARG C 169 38.24 -1.59 54.86
C ARG C 169 38.93 -2.71 54.09
N ILE C 170 39.72 -2.31 53.12
CA ILE C 170 40.49 -3.27 52.31
C ILE C 170 41.97 -3.21 52.66
N THR C 171 42.55 -4.38 52.82
CA THR C 171 43.97 -4.50 53.17
C THR C 171 44.67 -5.16 52.02
N THR C 172 45.76 -4.59 51.55
CA THR C 172 46.54 -5.15 50.45
C THR C 172 48.02 -5.03 50.76
N ASP C 173 48.86 -5.52 49.84
CA ASP C 173 50.30 -5.37 49.97
C ASP C 173 50.74 -3.93 49.76
N LYS C 174 51.68 -3.45 50.55
CA LYS C 174 52.34 -2.22 50.15
C LYS C 174 52.68 -2.44 48.69
N ASP C 175 52.84 -1.35 47.95
CA ASP C 175 53.12 -1.41 46.52
C ASP C 175 51.93 -1.78 45.64
N LEU C 176 50.77 -1.99 46.25
CA LEU C 176 49.53 -2.19 45.50
C LEU C 176 48.46 -1.19 45.93
N LEU C 177 47.66 -0.73 44.98
CA LEU C 177 46.61 0.26 45.25
C LEU C 177 45.21 -0.38 45.17
N ALA C 178 44.31 -0.06 46.10
CA ALA C 178 42.94 -0.50 46.09
C ALA C 178 42.07 0.61 45.61
N VAL C 179 41.07 0.20 44.84
CA VAL C 179 40.11 1.07 44.17
C VAL C 179 38.75 0.40 44.16
N MET C 180 37.71 1.13 44.61
CA MET C 180 36.38 0.67 44.59
C MET C 180 35.41 1.66 44.01
N SER C 181 34.14 1.34 44.14
CA SER C 181 33.07 2.17 43.61
C SER C 181 32.49 3.01 44.76
N ALA C 182 33.40 3.76 45.35
CA ALA C 182 33.07 4.60 46.50
C ALA C 182 34.08 5.76 46.49
N ASN C 183 34.15 6.52 47.60
CA ASN C 183 35.07 7.60 47.75
C ASN C 183 36.35 7.03 48.32
N ASN C 184 37.46 7.31 47.65
CA ASN C 184 38.79 6.93 48.09
C ASN C 184 39.41 8.18 48.69
N ARG C 190 49.85 3.33 47.88
CA ARG C 190 50.04 3.59 49.29
C ARG C 190 50.34 2.44 50.22
N ASP C 191 49.73 2.58 51.39
CA ASP C 191 50.19 1.97 52.59
C ASP C 191 49.82 0.52 52.43
N GLY C 192 48.65 0.31 51.84
CA GLY C 192 48.16 -1.05 51.75
C GLY C 192 46.95 -1.15 52.63
N ASP C 193 46.56 -0.01 53.16
CA ASP C 193 45.50 0.11 54.12
C ASP C 193 44.60 1.21 53.65
N TYR C 194 43.53 0.83 52.96
CA TYR C 194 42.58 1.75 52.37
C TYR C 194 41.24 1.50 53.03
N PHE C 195 40.32 2.46 53.00
CA PHE C 195 39.03 2.17 53.59
C PHE C 195 38.26 2.97 52.55
N PHE C 196 37.11 2.49 52.01
CA PHE C 196 36.30 3.24 51.00
C PHE C 196 34.90 3.46 51.55
N SER C 197 34.19 4.45 51.06
CA SER C 197 32.87 4.78 51.51
C SER C 197 31.93 5.25 50.38
N MET C 198 30.86 4.53 50.13
CA MET C 198 29.83 4.92 49.17
C MET C 198 28.55 5.21 49.97
N PRO C 199 28.23 6.47 50.17
CA PRO C 199 27.04 6.95 50.94
C PRO C 199 25.79 7.01 50.09
N GLN C 200 25.94 6.55 48.85
CA GLN C 200 24.82 6.44 47.93
C GLN C 200 24.38 5.00 47.75
N ALA C 201 23.12 4.75 48.09
CA ALA C 201 22.56 3.41 48.03
C ALA C 201 22.60 2.82 46.62
N ILE C 202 23.29 1.70 46.45
CA ILE C 202 23.40 1.06 45.15
C ILE C 202 23.13 -0.46 45.18
N PRO C 203 22.61 -1.03 44.07
CA PRO C 203 22.47 -2.45 44.08
C PRO C 203 23.89 -3.13 44.02
N PRO C 204 24.09 -4.20 44.77
CA PRO C 204 25.36 -5.00 44.78
C PRO C 204 26.13 -5.29 43.48
N TYR C 205 25.52 -5.40 42.33
CA TYR C 205 26.31 -5.78 41.17
C TYR C 205 27.20 -4.58 40.84
N LEU C 206 26.96 -3.47 41.58
CA LEU C 206 27.67 -2.21 41.39
C LEU C 206 28.77 -2.01 42.45
N ILE C 207 28.90 -2.89 43.43
CA ILE C 207 29.97 -2.86 44.37
C ILE C 207 31.12 -3.44 43.55
N ALA C 208 32.18 -2.65 43.41
CA ALA C 208 33.31 -3.07 42.58
C ALA C 208 34.63 -2.79 43.24
N ILE C 209 35.63 -3.60 42.93
CA ILE C 209 36.95 -3.45 43.52
C ILE C 209 38.05 -3.81 42.48
N GLY C 210 39.14 -3.02 42.47
CA GLY C 210 40.25 -3.28 41.58
C GLY C 210 41.48 -3.13 42.44
N VAL C 211 42.44 -4.05 42.34
CA VAL C 211 43.69 -3.86 43.07
C VAL C 211 44.85 -4.17 42.15
N GLY C 212 45.81 -3.25 42.05
CA GLY C 212 47.00 -3.54 41.26
C GLY C 212 47.95 -2.37 41.31
N ASP C 213 48.95 -2.40 40.45
CA ASP C 213 49.95 -1.32 40.35
C ASP C 213 49.31 -0.17 39.54
N LEU C 214 48.45 0.58 40.20
CA LEU C 214 47.67 1.63 39.54
C LEU C 214 48.32 2.99 39.70
N GLU C 215 48.28 3.83 38.67
CA GLU C 215 48.75 5.21 38.73
C GLU C 215 47.54 6.09 38.45
N PHE C 216 47.57 7.36 38.80
CA PHE C 216 46.40 8.18 38.57
C PHE C 216 46.72 9.60 38.06
N LYS C 217 46.04 10.04 36.98
CA LYS C 217 46.15 11.40 36.45
C LYS C 217 44.74 11.81 36.22
N ALA C 218 44.33 13.01 36.43
CA ALA C 218 43.01 13.45 36.16
C ALA C 218 43.00 13.99 34.77
N MET C 219 41.82 14.56 34.46
CA MET C 219 41.64 15.21 33.17
C MET C 219 40.90 16.50 33.37
N SER C 220 39.85 16.44 34.19
CA SER C 220 39.02 17.62 34.50
C SER C 220 38.97 17.76 36.05
N HIS C 221 38.00 18.51 36.60
CA HIS C 221 37.85 18.63 38.03
C HIS C 221 37.17 17.47 38.70
N GLN C 222 36.41 16.74 37.90
CA GLN C 222 35.68 15.53 38.36
C GLN C 222 35.88 14.31 37.52
N THR C 223 36.90 14.29 36.72
CA THR C 223 37.19 13.06 35.92
C THR C 223 38.64 12.72 35.85
N GLY C 224 38.95 11.46 36.04
CA GLY C 224 40.33 11.00 35.99
C GLY C 224 40.47 9.57 35.57
N ILE C 225 41.70 9.11 35.46
CA ILE C 225 42.00 7.81 34.98
C ILE C 225 43.00 7.11 35.91
N TYR C 226 42.82 5.79 36.07
CA TYR C 226 43.75 4.92 36.82
C TYR C 226 44.29 3.84 35.85
N ALA C 227 45.59 3.60 35.75
CA ALA C 227 46.06 2.57 34.81
C ALA C 227 47.46 2.11 35.08
N GLU C 228 48.03 1.29 34.23
CA GLU C 228 49.38 0.74 34.43
C GLU C 228 50.50 1.49 33.74
N SER C 229 50.30 2.81 33.62
CA SER C 229 51.38 3.69 33.13
C SER C 229 51.56 3.59 31.65
N TYR C 230 51.69 2.36 31.11
CA TYR C 230 51.91 2.20 29.68
C TYR C 230 50.75 2.85 28.90
N ILE C 231 49.54 2.65 29.44
CA ILE C 231 48.34 3.09 28.80
C ILE C 231 47.80 4.36 29.45
N LEU C 232 48.44 4.75 30.55
CA LEU C 232 47.98 5.88 31.33
C LEU C 232 47.80 7.16 30.53
N ASP C 233 48.91 7.67 29.98
CA ASP C 233 48.85 8.93 29.26
C ASP C 233 48.11 8.86 27.91
N ALA C 234 48.02 7.66 27.37
CA ALA C 234 47.46 7.45 26.05
C ALA C 234 45.95 7.53 26.29
N ALA C 235 45.56 7.04 27.45
CA ALA C 235 44.19 7.01 27.88
C ALA C 235 43.68 8.38 28.21
N VAL C 236 44.52 9.20 28.83
CA VAL C 236 44.08 10.55 29.31
C VAL C 236 43.93 11.45 28.12
N ALA C 237 44.71 11.13 27.06
CA ALA C 237 44.59 11.79 25.73
C ALA C 237 43.35 11.38 24.92
N GLU C 238 42.86 10.19 25.27
CA GLU C 238 41.73 9.61 24.62
C GLU C 238 40.37 9.97 25.12
N PHE C 239 40.21 10.21 26.45
CA PHE C 239 38.85 10.44 27.03
C PHE C 239 38.76 11.78 27.67
N ASP C 240 39.60 12.68 27.23
CA ASP C 240 39.64 14.01 27.80
C ASP C 240 38.46 14.84 27.31
N ASP C 241 37.42 14.12 26.85
CA ASP C 241 36.21 14.74 26.33
C ASP C 241 35.09 14.41 27.30
N THR C 242 35.38 13.44 28.20
CA THR C 242 34.35 12.95 29.08
C THR C 242 33.73 14.01 29.98
N GLN C 243 34.52 14.98 30.38
CA GLN C 243 33.99 16.12 31.10
C GLN C 243 32.88 16.80 30.34
N ALA C 244 33.05 16.84 29.05
CA ALA C 244 32.10 17.39 28.12
C ALA C 244 30.90 16.53 28.08
N MET C 245 31.14 15.21 28.03
CA MET C 245 29.99 14.29 28.11
C MET C 245 29.07 14.59 29.30
N ILE C 246 29.66 14.86 30.49
CA ILE C 246 28.91 15.06 31.72
C ILE C 246 28.14 16.37 31.79
N ASP C 247 28.65 17.39 31.12
CA ASP C 247 28.02 18.70 31.16
C ASP C 247 26.95 18.83 30.10
N LYS C 248 27.17 18.21 28.94
CA LYS C 248 26.08 18.13 27.97
C LYS C 248 25.01 17.14 28.45
N ALA C 249 25.44 16.08 29.14
CA ALA C 249 24.51 15.10 29.70
C ALA C 249 23.65 15.63 30.86
N GLU C 250 24.23 16.49 31.70
CA GLU C 250 23.48 17.06 32.83
C GLU C 250 22.45 18.03 32.26
N GLN C 251 22.77 18.59 31.10
CA GLN C 251 21.92 19.63 30.53
C GLN C 251 20.55 19.10 30.19
N MET C 252 20.54 17.85 29.73
CA MET C 252 19.27 17.22 29.32
C MET C 252 18.71 16.20 30.30
N TYR C 253 19.60 15.45 30.96
CA TYR C 253 19.16 14.40 31.91
C TYR C 253 19.12 14.63 33.43
N GLY C 254 19.54 15.80 33.90
CA GLY C 254 19.56 16.11 35.36
C GLY C 254 20.99 15.99 35.90
N LYS C 255 21.18 16.29 37.20
CA LYS C 255 22.53 16.24 37.73
C LYS C 255 23.20 14.86 37.81
N TYR C 256 24.52 14.80 37.60
CA TYR C 256 25.34 13.61 37.81
C TYR C 256 25.48 13.48 39.32
N ARG C 257 24.55 12.76 39.96
CA ARG C 257 24.47 12.56 41.41
C ARG C 257 25.60 11.75 42.05
N TRP C 258 26.68 11.46 41.33
CA TRP C 258 27.79 10.68 41.97
C TRP C 258 29.09 11.39 42.29
N GLY C 259 29.19 12.68 41.94
CA GLY C 259 30.34 13.49 42.26
C GLY C 259 31.52 13.38 41.36
N ARG C 260 32.18 12.22 41.32
CA ARG C 260 33.39 12.12 40.55
C ARG C 260 33.07 11.03 39.54
N TYR C 261 33.78 10.99 38.40
CA TYR C 261 33.62 10.00 37.42
C TYR C 261 35.01 9.62 36.93
N ASP C 262 35.49 8.49 37.34
CA ASP C 262 36.82 8.05 36.88
C ASP C 262 36.79 6.87 35.95
N LEU C 263 37.95 6.55 35.40
CA LEU C 263 38.09 5.42 34.42
C LEU C 263 39.16 4.53 34.89
N LEU C 264 38.91 3.24 34.89
CA LEU C 264 39.86 2.31 35.42
C LEU C 264 40.16 1.43 34.23
N MET C 265 41.30 1.59 33.61
CA MET C 265 41.62 0.77 32.49
C MET C 265 42.05 -0.54 33.04
N LEU C 266 41.37 -1.61 32.63
CA LEU C 266 41.73 -2.96 33.09
C LEU C 266 42.68 -3.58 32.07
N PRO C 267 43.32 -4.72 32.43
CA PRO C 267 44.23 -5.36 31.43
C PRO C 267 43.44 -5.97 30.27
N PRO C 268 44.09 -6.20 29.12
CA PRO C 268 43.54 -6.74 27.86
C PRO C 268 42.66 -7.98 28.03
N SER C 269 42.65 -8.53 29.24
CA SER C 269 41.88 -9.70 29.57
C SER C 269 40.38 -9.38 29.85
N PHE C 270 40.07 -8.13 30.14
CA PHE C 270 38.68 -7.75 30.46
C PHE C 270 37.76 -8.27 29.35
N PRO C 271 36.77 -9.11 29.71
CA PRO C 271 35.80 -9.75 28.85
C PRO C 271 34.80 -8.81 28.15
N PHE C 272 34.48 -7.70 28.80
CA PHE C 272 33.51 -6.77 28.25
C PHE C 272 34.20 -5.52 27.72
N GLY C 273 33.40 -4.50 27.51
CA GLY C 273 33.86 -3.23 26.98
C GLY C 273 33.93 -2.31 28.18
N GLY C 274 33.11 -2.58 29.17
CA GLY C 274 33.16 -1.84 30.36
C GLY C 274 32.04 -2.01 31.31
N MET C 275 32.32 -1.86 32.61
CA MET C 275 31.26 -1.93 33.62
C MET C 275 31.01 -0.55 34.24
N GLU C 276 29.76 -0.18 34.37
CA GLU C 276 29.39 1.09 34.97
C GLU C 276 29.42 1.16 36.50
N ASN C 277 30.52 0.82 37.11
CA ASN C 277 30.62 0.80 38.53
C ASN C 277 30.66 2.24 38.97
N PRO C 278 29.68 2.66 39.81
CA PRO C 278 29.57 4.06 40.25
C PRO C 278 30.88 4.72 40.64
N ARG C 279 31.14 5.90 40.07
CA ARG C 279 32.32 6.69 40.31
C ARG C 279 33.60 6.05 39.66
N LEU C 280 33.58 4.78 39.24
CA LEU C 280 34.81 4.17 38.71
C LEU C 280 34.42 3.17 37.60
N SER C 281 34.35 3.62 36.34
CA SER C 281 33.96 2.73 35.26
C SER C 281 35.15 1.85 34.83
N PHE C 282 34.95 0.54 34.76
CA PHE C 282 36.04 -0.37 34.36
C PHE C 282 36.13 -0.45 32.84
N ILE C 283 37.15 0.14 32.23
CA ILE C 283 37.25 0.15 30.78
C ILE C 283 38.32 -0.77 30.15
N THR C 284 37.95 -1.31 29.02
CA THR C 284 38.84 -2.20 28.25
C THR C 284 39.85 -1.33 27.52
N PRO C 285 41.13 -1.82 27.38
CA PRO C 285 42.21 -1.15 26.71
C PRO C 285 42.00 -1.08 25.20
N THR C 286 41.10 -1.92 24.73
CA THR C 286 40.73 -2.01 23.32
C THR C 286 40.13 -0.74 22.75
N VAL C 287 39.80 0.24 23.60
CA VAL C 287 39.18 1.48 23.12
C VAL C 287 40.13 2.65 22.99
N VAL C 288 41.32 2.48 23.53
CA VAL C 288 42.35 3.51 23.42
C VAL C 288 42.96 3.30 22.04
N ALA C 289 42.30 3.88 21.05
CA ALA C 289 42.62 3.73 19.64
C ALA C 289 43.59 4.79 19.13
N GLY C 290 43.48 5.99 19.68
CA GLY C 290 44.36 7.03 19.24
C GLY C 290 43.63 8.10 18.44
N ASP C 291 42.36 7.90 18.07
CA ASP C 291 41.62 8.87 17.26
C ASP C 291 40.26 9.27 17.85
N LYS C 292 39.95 8.71 19.03
CA LYS C 292 38.68 8.99 19.70
C LYS C 292 37.42 8.39 19.02
N SER C 293 37.61 7.36 18.20
CA SER C 293 36.54 6.73 17.43
C SER C 293 35.60 5.84 18.21
N LEU C 294 36.20 5.07 19.12
CA LEU C 294 35.49 4.07 19.96
C LEU C 294 35.06 4.63 21.29
N VAL C 295 35.07 5.93 21.38
CA VAL C 295 34.74 6.68 22.55
C VAL C 295 33.29 6.61 22.98
N ASN C 296 32.37 6.31 22.09
CA ASN C 296 30.94 6.26 22.51
C ASN C 296 30.80 5.25 23.64
N LEU C 297 31.81 4.35 23.75
CA LEU C 297 31.79 3.40 24.85
C LEU C 297 31.75 4.15 26.15
N ILE C 298 32.62 5.17 26.31
CA ILE C 298 32.63 5.93 27.57
C ILE C 298 31.38 6.79 27.81
N ALA C 299 30.74 7.16 26.72
CA ALA C 299 29.55 8.04 26.77
C ALA C 299 28.52 7.11 27.25
N HIS C 300 28.66 5.86 26.80
CA HIS C 300 27.76 4.78 27.18
C HIS C 300 27.84 4.39 28.65
N GLU C 301 29.04 4.46 29.22
CA GLU C 301 29.16 4.07 30.59
C GLU C 301 28.70 5.24 31.48
N LEU C 302 28.88 6.46 30.98
CA LEU C 302 28.51 7.60 31.71
C LEU C 302 26.97 7.71 31.72
N ALA C 303 26.33 7.07 30.75
CA ALA C 303 24.87 7.09 30.62
C ALA C 303 24.21 6.28 31.73
N HIS C 304 24.86 5.19 32.12
CA HIS C 304 24.35 4.35 33.15
C HIS C 304 24.13 5.11 34.40
N SER C 305 24.99 6.09 34.67
CA SER C 305 24.87 6.89 35.88
C SER C 305 23.40 7.32 36.13
N TRP C 306 22.62 7.31 35.05
CA TRP C 306 21.19 7.57 35.14
C TRP C 306 20.31 6.32 34.95
N SER C 307 20.60 5.55 33.92
CA SER C 307 19.86 4.32 33.60
C SER C 307 20.71 3.12 33.96
N GLY C 308 20.31 2.47 35.05
CA GLY C 308 20.99 1.32 35.50
C GLY C 308 21.87 1.45 36.74
N ASN C 309 21.93 2.68 37.26
CA ASN C 309 22.70 3.05 38.42
C ASN C 309 21.84 3.92 39.30
N LEU C 310 21.24 4.92 38.73
CA LEU C 310 20.42 5.86 39.55
C LEU C 310 19.10 5.26 39.73
N VAL C 311 18.58 4.71 38.63
CA VAL C 311 17.30 3.98 38.54
C VAL C 311 17.62 2.61 37.98
N THR C 312 17.33 1.57 38.74
CA THR C 312 17.74 0.21 38.34
C THR C 312 16.62 -0.79 38.23
N ASN C 313 16.75 -1.68 37.26
CA ASN C 313 15.79 -2.72 37.02
C ASN C 313 15.63 -3.56 38.29
N GLU C 314 14.41 -3.87 38.76
CA GLU C 314 14.26 -4.74 39.86
C GLU C 314 14.68 -6.18 39.58
N SER C 315 14.44 -6.65 38.38
CA SER C 315 14.82 -8.01 38.05
C SER C 315 15.67 -8.05 36.79
N TRP C 316 16.07 -9.21 36.37
CA TRP C 316 16.85 -9.28 35.13
C TRP C 316 16.02 -9.43 33.86
N ARG C 317 14.71 -9.31 34.03
CA ARG C 317 13.79 -9.33 32.90
C ARG C 317 13.48 -7.86 32.61
N ASP C 318 13.90 -6.94 33.49
CA ASP C 318 13.67 -5.51 33.24
C ASP C 318 14.96 -4.86 32.83
N LEU C 319 15.87 -5.74 32.47
CA LEU C 319 17.23 -5.40 32.09
C LEU C 319 17.27 -4.45 30.94
N TRP C 320 16.23 -4.38 30.14
CA TRP C 320 16.14 -3.42 29.01
C TRP C 320 15.91 -1.95 29.48
N LEU C 321 15.43 -1.73 30.72
CA LEU C 321 15.10 -0.38 31.20
C LEU C 321 16.45 0.27 31.45
N ASN C 322 17.44 -0.61 31.49
CA ASN C 322 18.80 -0.29 31.78
C ASN C 322 19.50 -0.03 30.52
N GLU C 323 19.70 -1.06 29.69
CA GLU C 323 20.44 -0.91 28.42
C GLU C 323 19.72 -0.07 27.43
N GLY C 324 18.39 -0.19 27.39
CA GLY C 324 17.59 0.60 26.47
C GLY C 324 17.89 2.05 26.59
N PHE C 325 17.48 2.58 27.71
CA PHE C 325 17.72 4.00 28.04
C PHE C 325 19.17 4.42 28.06
N THR C 326 20.06 3.55 28.52
CA THR C 326 21.47 3.89 28.52
C THR C 326 21.97 3.95 27.11
N SER C 327 21.43 3.13 26.25
CA SER C 327 21.87 3.24 24.82
C SER C 327 21.34 4.52 24.19
N TYR C 328 20.07 4.81 24.45
CA TYR C 328 19.47 6.04 23.94
C TYR C 328 20.17 7.34 24.37
N VAL C 329 20.41 7.43 25.70
CA VAL C 329 21.17 8.50 26.37
C VAL C 329 22.59 8.47 25.90
N GLU C 330 23.18 7.30 25.64
CA GLU C 330 24.53 7.27 25.17
C GLU C 330 24.66 8.12 23.90
N ASN C 331 23.74 7.91 22.93
CA ASN C 331 23.79 8.57 21.61
C ASN C 331 23.58 10.04 21.77
N ARG C 332 22.61 10.45 22.61
CA ARG C 332 22.32 11.83 22.78
C ARG C 332 23.57 12.58 23.22
N ILE C 333 24.27 12.06 24.20
CA ILE C 333 25.50 12.67 24.70
C ILE C 333 26.50 12.68 23.58
N MET C 334 26.45 11.73 22.63
CA MET C 334 27.36 11.75 21.45
C MET C 334 26.98 12.85 20.45
N GLU C 335 25.69 13.08 20.34
CA GLU C 335 25.19 14.15 19.47
C GLU C 335 25.58 15.51 19.99
N ALA C 336 25.48 15.67 21.31
CA ALA C 336 25.68 16.98 21.97
C ALA C 336 27.16 17.35 21.94
N VAL C 337 28.05 16.40 22.18
CA VAL C 337 29.43 16.76 22.12
C VAL C 337 30.15 16.58 20.78
N PHE C 338 29.74 15.58 19.97
CA PHE C 338 30.36 15.34 18.66
C PHE C 338 29.51 15.73 17.43
N GLY C 339 28.21 15.95 17.64
CA GLY C 339 27.40 16.27 16.50
C GLY C 339 26.56 15.15 15.95
N THR C 340 25.43 15.50 15.33
CA THR C 340 24.45 14.48 14.91
C THR C 340 24.86 13.63 13.73
N ASP C 341 25.84 14.04 12.97
CA ASP C 341 26.36 13.16 11.93
C ASP C 341 27.20 12.01 12.46
N ARG C 342 27.92 12.25 13.53
CA ARG C 342 28.71 11.20 14.22
C ARG C 342 27.71 10.29 14.96
N ALA C 343 26.68 10.93 15.53
CA ALA C 343 25.61 10.33 16.29
C ALA C 343 24.77 9.36 15.54
N VAL C 344 24.30 9.73 14.34
CA VAL C 344 23.41 8.84 13.62
C VAL C 344 24.23 7.86 12.77
N MET C 345 25.50 8.17 12.58
CA MET C 345 26.40 7.31 11.92
C MET C 345 26.58 6.16 12.89
N GLU C 346 26.25 6.38 14.17
CA GLU C 346 26.42 5.33 15.14
C GLU C 346 25.13 4.58 15.42
N GLN C 347 24.00 5.24 15.20
CA GLN C 347 22.73 4.57 15.37
C GLN C 347 22.40 3.66 14.22
N ALA C 348 22.95 3.95 13.05
CA ALA C 348 22.87 3.07 11.91
C ALA C 348 23.78 1.87 12.15
N LEU C 349 25.06 2.07 12.15
CA LEU C 349 26.03 1.00 12.39
C LEU C 349 25.53 0.01 13.45
N GLY C 350 24.80 0.53 14.44
CA GLY C 350 24.33 -0.33 15.52
C GLY C 350 23.06 -1.03 15.15
N ALA C 351 22.11 -0.31 14.54
CA ALA C 351 20.82 -0.92 14.05
C ALA C 351 21.00 -2.06 13.02
N GLN C 352 22.13 -2.06 12.29
CA GLN C 352 22.47 -3.13 11.35
C GLN C 352 22.83 -4.43 12.04
N ASP C 353 23.38 -4.32 13.24
CA ASP C 353 23.75 -5.49 14.06
C ASP C 353 22.53 -6.06 14.81
N LEU C 354 21.66 -5.17 15.26
CA LEU C 354 20.38 -5.56 15.85
C LEU C 354 19.69 -6.45 14.85
N ASN C 355 19.50 -6.00 13.61
CA ASN C 355 18.92 -6.79 12.56
C ASN C 355 19.71 -8.10 12.30
N ALA C 356 21.03 -8.06 12.32
CA ALA C 356 21.81 -9.28 12.14
C ALA C 356 21.58 -10.23 13.27
N GLU C 357 21.45 -9.67 14.48
CA GLU C 357 21.18 -10.47 15.69
C GLU C 357 19.77 -11.03 15.81
N ILE C 358 18.77 -10.25 15.43
CA ILE C 358 17.39 -10.75 15.45
C ILE C 358 17.41 -12.04 14.64
N LEU C 359 18.18 -12.05 13.54
CA LEU C 359 18.23 -13.22 12.67
C LEU C 359 18.81 -14.50 13.28
N GLU C 360 19.97 -14.37 13.93
CA GLU C 360 20.61 -15.50 14.63
C GLU C 360 19.98 -15.72 15.97
N LEU C 361 19.02 -14.93 16.31
CA LEU C 361 18.40 -15.05 17.63
C LEU C 361 17.07 -15.73 17.65
N ASP C 362 16.83 -16.38 18.76
CA ASP C 362 15.62 -17.02 19.07
C ASP C 362 14.48 -16.00 19.24
N ALA C 363 13.38 -16.23 18.57
CA ALA C 363 12.31 -15.28 18.48
C ALA C 363 11.62 -15.25 19.80
N SER C 364 12.37 -15.13 20.87
CA SER C 364 11.72 -15.09 22.19
C SER C 364 12.58 -14.14 23.03
N ASP C 365 13.89 -14.20 22.72
CA ASP C 365 14.89 -13.35 23.30
C ASP C 365 14.89 -11.97 22.63
N THR C 366 14.24 -11.83 21.46
CA THR C 366 14.21 -10.57 20.78
C THR C 366 13.15 -9.68 21.44
N GLN C 367 12.48 -10.20 22.41
CA GLN C 367 11.46 -9.46 23.12
C GLN C 367 12.13 -8.51 24.07
N LEU C 368 11.67 -7.34 24.43
CA LEU C 368 12.32 -6.45 25.41
C LEU C 368 12.23 -6.97 26.90
N TYR C 369 10.98 -7.25 27.34
CA TYR C 369 10.68 -7.84 28.64
C TYR C 369 10.90 -9.37 28.47
N ILE C 370 12.17 -9.75 28.33
CA ILE C 370 12.62 -11.06 28.00
C ILE C 370 12.34 -12.04 29.11
N ASP C 371 12.03 -13.29 28.75
CA ASP C 371 11.87 -14.39 29.69
C ASP C 371 13.19 -15.11 29.70
N LEU C 372 13.69 -15.28 30.91
CA LEU C 372 14.99 -15.91 31.12
C LEU C 372 14.97 -17.44 31.00
N LYS C 373 13.80 -18.03 31.21
CA LYS C 373 13.65 -19.44 31.07
C LYS C 373 14.44 -20.23 32.05
N GLY C 374 14.90 -19.60 33.14
CA GLY C 374 15.62 -20.28 34.22
C GLY C 374 17.11 -20.30 33.91
N ARG C 375 17.51 -19.63 32.83
CA ARG C 375 18.91 -19.62 32.40
C ARG C 375 19.80 -18.75 33.26
N ASP C 376 21.07 -18.63 32.84
CA ASP C 376 22.04 -17.74 33.49
C ASP C 376 21.86 -16.35 32.95
N PRO C 377 21.71 -15.33 33.84
CA PRO C 377 21.53 -13.93 33.42
C PRO C 377 22.62 -13.42 32.43
N ASP C 378 23.66 -14.22 32.26
CA ASP C 378 24.76 -13.91 31.36
C ASP C 378 24.54 -14.63 30.02
N ASP C 379 24.13 -15.92 30.08
CA ASP C 379 23.76 -16.70 28.91
C ASP C 379 22.68 -15.93 28.18
N ALA C 380 21.55 -15.73 28.85
CA ALA C 380 20.44 -14.91 28.31
C ALA C 380 20.86 -13.45 28.18
N PHE C 381 21.65 -13.18 27.16
CA PHE C 381 22.19 -11.83 26.94
C PHE C 381 22.41 -11.54 25.43
N SER C 382 21.82 -10.44 24.98
CA SER C 382 21.98 -10.06 23.61
C SER C 382 22.12 -8.55 23.43
N GLY C 383 21.90 -8.09 22.21
CA GLY C 383 22.03 -6.69 21.91
C GLY C 383 20.63 -6.12 21.91
N VAL C 384 19.68 -7.00 21.90
CA VAL C 384 18.30 -6.57 21.89
C VAL C 384 17.90 -5.38 22.79
N PRO C 385 18.00 -5.55 24.13
CA PRO C 385 17.56 -4.48 25.06
C PRO C 385 18.19 -3.07 24.80
N TYR C 386 19.46 -3.02 24.37
CA TYR C 386 20.19 -1.80 23.99
C TYR C 386 19.70 -1.06 22.77
N VAL C 387 19.79 -1.72 21.60
CA VAL C 387 19.42 -1.07 20.35
C VAL C 387 17.91 -1.03 20.12
N LYS C 388 17.21 -2.10 20.46
CA LYS C 388 15.79 -2.11 20.30
C LYS C 388 15.10 -1.25 21.37
N GLY C 389 15.72 -1.16 22.55
CA GLY C 389 15.18 -0.41 23.61
C GLY C 389 15.50 1.01 23.28
N GLN C 390 16.54 1.21 22.46
CA GLN C 390 16.89 2.56 21.99
C GLN C 390 16.01 3.03 20.87
N LEU C 391 15.75 2.16 19.87
CA LEU C 391 14.90 2.54 18.76
C LEU C 391 13.53 2.80 19.36
N PHE C 392 13.21 2.12 20.45
CA PHE C 392 11.92 2.26 21.09
C PHE C 392 11.73 3.64 21.64
N LEU C 393 12.76 4.14 22.32
CA LEU C 393 12.68 5.44 22.94
C LEU C 393 12.89 6.51 21.87
N MET C 394 13.61 6.15 20.81
CA MET C 394 13.72 7.04 19.64
C MET C 394 12.41 7.25 18.94
N TYR C 395 11.55 6.28 19.11
CA TYR C 395 10.26 6.17 18.49
C TYR C 395 9.36 7.16 19.27
N LEU C 396 9.49 7.17 20.57
CA LEU C 396 8.66 8.07 21.39
C LEU C 396 9.17 9.47 21.21
N GLU C 397 10.46 9.57 20.88
CA GLU C 397 11.10 10.90 20.64
C GLU C 397 10.43 11.45 19.41
N GLU C 398 10.63 10.82 18.25
CA GLU C 398 9.99 11.26 17.04
C GLU C 398 8.53 11.54 17.20
N LYS C 399 7.84 10.79 18.02
CA LYS C 399 6.44 10.85 18.15
C LYS C 399 5.97 12.06 18.93
N PHE C 400 6.74 12.39 19.99
CA PHE C 400 6.46 13.52 20.93
C PHE C 400 7.33 14.78 20.76
N GLY C 401 8.55 14.61 20.22
CA GLY C 401 9.48 15.72 20.14
C GLY C 401 10.39 15.62 21.37
N ARG C 402 11.56 16.25 21.30
CA ARG C 402 12.55 16.19 22.38
C ARG C 402 12.00 17.05 23.53
N GLU C 403 11.51 18.25 23.20
CA GLU C 403 10.95 19.09 24.26
C GLU C 403 10.14 18.24 25.21
N ARG C 404 9.02 17.64 24.73
CA ARG C 404 8.13 16.81 25.55
C ARG C 404 8.78 15.49 25.98
N PHE C 405 9.54 14.85 25.07
CA PHE C 405 10.08 13.55 25.42
C PHE C 405 11.12 13.71 26.51
N ASP C 406 12.06 14.64 26.25
CA ASP C 406 13.20 14.91 27.14
C ASP C 406 12.78 15.42 28.50
N ALA C 407 11.69 16.18 28.61
CA ALA C 407 11.24 16.74 29.86
C ALA C 407 10.75 15.58 30.68
N PHE C 408 10.00 14.69 30.05
CA PHE C 408 9.47 13.42 30.62
C PHE C 408 10.70 12.57 31.08
N VAL C 409 11.62 12.22 30.15
CA VAL C 409 12.75 11.40 30.53
C VAL C 409 13.47 12.02 31.71
N LEU C 410 13.58 13.36 31.75
CA LEU C 410 14.29 14.00 32.87
C LEU C 410 13.50 13.70 34.15
N GLU C 411 12.18 13.93 34.13
CA GLU C 411 11.36 13.62 35.35
C GLU C 411 11.46 12.13 35.69
N TYR C 412 11.50 11.27 34.67
CA TYR C 412 11.61 9.83 34.84
C TYR C 412 12.80 9.50 35.75
N PHE C 413 13.95 10.07 35.45
CA PHE C 413 15.15 9.87 36.26
C PHE C 413 15.11 10.57 37.63
N ASP C 414 14.57 11.81 37.68
CA ASP C 414 14.42 12.49 38.97
C ASP C 414 13.52 11.70 39.86
N SER C 415 12.38 11.30 39.36
CA SER C 415 11.31 10.63 40.18
C SER C 415 11.72 9.24 40.67
N HIS C 416 12.69 8.58 40.02
CA HIS C 416 13.11 7.22 40.43
C HIS C 416 14.49 7.24 40.99
N ALA C 417 14.93 8.41 41.48
CA ALA C 417 16.28 8.60 41.99
C ALA C 417 16.62 7.53 43.04
N PHE C 418 17.60 6.67 42.72
CA PHE C 418 18.10 5.66 43.68
C PHE C 418 17.01 4.56 44.02
N GLN C 419 16.20 4.29 43.02
CA GLN C 419 15.06 3.38 43.11
C GLN C 419 15.22 2.20 42.17
N SER C 420 14.29 1.26 42.31
CA SER C 420 14.23 0.06 41.47
C SER C 420 12.94 0.19 40.62
N LEU C 421 12.89 -0.48 39.49
CA LEU C 421 11.68 -0.42 38.62
C LEU C 421 11.53 -1.69 37.77
N GLY C 422 10.29 -2.10 37.62
CA GLY C 422 9.93 -3.24 36.81
C GLY C 422 9.20 -2.80 35.58
N THR C 423 9.26 -3.61 34.54
CA THR C 423 8.64 -3.31 33.27
C THR C 423 7.21 -2.84 33.41
N ASP C 424 6.38 -3.61 34.10
CA ASP C 424 4.96 -3.25 34.33
C ASP C 424 4.71 -1.87 34.85
N ASN C 425 5.55 -1.42 35.77
CA ASN C 425 5.44 -0.08 36.36
C ASN C 425 6.02 1.04 35.48
N PHE C 426 7.10 0.74 34.78
CA PHE C 426 7.58 1.64 33.78
C PHE C 426 6.45 2.04 32.88
N VAL C 427 5.65 1.08 32.45
CA VAL C 427 4.56 1.32 31.53
C VAL C 427 3.53 2.24 32.17
N LYS C 428 3.12 1.93 33.39
CA LYS C 428 2.15 2.74 34.12
C LYS C 428 2.62 4.20 34.04
N TYR C 429 3.92 4.42 34.33
CA TYR C 429 4.59 5.74 34.34
C TYR C 429 4.73 6.42 32.96
N LEU C 430 5.03 5.59 31.96
CA LEU C 430 5.22 5.98 30.59
C LEU C 430 3.92 6.40 30.03
N LYS C 431 2.83 5.85 30.55
CA LYS C 431 1.49 6.29 30.14
C LYS C 431 1.05 7.51 30.90
N ALA C 432 1.11 7.46 32.21
CA ALA C 432 0.69 8.55 33.06
C ALA C 432 1.50 9.82 32.82
N ASN C 433 2.69 9.68 32.25
CA ASN C 433 3.56 10.88 32.04
C ASN C 433 3.99 11.18 30.64
N LEU C 434 3.49 10.36 29.70
CA LEU C 434 3.71 10.64 28.29
C LEU C 434 2.49 10.38 27.40
N THR C 435 2.29 9.11 27.21
CA THR C 435 1.36 8.49 26.29
C THR C 435 -0.04 8.90 26.69
N ASP C 436 -0.24 9.23 27.96
CA ASP C 436 -1.55 9.63 28.39
C ASP C 436 -1.49 11.09 28.72
N LYS C 437 -0.30 11.61 28.93
CA LYS C 437 -0.21 13.02 29.23
C LYS C 437 -0.55 13.80 28.00
N TYR C 438 0.07 13.37 26.91
CA TYR C 438 -0.21 13.88 25.55
C TYR C 438 -0.81 12.70 24.77
N PRO C 439 -2.14 12.54 24.89
CA PRO C 439 -2.97 11.44 24.39
C PRO C 439 -3.16 11.45 22.88
N ASN C 440 -3.37 10.26 22.31
CA ASN C 440 -3.64 10.14 20.89
C ASN C 440 -2.46 10.21 19.95
N ILE C 441 -1.25 10.10 20.51
CA ILE C 441 -0.06 10.10 19.67
C ILE C 441 0.42 8.69 19.56
N VAL C 442 0.67 8.09 20.73
CA VAL C 442 1.01 6.66 20.80
C VAL C 442 -0.06 5.84 21.56
N SER C 443 -0.39 4.69 20.97
CA SER C 443 -1.41 3.77 21.55
C SER C 443 -0.78 2.63 22.32
N ASP C 444 -1.45 2.25 23.39
CA ASP C 444 -0.92 1.20 24.24
C ASP C 444 -0.60 -0.08 23.45
N ASN C 445 -0.95 -0.09 22.16
CA ASN C 445 -0.70 -1.26 21.32
C ASN C 445 0.70 -1.17 20.79
N GLU C 446 1.16 0.06 20.59
CA GLU C 446 2.47 0.32 20.11
C GLU C 446 3.45 0.14 21.25
N ILE C 447 2.94 0.42 22.44
CA ILE C 447 3.76 0.25 23.65
C ILE C 447 3.93 -1.21 23.96
N ASN C 448 2.82 -1.94 24.03
CA ASN C 448 2.89 -3.38 24.33
C ASN C 448 3.67 -4.13 23.27
N GLU C 449 3.54 -3.63 22.04
CA GLU C 449 4.11 -4.29 20.90
C GLU C 449 5.64 -4.16 21.01
N TRP C 450 6.08 -2.95 21.35
CA TRP C 450 7.46 -2.59 21.53
C TRP C 450 8.23 -3.37 22.55
N ILE C 451 7.63 -3.52 23.75
CA ILE C 451 8.26 -4.26 24.85
C ILE C 451 8.07 -5.76 25.07
N PHE C 452 7.00 -6.30 24.49
CA PHE C 452 6.64 -7.71 24.68
C PHE C 452 6.80 -8.67 23.46
N LYS C 453 6.79 -8.14 22.21
CA LYS C 453 6.81 -8.96 21.01
C LYS C 453 8.22 -9.13 20.46
N ALA C 454 8.49 -10.25 19.79
CA ALA C 454 9.79 -10.50 19.21
C ALA C 454 9.93 -9.64 17.98
N GLY C 455 11.15 -9.66 17.40
CA GLY C 455 11.53 -8.80 16.26
C GLY C 455 11.15 -7.31 16.41
N LEU C 456 11.30 -6.50 15.34
CA LEU C 456 11.02 -5.08 15.40
C LEU C 456 9.64 -4.78 14.79
N PRO C 457 8.95 -3.71 15.24
CA PRO C 457 7.63 -3.31 14.80
C PRO C 457 7.48 -2.79 13.37
N SER C 458 8.55 -2.85 12.57
CA SER C 458 8.42 -2.39 11.18
C SER C 458 8.28 -0.85 11.13
N TYR C 459 7.48 -0.28 12.04
CA TYR C 459 7.40 1.17 12.13
C TYR C 459 8.48 1.64 13.07
N ALA C 460 9.37 0.73 13.45
CA ALA C 460 10.51 1.01 14.31
C ALA C 460 11.50 1.90 13.58
N PRO C 461 11.91 3.06 14.17
CA PRO C 461 12.81 3.96 13.52
C PRO C 461 13.95 3.19 12.87
N GLN C 462 14.39 3.65 11.72
CA GLN C 462 15.48 2.93 11.07
C GLN C 462 16.54 3.93 10.59
N PRO C 463 17.35 4.47 11.55
CA PRO C 463 18.36 5.46 11.34
C PRO C 463 19.22 5.09 10.12
N THR C 464 19.50 6.15 9.37
CA THR C 464 19.96 6.10 7.99
C THR C 464 20.96 7.21 8.09
N SER C 465 22.14 7.02 7.53
CA SER C 465 23.18 7.99 7.60
C SER C 465 23.50 8.33 6.15
N ASN C 466 23.33 9.57 5.73
CA ASN C 466 23.86 9.87 4.41
C ASN C 466 25.24 9.33 4.01
N ALA C 467 26.29 9.66 4.75
CA ALA C 467 27.72 9.30 4.48
C ALA C 467 27.89 7.86 4.25
N PHE C 468 27.08 7.08 4.97
CA PHE C 468 27.21 5.64 4.92
C PHE C 468 26.77 5.28 3.52
N LYS C 469 25.82 6.06 3.00
CA LYS C 469 24.93 5.58 2.04
C LYS C 469 25.45 6.04 0.72
N VAL C 470 26.11 7.17 0.71
CA VAL C 470 27.06 7.37 -0.36
C VAL C 470 28.00 6.22 -0.57
N ILE C 471 28.23 5.45 0.45
CA ILE C 471 29.21 4.39 0.40
C ILE C 471 28.61 3.16 -0.19
N ASP C 472 27.42 2.85 0.28
CA ASP C 472 26.58 1.88 -0.32
C ASP C 472 26.60 1.86 -1.84
N LYS C 473 26.69 3.04 -2.43
CA LYS C 473 26.57 3.31 -3.85
C LYS C 473 27.91 3.04 -4.48
N GLN C 474 28.94 3.56 -3.82
CA GLN C 474 30.31 3.14 -4.00
C GLN C 474 30.74 1.70 -3.83
N ILE C 475 30.21 0.94 -2.87
CA ILE C 475 30.66 -0.46 -2.66
C ILE C 475 30.42 -1.19 -4.01
N ASN C 476 29.63 -0.56 -4.88
CA ASN C 476 29.31 -1.13 -6.18
C ASN C 476 30.53 -1.20 -7.10
N GLN C 477 31.27 -1.58 -6.74
CA GLN C 477 32.48 -1.90 -7.49
C GLN C 477 32.27 -3.13 -8.36
N LEU C 478 31.01 -3.48 -8.60
CA LEU C 478 30.67 -4.63 -9.42
C LEU C 478 31.26 -5.91 -8.84
N VAL C 479 32.32 -6.41 -9.48
CA VAL C 479 32.99 -7.62 -9.03
C VAL C 479 34.39 -7.32 -8.51
N THR C 480 34.61 -6.06 -8.12
CA THR C 480 35.91 -5.65 -7.60
C THR C 480 36.78 -5.04 -8.71
N ASP C 481 36.69 -3.73 -8.87
CA ASP C 481 37.45 -3.03 -9.89
C ASP C 481 36.79 -3.15 -11.26
N GLU C 482 35.48 -3.34 -11.27
CA GLU C 482 34.73 -3.47 -12.51
C GLU C 482 34.35 -2.09 -13.07
N LEU C 483 34.19 -1.12 -12.18
CA LEU C 483 33.85 0.23 -12.59
C LEU C 483 34.90 1.24 -12.14
N THR C 484 35.21 1.22 -10.85
CA THR C 484 36.21 2.13 -10.30
C THR C 484 37.16 1.40 -9.34
N LEU C 485 38.31 1.56 -9.63
CA LEU C 485 39.37 0.91 -8.87
C LEU C 485 39.16 1.07 -7.36
N GLU C 486 40.20 1.52 -6.67
CA GLU C 486 40.14 1.73 -5.23
C GLU C 486 39.98 3.20 -4.88
N GLN C 487 40.24 4.06 -5.86
CA GLN C 487 40.13 5.49 -5.65
C GLN C 487 38.73 5.92 -5.25
N LEU C 488 38.40 5.67 -3.98
CA LEU C 488 37.33 6.38 -3.34
C LEU C 488 37.85 7.38 -2.34
N PRO C 489 36.93 7.90 -1.55
CA PRO C 489 37.24 8.85 -0.47
C PRO C 489 37.85 8.22 0.82
N THR C 490 38.46 7.04 0.72
CA THR C 490 39.06 6.33 1.85
C THR C 490 39.90 7.26 2.72
N ALA C 491 40.76 8.06 2.10
CA ALA C 491 41.60 8.94 2.87
C ALA C 491 40.73 9.89 3.67
N GLN C 492 39.43 9.77 3.58
CA GLN C 492 38.56 10.62 4.38
C GLN C 492 37.58 9.83 5.25
N TRP C 493 37.65 8.49 5.12
CA TRP C 493 36.79 7.58 5.85
C TRP C 493 37.12 7.48 7.33
N THR C 494 36.11 7.77 8.14
CA THR C 494 36.15 7.68 9.57
C THR C 494 35.98 6.22 9.95
N LEU C 495 36.39 5.85 11.16
CA LEU C 495 36.17 4.51 11.72
C LEU C 495 34.76 4.10 11.47
N HIS C 496 33.81 4.93 11.80
CA HIS C 496 32.48 4.66 11.36
C HIS C 496 32.36 4.32 9.88
N GLU C 497 33.05 5.04 9.00
CA GLU C 497 32.80 4.83 7.62
C GLU C 497 33.44 3.67 7.02
N TRP C 498 33.90 2.70 7.76
CA TRP C 498 35.00 1.93 7.26
C TRP C 498 34.59 0.59 7.72
N LEU C 499 33.55 0.64 8.50
CA LEU C 499 33.06 -0.54 9.13
C LEU C 499 31.79 -0.76 8.35
N HIS C 500 31.18 0.32 7.88
CA HIS C 500 30.03 0.25 7.00
C HIS C 500 30.52 -0.31 5.70
N PHE C 501 31.62 0.18 5.17
CA PHE C 501 32.19 -0.39 3.95
C PHE C 501 32.57 -1.85 4.10
N ILE C 502 33.43 -2.15 5.06
CA ILE C 502 33.91 -3.50 5.24
C ILE C 502 32.74 -4.47 5.22
N ASN C 503 31.81 -4.33 6.15
CA ASN C 503 30.82 -5.38 6.24
C ASN C 503 29.36 -5.07 5.93
N ASN C 504 29.15 -4.06 5.09
CA ASN C 504 28.12 -4.10 4.07
C ASN C 504 28.67 -4.49 2.71
N LEU C 505 29.87 -5.05 2.73
CA LEU C 505 30.59 -5.42 1.52
C LEU C 505 30.16 -6.85 1.16
N PRO C 506 29.98 -7.16 -0.15
CA PRO C 506 29.57 -8.50 -0.54
C PRO C 506 30.50 -9.58 -0.03
N VAL C 507 29.91 -10.60 0.57
CA VAL C 507 30.66 -11.75 1.06
C VAL C 507 31.23 -12.61 -0.13
N ASP C 508 31.26 -11.99 -1.31
CA ASP C 508 31.54 -12.70 -2.57
C ASP C 508 32.60 -12.08 -3.50
N VAL C 515 42.69 -8.30 -1.81
CA VAL C 515 44.11 -8.31 -1.57
C VAL C 515 44.25 -6.90 -1.99
N ASN C 516 43.46 -6.52 -2.96
CA ASN C 516 43.32 -5.14 -3.39
C ASN C 516 43.05 -4.33 -2.17
N LEU C 517 41.99 -4.73 -1.49
CA LEU C 517 41.62 -4.18 -0.23
C LEU C 517 42.73 -4.29 0.80
N ASP C 518 43.01 -5.48 1.29
CA ASP C 518 44.08 -5.68 2.27
C ASP C 518 45.44 -5.05 1.85
N LYS C 519 45.93 -5.31 0.67
CA LYS C 519 47.21 -4.70 0.39
C LYS C 519 47.21 -3.16 0.24
N ALA C 520 46.14 -2.60 -0.25
CA ALA C 520 46.07 -1.13 -0.27
C ALA C 520 45.95 -0.47 1.10
N PHE C 521 44.86 -0.80 1.82
CA PHE C 521 44.56 -0.29 3.17
C PHE C 521 45.12 -1.11 4.34
N ASP C 522 45.54 -2.35 4.06
CA ASP C 522 46.01 -3.28 5.08
C ASP C 522 45.04 -3.31 6.29
N LEU C 523 43.87 -3.93 6.08
CA LEU C 523 42.89 -4.05 7.15
C LEU C 523 43.30 -5.23 8.06
N THR C 524 44.26 -6.04 7.61
CA THR C 524 44.73 -7.18 8.42
C THR C 524 45.46 -6.72 9.69
N ASN C 525 46.48 -5.89 9.51
CA ASN C 525 47.25 -5.37 10.63
C ASN C 525 46.67 -4.05 11.12
N SER C 526 45.39 -3.81 10.78
CA SER C 526 44.69 -2.59 11.18
C SER C 526 44.80 -2.32 12.67
N SER C 527 45.08 -1.07 12.98
CA SER C 527 45.30 -0.65 14.33
C SER C 527 43.99 -0.81 15.12
N ASN C 528 43.01 0.06 14.85
CA ASN C 528 41.74 0.04 15.54
C ASN C 528 41.24 -1.40 15.57
N ALA C 529 40.88 -1.89 16.75
CA ALA C 529 40.44 -3.28 16.94
C ALA C 529 39.12 -3.55 16.26
N GLU C 530 38.19 -2.60 16.31
CA GLU C 530 36.92 -2.78 15.64
C GLU C 530 37.15 -3.15 14.16
N ILE C 531 38.07 -2.43 13.53
CA ILE C 531 38.40 -2.62 12.12
C ILE C 531 38.89 -4.05 11.99
N ALA C 532 39.98 -4.39 12.68
CA ALA C 532 40.51 -5.74 12.61
C ALA C 532 39.39 -6.77 12.74
N HIS C 533 38.42 -6.53 13.63
CA HIS C 533 37.30 -7.47 13.86
C HIS C 533 36.43 -7.66 12.61
N ALA C 534 35.77 -6.57 12.18
CA ALA C 534 34.93 -6.58 10.98
C ALA C 534 35.65 -7.18 9.75
N TRP C 535 36.97 -6.98 9.68
CA TRP C 535 37.81 -7.51 8.62
C TRP C 535 37.93 -9.02 8.67
N TYR C 536 38.43 -9.61 9.75
CA TYR C 536 38.48 -11.07 9.90
C TYR C 536 37.12 -11.74 9.72
N LEU C 537 36.09 -11.12 10.29
CA LEU C 537 34.67 -11.57 10.16
C LEU C 537 34.28 -11.72 8.69
N LEU C 538 34.54 -10.67 7.90
CA LEU C 538 34.28 -10.69 6.45
C LEU C 538 35.20 -11.68 5.79
N SER C 539 36.48 -11.63 6.14
CA SER C 539 37.50 -12.53 5.57
C SER C 539 37.06 -13.96 5.65
N VAL C 540 37.12 -14.55 6.85
CA VAL C 540 36.65 -15.94 7.06
C VAL C 540 35.30 -16.26 6.32
N ARG C 541 34.36 -15.32 6.27
CA ARG C 541 33.08 -15.53 5.59
C ARG C 541 33.27 -15.79 4.11
N ALA C 542 33.82 -14.80 3.40
CA ALA C 542 34.17 -14.90 1.98
C ALA C 542 35.45 -15.76 1.80
N ASP C 543 35.89 -16.37 2.91
CA ASP C 543 37.07 -17.27 2.94
C ASP C 543 38.34 -16.61 2.41
N TYR C 544 38.74 -15.52 3.05
CA TYR C 544 39.97 -14.87 2.67
C TYR C 544 40.97 -15.40 3.67
N LYS C 545 41.27 -16.69 3.52
CA LYS C 545 42.17 -17.43 4.38
C LYS C 545 43.46 -16.71 4.79
N GLU C 546 43.91 -15.76 3.96
CA GLU C 546 45.16 -14.98 4.21
C GLU C 546 45.30 -14.22 5.56
N VAL C 547 44.16 -13.81 6.14
CA VAL C 547 44.13 -13.11 7.42
C VAL C 547 44.02 -14.06 8.63
N TYR C 548 44.26 -15.37 8.44
CA TYR C 548 44.20 -16.31 9.56
C TYR C 548 45.30 -16.15 10.63
N PRO C 549 46.55 -15.92 10.22
CA PRO C 549 47.60 -15.73 11.24
C PRO C 549 47.36 -14.47 12.11
N ALA C 550 47.09 -13.34 11.46
CA ALA C 550 46.93 -12.08 12.17
C ALA C 550 45.76 -12.21 13.13
N MET C 551 44.76 -12.98 12.71
CA MET C 551 43.50 -13.21 13.44
C MET C 551 43.83 -14.09 14.64
N ALA C 552 44.82 -14.95 14.45
CA ALA C 552 45.26 -15.85 15.52
C ALA C 552 45.78 -15.08 16.71
N LYS C 553 46.81 -14.28 16.48
CA LYS C 553 47.35 -13.43 17.53
C LYS C 553 46.24 -12.53 18.11
N TYR C 554 45.35 -12.06 17.25
CA TYR C 554 44.25 -11.20 17.68
C TYR C 554 43.36 -11.95 18.66
N LEU C 555 43.02 -13.19 18.29
CA LEU C 555 42.17 -14.03 19.13
C LEU C 555 42.88 -14.42 20.43
N LYS C 556 44.18 -14.69 20.35
CA LYS C 556 44.99 -15.06 21.51
C LYS C 556 45.24 -13.87 22.47
N SER C 557 45.45 -12.69 21.88
CA SER C 557 45.73 -11.45 22.61
C SER C 557 44.55 -10.92 23.40
N ILE C 558 43.53 -10.41 22.69
CA ILE C 558 42.33 -9.89 23.35
C ILE C 558 41.26 -10.92 23.76
N GLY C 559 40.61 -10.65 24.88
CA GLY C 559 39.57 -11.54 25.41
C GLY C 559 38.25 -10.80 25.61
N ARG C 560 38.13 -9.64 25.00
CA ARG C 560 36.86 -8.91 25.01
C ARG C 560 35.98 -9.89 24.22
N ARG C 561 34.78 -10.20 24.72
CA ARG C 561 33.86 -11.17 24.07
C ARG C 561 33.37 -10.56 22.75
N LYS C 562 32.65 -9.46 22.83
CA LYS C 562 32.23 -8.75 21.66
C LYS C 562 33.36 -8.21 20.83
N LEU C 563 34.32 -9.08 20.54
CA LEU C 563 35.36 -8.93 19.53
C LEU C 563 36.12 -10.21 19.18
N ILE C 564 35.74 -11.30 19.83
CA ILE C 564 36.28 -12.61 19.55
C ILE C 564 35.13 -13.62 19.48
N VAL C 565 34.08 -13.41 20.28
CA VAL C 565 32.95 -14.34 20.34
C VAL C 565 32.41 -14.51 18.93
N PRO C 566 31.88 -13.42 18.26
CA PRO C 566 31.32 -13.60 16.90
C PRO C 566 32.32 -14.17 15.93
N LEU C 567 33.60 -13.97 16.21
CA LEU C 567 34.64 -14.50 15.33
C LEU C 567 34.74 -16.02 15.49
N TYR C 568 34.80 -16.51 16.74
CA TYR C 568 34.75 -17.94 17.02
C TYR C 568 33.51 -18.66 16.50
N LYS C 569 32.38 -17.94 16.40
CA LYS C 569 31.13 -18.44 15.86
C LYS C 569 31.26 -18.72 14.39
N GLU C 570 31.43 -17.67 13.58
CA GLU C 570 31.58 -17.87 12.13
C GLU C 570 32.68 -18.89 11.83
N LEU C 571 33.73 -18.88 12.64
CA LEU C 571 34.87 -19.78 12.50
C LEU C 571 34.46 -21.23 12.74
N ALA C 572 33.71 -21.46 13.81
CA ALA C 572 33.26 -22.78 14.19
C ALA C 572 31.91 -23.04 13.52
N LYS C 573 31.93 -23.13 12.19
CA LYS C 573 30.69 -23.36 11.41
C LYS C 573 31.04 -24.01 10.08
N ASN C 574 32.27 -24.52 9.99
CA ASN C 574 32.75 -25.16 8.78
C ASN C 574 33.67 -26.05 9.59
N ALA C 575 33.26 -27.29 9.79
CA ALA C 575 34.06 -28.26 10.55
C ALA C 575 35.61 -28.19 10.42
N GLU C 576 36.10 -27.86 9.23
CA GLU C 576 37.53 -27.78 8.95
C GLU C 576 38.05 -26.51 9.58
N SER C 577 37.24 -25.46 9.45
CA SER C 577 37.51 -24.14 10.05
C SER C 577 37.26 -24.14 11.57
N LYS C 578 36.13 -24.68 12.01
CA LYS C 578 35.79 -24.88 13.45
C LYS C 578 36.86 -25.67 14.22
N ALA C 579 37.75 -26.34 13.49
CA ALA C 579 38.87 -27.08 14.09
C ALA C 579 40.03 -26.12 14.31
N TRP C 580 40.27 -25.22 13.35
CA TRP C 580 41.29 -24.20 13.52
C TRP C 580 41.07 -23.40 14.81
N ALA C 581 39.79 -23.14 15.13
CA ALA C 581 39.37 -22.47 16.38
C ALA C 581 39.86 -23.23 17.63
N VAL C 582 39.36 -24.44 17.87
CA VAL C 582 39.83 -25.25 19.01
C VAL C 582 41.36 -25.20 19.17
N GLU C 583 42.09 -25.24 18.06
CA GLU C 583 43.52 -25.18 18.13
C GLU C 583 44.08 -23.87 18.70
N VAL C 584 43.44 -22.75 18.34
CA VAL C 584 43.85 -21.45 18.88
C VAL C 584 43.17 -21.21 20.24
N TYR C 585 41.89 -21.58 20.38
CA TYR C 585 41.17 -21.36 21.61
C TYR C 585 41.82 -22.17 22.71
N LYS C 586 42.78 -22.99 22.35
CA LYS C 586 43.49 -23.79 23.36
C LYS C 586 44.73 -23.05 23.83
N GLN C 587 45.07 -22.02 23.07
CA GLN C 587 46.16 -21.14 23.41
C GLN C 587 45.66 -19.88 24.13
N ALA C 588 44.54 -19.36 23.67
CA ALA C 588 43.97 -18.13 24.21
C ALA C 588 43.07 -18.43 25.39
N ARG C 589 42.76 -19.73 25.57
CA ARG C 589 41.82 -20.15 26.58
C ARG C 589 42.29 -19.63 27.92
N PRO C 590 43.56 -19.95 28.30
CA PRO C 590 44.10 -19.45 29.58
C PRO C 590 44.37 -17.94 29.46
N GLY C 591 43.85 -17.15 30.38
CA GLY C 591 44.05 -15.73 30.23
C GLY C 591 42.71 -15.07 30.08
N TYR C 592 41.82 -15.69 29.31
CA TYR C 592 40.47 -15.16 29.12
C TYR C 592 39.79 -15.04 30.48
N HIS C 593 38.87 -14.08 30.62
CA HIS C 593 38.12 -13.98 31.84
C HIS C 593 37.18 -15.20 31.82
N GLY C 594 36.80 -15.70 32.99
CA GLY C 594 35.80 -16.78 33.06
C GLY C 594 34.58 -16.43 32.23
N LEU C 595 34.08 -15.17 32.35
CA LEU C 595 32.85 -14.74 31.64
C LEU C 595 32.96 -14.91 30.14
N ALA C 596 34.18 -15.04 29.64
CA ALA C 596 34.45 -15.18 28.22
C ALA C 596 34.61 -16.61 27.87
N GLN C 597 35.61 -17.28 28.44
CA GLN C 597 35.80 -18.72 28.23
C GLN C 597 34.45 -19.43 28.17
N GLY C 598 33.63 -19.18 29.19
CA GLY C 598 32.28 -19.73 29.27
C GLY C 598 31.55 -19.61 27.96
N THR C 599 31.49 -18.40 27.41
CA THR C 599 30.76 -18.18 26.15
C THR C 599 31.39 -18.92 24.97
N VAL C 600 32.70 -18.78 24.77
CA VAL C 600 33.41 -19.45 23.71
C VAL C 600 33.41 -20.97 23.90
N ASP C 601 33.35 -21.41 25.14
CA ASP C 601 33.32 -22.85 25.43
C ASP C 601 32.05 -23.49 24.87
N GLY C 602 31.03 -22.68 24.62
CA GLY C 602 29.73 -23.14 24.09
C GLY C 602 29.65 -23.10 22.57
N VAL C 603 30.05 -21.96 21.98
CA VAL C 603 30.06 -21.74 20.51
C VAL C 603 31.14 -22.59 19.80
N LEU C 604 31.90 -23.33 20.59
CA LEU C 604 32.93 -24.16 20.05
C LEU C 604 32.59 -25.62 20.34
N LYS C 605 31.28 -25.91 20.31
CA LYS C 605 30.73 -27.27 20.58
C LYS C 605 31.27 -27.91 21.88
N LEU D 14 7.04 20.63 -24.18
CA LEU D 14 6.27 19.67 -24.96
C LEU D 14 4.81 19.68 -24.56
N THR D 15 4.38 18.56 -24.01
CA THR D 15 3.24 17.86 -24.52
C THR D 15 2.03 18.36 -23.78
N ASP D 16 2.17 19.55 -23.25
CA ASP D 16 1.26 20.05 -22.24
C ASP D 16 1.02 21.51 -22.51
N ALA D 17 -0.20 21.83 -22.94
CA ALA D 17 -0.73 23.18 -22.91
C ALA D 17 -0.95 23.61 -21.47
N TYR D 18 -1.81 24.59 -21.26
CA TYR D 18 -2.19 24.98 -19.90
C TYR D 18 -0.99 25.36 -19.01
N THR D 19 0.22 25.34 -19.58
CA THR D 19 1.42 25.75 -18.86
C THR D 19 2.11 26.70 -19.81
N TYR D 20 2.36 27.95 -19.37
CA TYR D 20 3.16 28.86 -20.17
C TYR D 20 4.62 28.44 -19.90
N ALA D 21 4.82 27.68 -18.83
CA ALA D 21 6.11 27.24 -18.36
C ALA D 21 6.87 26.55 -19.44
N ASN D 22 8.05 27.04 -19.78
CA ASN D 22 8.86 26.47 -20.84
C ASN D 22 9.68 25.34 -20.29
N TYR D 23 8.99 24.34 -19.88
CA TYR D 23 9.61 23.31 -19.20
C TYR D 23 10.52 22.54 -20.02
N ASP D 24 10.59 23.08 -21.20
CA ASP D 24 11.42 22.68 -22.25
C ASP D 24 12.94 22.87 -21.95
N GLN D 25 13.27 24.05 -21.38
CA GLN D 25 14.67 24.40 -21.17
C GLN D 25 15.04 24.60 -19.70
N VAL D 26 14.00 24.92 -18.93
CA VAL D 26 14.12 25.14 -17.51
C VAL D 26 13.20 24.28 -16.66
N LYS D 27 13.74 23.74 -15.57
CA LYS D 27 12.88 22.95 -14.67
C LYS D 27 13.21 23.17 -13.15
N ALA D 28 12.25 23.67 -12.38
CA ALA D 28 12.38 23.91 -10.95
C ALA D 28 12.53 22.58 -10.21
N THR D 29 13.46 22.49 -9.28
CA THR D 29 13.59 21.24 -8.52
C THR D 29 13.21 21.30 -7.07
N HIS D 30 13.01 22.52 -6.56
CA HIS D 30 12.53 22.81 -5.21
C HIS D 30 11.74 24.07 -5.14
N VAL D 31 10.97 24.28 -4.08
CA VAL D 31 10.24 25.56 -3.91
C VAL D 31 10.22 25.96 -2.44
N TYR D 32 10.84 27.09 -2.09
CA TYR D 32 10.77 27.54 -0.76
C TYR D 32 9.69 28.61 -0.70
N LEU D 33 8.69 28.38 0.11
CA LEU D 33 7.66 29.38 0.31
C LEU D 33 7.77 30.07 1.66
N ASP D 34 7.90 31.40 1.66
CA ASP D 34 7.71 32.20 2.84
C ASP D 34 6.38 32.96 2.92
N LEU D 35 5.30 32.29 3.34
CA LEU D 35 3.99 32.98 3.28
C LEU D 35 3.34 33.32 4.61
N ASN D 36 2.46 34.33 4.59
CA ASN D 36 1.71 34.77 5.77
C ASN D 36 0.25 34.67 5.45
N VAL D 37 -0.48 34.02 6.34
CA VAL D 37 -1.90 33.84 6.14
C VAL D 37 -2.74 35.00 6.68
N ASP D 38 -3.12 35.93 5.84
CA ASP D 38 -3.96 37.03 6.32
C ASP D 38 -5.42 36.79 5.98
N PHE D 39 -6.19 36.48 6.99
CA PHE D 39 -7.62 36.26 6.83
C PHE D 39 -8.50 37.49 6.63
N ASP D 40 -7.94 38.67 6.85
CA ASP D 40 -8.70 39.93 6.64
C ASP D 40 -8.63 40.41 5.19
N LYS D 41 -7.49 40.18 4.58
CA LYS D 41 -7.32 40.50 3.21
C LYS D 41 -7.48 39.29 2.36
N LYS D 42 -7.59 38.14 3.03
CA LYS D 42 -7.74 36.85 2.41
C LYS D 42 -6.64 36.67 1.43
N SER D 43 -5.41 36.81 1.89
CA SER D 43 -4.25 36.60 1.00
C SER D 43 -3.03 36.07 1.67
N LEU D 44 -2.30 35.27 0.96
CA LEU D 44 -1.05 34.70 1.44
C LEU D 44 -0.01 35.58 0.75
N SER D 45 0.91 36.14 1.54
CA SER D 45 1.94 37.05 1.02
C SER D 45 3.31 36.83 1.64
N GLY D 46 4.31 36.68 0.76
CA GLY D 46 5.68 36.41 1.16
C GLY D 46 6.47 36.23 -0.11
N PHE D 47 6.98 35.03 -0.32
CA PHE D 47 7.80 34.81 -1.49
C PHE D 47 7.97 33.35 -1.81
N ALA D 48 8.19 33.11 -3.07
CA ALA D 48 8.42 31.80 -3.56
C ALA D 48 9.85 31.74 -4.03
N GLU D 49 10.64 30.82 -3.60
CA GLU D 49 12.05 30.78 -4.14
C GLU D 49 12.31 29.48 -4.87
N LEU D 50 12.23 29.53 -6.19
CA LEU D 50 12.41 28.35 -7.04
C LEU D 50 13.94 28.09 -7.18
N SER D 51 14.29 26.83 -7.25
CA SER D 51 15.67 26.48 -7.50
C SER D 51 15.59 25.79 -8.81
N LEU D 52 16.40 26.17 -9.78
CA LEU D 52 16.29 25.68 -11.14
C LEU D 52 17.46 24.84 -11.61
N ASP D 53 17.10 24.04 -12.62
CA ASP D 53 18.00 23.15 -13.37
C ASP D 53 17.82 23.51 -14.85
N TRP D 54 18.87 23.97 -15.49
CA TRP D 54 18.75 24.41 -16.87
C TRP D 54 19.32 23.31 -17.77
N PHE D 55 18.77 23.22 -18.99
CA PHE D 55 19.18 22.19 -19.94
C PHE D 55 19.85 22.79 -21.15
N THR D 56 19.40 23.97 -21.54
CA THR D 56 19.98 24.67 -22.70
C THR D 56 21.19 25.53 -22.29
N ASP D 57 22.30 25.39 -23.01
CA ASP D 57 23.50 26.25 -22.80
C ASP D 57 23.32 27.76 -23.13
N ASN D 58 22.33 28.07 -23.95
CA ASN D 58 22.07 29.44 -24.34
C ASN D 58 21.00 30.13 -23.52
N LYS D 59 21.07 31.46 -23.42
CA LYS D 59 20.08 32.16 -22.58
C LYS D 59 18.66 31.85 -22.92
N ALA D 60 17.79 31.76 -21.91
CA ALA D 60 16.36 31.53 -22.04
C ALA D 60 15.69 32.16 -20.81
N PRO D 61 14.45 32.59 -20.92
CA PRO D 61 13.71 33.15 -19.76
C PRO D 61 13.16 32.03 -18.82
N LEU D 62 12.74 32.41 -17.61
CA LEU D 62 12.08 31.52 -16.71
C LEU D 62 10.67 31.97 -16.91
N ILE D 63 9.86 31.08 -17.46
CA ILE D 63 8.47 31.35 -17.62
C ILE D 63 7.72 30.58 -16.52
N LEU D 64 6.81 31.31 -15.87
CA LEU D 64 6.06 30.75 -14.80
C LEU D 64 4.61 31.01 -14.98
N ASP D 65 3.80 30.20 -14.36
CA ASP D 65 2.37 30.34 -14.44
C ASP D 65 1.92 31.17 -13.23
N THR D 66 0.84 31.88 -13.38
CA THR D 66 0.33 32.75 -12.35
C THR D 66 -1.12 33.01 -12.57
N ARG D 67 -1.83 33.55 -11.60
CA ARG D 67 -3.21 33.85 -11.78
C ARG D 67 -3.74 35.20 -11.45
N ASP D 68 -4.08 35.40 -10.19
CA ASP D 68 -4.48 36.72 -9.77
C ASP D 68 -3.45 36.91 -8.65
N LEU D 69 -2.18 36.84 -9.08
CA LEU D 69 -1.03 37.01 -8.23
C LEU D 69 -0.55 38.48 -8.43
N VAL D 70 -0.18 39.15 -7.31
CA VAL D 70 0.40 40.51 -7.35
C VAL D 70 1.91 40.34 -7.20
N ILE D 71 2.65 40.91 -8.13
CA ILE D 71 4.10 40.78 -8.07
C ILE D 71 4.69 42.05 -7.44
N HIS D 72 5.63 41.86 -6.54
CA HIS D 72 6.34 42.95 -5.90
C HIS D 72 7.76 43.11 -6.43
N ARG D 73 8.73 42.10 -6.34
CA ARG D 73 9.87 41.80 -7.18
C ARG D 73 10.14 40.31 -7.34
N VAL D 74 11.29 40.48 -8.26
CA VAL D 74 11.94 39.23 -8.62
C VAL D 74 13.45 39.39 -8.44
N MET D 75 14.07 38.46 -7.72
CA MET D 75 15.52 38.31 -7.71
C MET D 75 15.96 37.00 -8.30
N ALA D 76 17.18 36.96 -8.79
CA ALA D 76 17.81 35.73 -9.19
C ALA D 76 19.20 35.69 -8.76
N LYS D 77 19.75 34.52 -8.50
CA LYS D 77 21.16 34.28 -8.20
C LYS D 77 22.02 34.11 -9.44
N ASN D 78 22.84 35.13 -9.75
CA ASN D 78 23.77 35.07 -10.88
C ASN D 78 24.97 34.09 -10.77
N SER D 79 25.88 34.12 -11.77
CA SER D 79 27.03 33.19 -11.90
C SER D 79 27.96 33.30 -10.66
N GLN D 80 27.54 34.11 -9.71
CA GLN D 80 28.37 34.30 -8.56
C GLN D 80 27.56 34.34 -7.29
N GLY D 81 26.39 33.72 -7.34
CA GLY D 81 25.52 33.67 -6.23
C GLY D 81 25.12 35.03 -5.68
N GLN D 82 24.94 36.04 -6.51
CA GLN D 82 24.55 37.31 -5.98
C GLN D 82 23.13 37.58 -6.33
N TRP D 83 22.16 37.86 -5.41
CA TRP D 83 20.80 38.16 -5.60
C TRP D 83 20.64 39.50 -6.21
N VAL D 84 20.48 39.44 -7.48
CA VAL D 84 20.43 40.65 -8.22
C VAL D 84 19.02 40.78 -8.68
N LYS D 85 18.65 41.98 -9.01
CA LYS D 85 17.24 42.22 -9.36
C LYS D 85 17.04 42.01 -10.85
N VAL D 86 16.04 41.21 -11.23
CA VAL D 86 15.80 40.90 -12.62
C VAL D 86 14.48 41.59 -12.95
N ASN D 87 14.18 41.71 -14.23
CA ASN D 87 12.90 42.27 -14.62
C ASN D 87 12.00 41.25 -15.24
N TYR D 88 10.71 41.53 -15.16
CA TYR D 88 9.74 40.60 -15.64
C TYR D 88 8.68 41.28 -16.47
N ASP D 89 7.96 40.46 -17.21
CA ASP D 89 6.76 40.81 -17.94
C ASP D 89 5.63 39.89 -17.37
N LEU D 90 4.48 40.50 -17.04
CA LEU D 90 3.30 39.76 -16.61
C LEU D 90 2.41 39.89 -17.83
N ALA D 91 2.24 38.81 -18.62
CA ALA D 91 1.42 38.85 -19.83
C ALA D 91 -0.08 39.08 -19.46
N LYS D 92 -0.86 39.39 -20.49
CA LYS D 92 -2.30 39.66 -20.42
C LYS D 92 -2.93 38.38 -19.88
N ARG D 93 -3.95 38.53 -19.03
CA ARG D 93 -4.54 37.32 -18.38
C ARG D 93 -5.39 36.49 -19.32
N ASP D 94 -5.15 35.18 -19.35
CA ASP D 94 -5.92 34.28 -20.20
C ASP D 94 -7.18 33.96 -19.38
N ASP D 95 -8.22 33.39 -19.97
CA ASP D 95 -9.42 33.12 -19.19
C ASP D 95 -9.27 31.81 -18.47
N VAL D 96 -8.42 30.93 -18.99
CA VAL D 96 -8.23 29.67 -18.36
C VAL D 96 -6.81 29.51 -17.81
N LEU D 97 -5.81 30.02 -18.52
CA LEU D 97 -4.41 29.88 -18.03
C LEU D 97 -3.88 30.99 -17.10
N GLY D 98 -4.61 32.08 -17.01
CA GLY D 98 -4.12 33.23 -16.29
C GLY D 98 -3.09 34.09 -17.03
N SER D 99 -2.22 34.77 -16.27
CA SER D 99 -1.17 35.64 -16.80
C SER D 99 0.21 35.00 -16.83
N LYS D 100 0.83 34.95 -17.98
CA LYS D 100 2.18 34.34 -18.11
C LYS D 100 3.21 35.25 -17.56
N LEU D 101 3.99 34.75 -16.60
CA LEU D 101 5.12 35.50 -16.05
C LEU D 101 6.48 35.13 -16.68
N THR D 102 7.06 36.06 -17.49
CA THR D 102 8.36 35.87 -18.12
C THR D 102 9.40 36.70 -17.35
N ILE D 103 10.34 36.09 -16.66
CA ILE D 103 11.26 36.76 -15.87
C ILE D 103 12.53 36.55 -16.62
N ASN D 104 13.33 37.60 -16.65
CA ASN D 104 14.51 37.66 -17.49
C ASN D 104 15.70 37.33 -16.66
N THR D 105 16.21 36.11 -16.75
CA THR D 105 16.99 35.64 -15.63
C THR D 105 18.46 35.55 -16.08
N PRO D 106 19.41 35.75 -15.21
CA PRO D 106 20.77 35.46 -15.62
C PRO D 106 21.01 34.18 -16.31
N LEU D 107 21.87 34.17 -17.30
CA LEU D 107 22.15 32.93 -17.98
C LEU D 107 22.36 31.87 -16.92
N ASN D 108 21.54 30.81 -16.91
CA ASN D 108 21.59 29.73 -15.91
C ASN D 108 21.31 30.07 -14.44
N ALA D 109 20.54 31.12 -14.16
CA ALA D 109 20.19 31.47 -12.81
C ALA D 109 19.80 30.23 -12.04
N LYS D 110 20.54 29.95 -10.97
CA LYS D 110 20.33 28.80 -10.12
C LYS D 110 19.21 29.00 -9.16
N LYS D 111 18.67 30.21 -9.04
CA LYS D 111 17.56 30.44 -8.19
C LYS D 111 16.86 31.71 -8.53
N VAL D 112 15.62 31.83 -8.09
CA VAL D 112 14.82 33.01 -8.42
C VAL D 112 13.90 33.18 -7.25
N ARG D 113 13.75 34.42 -6.80
CA ARG D 113 12.91 34.65 -5.64
C ARG D 113 11.82 35.58 -6.13
N VAL D 114 10.60 35.13 -5.95
CA VAL D 114 9.48 35.95 -6.36
C VAL D 114 8.72 36.41 -5.15
N TYR D 115 8.53 37.70 -5.12
CA TYR D 115 7.84 38.34 -4.06
C TYR D 115 6.49 38.70 -4.53
N TYR D 116 5.48 38.19 -3.85
CA TYR D 116 4.10 38.25 -4.34
C TYR D 116 3.13 38.28 -3.25
N ASN D 117 1.90 38.53 -3.63
CA ASN D 117 0.79 38.15 -2.79
C ASN D 117 -0.33 37.42 -3.57
N SER D 118 -0.99 36.47 -2.92
CA SER D 118 -2.23 35.91 -3.40
C SER D 118 -3.38 36.86 -3.13
N THR D 119 -4.39 36.79 -3.99
CA THR D 119 -5.60 37.58 -3.85
C THR D 119 -6.78 36.70 -3.47
N GLU D 120 -7.85 37.34 -2.99
CA GLU D 120 -9.02 36.63 -2.52
C GLU D 120 -9.70 35.90 -3.66
N LYS D 121 -9.54 36.44 -4.86
CA LYS D 121 -10.06 35.80 -6.09
C LYS D 121 -9.25 34.58 -6.53
N ALA D 122 -8.23 34.20 -5.75
CA ALA D 122 -7.31 33.11 -6.10
C ALA D 122 -8.23 31.94 -6.25
N THR D 123 -8.15 31.29 -7.42
CA THR D 123 -9.02 30.13 -7.75
C THR D 123 -8.67 28.78 -7.08
N GLY D 124 -7.49 28.70 -6.44
CA GLY D 124 -7.15 27.51 -5.81
C GLY D 124 -7.22 27.59 -4.32
N LEU D 125 -7.93 28.57 -3.75
CA LEU D 125 -7.96 28.70 -2.30
C LEU D 125 -9.39 29.03 -1.80
N GLN D 126 -9.80 28.35 -0.76
CA GLN D 126 -11.08 28.64 -0.25
C GLN D 126 -10.93 29.32 1.12
N TRP D 127 -11.42 30.57 1.21
CA TRP D 127 -11.35 31.38 2.42
C TRP D 127 -12.70 31.31 3.14
N LEU D 128 -12.80 30.49 4.19
CA LEU D 128 -14.07 30.35 4.90
C LEU D 128 -14.15 31.20 6.15
N SER D 129 -15.22 31.98 6.28
CA SER D 129 -15.40 32.79 7.45
C SER D 129 -15.62 31.92 8.66
N ALA D 130 -15.29 32.45 9.83
CA ALA D 130 -15.47 31.69 11.05
C ALA D 130 -16.88 31.15 11.16
N GLU D 131 -17.84 31.87 10.58
CA GLU D 131 -19.22 31.41 10.60
C GLU D 131 -19.48 30.22 9.65
N GLN D 132 -18.76 30.11 8.52
CA GLN D 132 -18.96 28.98 7.59
C GLN D 132 -18.16 27.77 8.05
N THR D 133 -17.81 27.76 9.33
CA THR D 133 -17.09 26.66 9.95
C THR D 133 -17.90 26.06 11.12
N ALA D 134 -17.47 24.87 11.59
CA ALA D 134 -18.13 24.20 12.72
C ALA D 134 -17.88 24.90 14.05
N GLY D 135 -16.63 25.33 14.27
CA GLY D 135 -16.32 26.04 15.51
C GLY D 135 -17.07 27.37 15.57
N LYS D 136 -17.37 27.99 14.46
CA LYS D 136 -18.08 29.24 14.51
C LYS D 136 -17.26 30.34 15.07
N GLU D 137 -16.12 29.98 15.67
CA GLU D 137 -15.18 30.92 16.28
C GLU D 137 -13.98 31.34 15.44
N LYS D 138 -13.55 30.49 14.54
CA LYS D 138 -12.38 30.81 13.74
C LYS D 138 -12.64 30.51 12.25
N PRO D 139 -12.04 31.29 11.32
CA PRO D 139 -12.13 31.06 9.88
C PRO D 139 -11.30 29.81 9.49
N PHE D 140 -11.38 29.46 8.22
CA PHE D 140 -10.75 28.25 7.82
C PHE D 140 -10.25 28.43 6.42
N LEU D 141 -9.06 27.86 6.17
CA LEU D 141 -8.55 27.95 4.83
C LEU D 141 -8.04 26.63 4.43
N PHE D 142 -8.26 26.37 3.14
CA PHE D 142 -7.72 25.14 2.53
C PHE D 142 -7.53 25.43 1.05
N SER D 143 -6.56 24.71 0.47
CA SER D 143 -6.31 24.70 -0.93
C SER D 143 -6.93 23.62 -1.64
N GLN D 144 -7.22 23.91 -2.92
CA GLN D 144 -7.40 22.90 -3.97
C GLN D 144 -6.80 23.12 -5.25
N ASN D 145 -5.61 22.65 -5.44
CA ASN D 145 -4.80 23.05 -6.57
C ASN D 145 -4.93 22.28 -7.81
N GLN D 146 -5.92 21.51 -7.84
CA GLN D 146 -6.13 20.65 -9.00
C GLN D 146 -7.27 21.18 -9.85
N ALA D 147 -7.02 21.55 -11.11
CA ALA D 147 -5.93 20.98 -11.95
C ALA D 147 -4.80 22.04 -12.13
N ILE D 148 -5.22 23.28 -12.48
CA ILE D 148 -4.29 24.42 -12.62
C ILE D 148 -4.73 25.61 -11.71
N HIS D 149 -4.60 25.30 -10.41
CA HIS D 149 -4.94 26.32 -9.46
C HIS D 149 -3.82 26.68 -8.50
N ALA D 150 -2.67 25.95 -8.59
CA ALA D 150 -1.52 26.17 -7.72
C ALA D 150 -1.03 27.55 -8.09
N ARG D 151 -1.12 27.91 -9.35
CA ARG D 151 -0.60 29.19 -9.79
C ARG D 151 -1.42 30.27 -9.13
N SER D 152 -2.62 30.03 -8.63
CA SER D 152 -3.36 31.15 -8.06
C SER D 152 -2.83 31.68 -6.75
N TRP D 153 -1.85 30.98 -6.19
CA TRP D 153 -1.18 31.39 -4.92
C TRP D 153 0.28 30.94 -4.90
N ILE D 154 0.82 30.55 -6.05
CA ILE D 154 2.23 30.15 -6.10
C ILE D 154 2.73 30.47 -7.50
N PRO D 155 3.73 31.35 -7.67
CA PRO D 155 4.24 31.55 -9.05
C PRO D 155 5.18 30.35 -9.25
N ILE D 156 4.80 29.51 -10.22
CA ILE D 156 5.55 28.25 -10.48
C ILE D 156 5.27 27.72 -11.89
N GLN D 157 5.81 26.57 -12.22
CA GLN D 157 5.54 25.87 -13.50
C GLN D 157 4.44 24.84 -13.13
N ASP D 158 3.19 25.33 -13.16
CA ASP D 158 2.02 24.51 -12.80
C ASP D 158 1.83 23.52 -13.94
N THR D 159 2.44 22.35 -13.78
CA THR D 159 2.41 21.28 -14.80
C THR D 159 2.57 19.99 -14.01
N PRO D 160 1.84 18.89 -14.40
CA PRO D 160 2.03 17.61 -13.74
C PRO D 160 3.37 17.04 -14.23
N SER D 161 3.97 17.71 -15.20
CA SER D 161 5.16 17.17 -15.81
C SER D 161 6.33 17.63 -15.01
N VAL D 162 6.11 18.65 -14.19
CA VAL D 162 7.18 19.14 -13.33
C VAL D 162 7.02 18.94 -11.80
N ARG D 163 7.94 18.13 -11.30
CA ARG D 163 7.99 17.77 -9.89
C ARG D 163 9.11 18.53 -9.10
N VAL D 164 8.75 19.04 -7.92
CA VAL D 164 9.64 19.83 -7.12
C VAL D 164 9.46 19.38 -5.69
N THR D 165 10.43 19.55 -4.81
CA THR D 165 10.24 19.26 -3.36
C THR D 165 9.89 20.63 -2.80
N TYR D 166 9.34 20.71 -1.62
CA TYR D 166 9.02 22.04 -1.08
C TYR D 166 9.27 22.08 0.41
N THR D 167 9.61 23.26 0.92
CA THR D 167 9.75 23.56 2.36
C THR D 167 8.95 24.84 2.45
N ALA D 168 8.27 25.08 3.55
CA ALA D 168 7.41 26.27 3.55
C ALA D 168 7.26 26.81 4.93
N ARG D 169 7.61 28.08 5.09
CA ARG D 169 7.40 28.77 6.32
C ARG D 169 6.06 29.51 6.25
N ILE D 170 5.09 28.95 6.95
CA ILE D 170 3.78 29.57 7.02
C ILE D 170 3.57 30.23 8.38
N THR D 171 3.03 31.44 8.32
CA THR D 171 2.77 32.29 9.47
C THR D 171 1.27 32.51 9.60
N THR D 172 0.88 31.96 10.76
CA THR D 172 -0.54 32.18 11.02
C THR D 172 -0.74 33.00 12.29
N ASP D 173 -2.00 33.27 12.62
CA ASP D 173 -2.37 33.65 13.98
C ASP D 173 -1.64 32.81 15.02
N LYS D 174 -1.51 33.35 16.22
CA LYS D 174 -2.08 32.71 17.41
C LYS D 174 -3.44 32.04 17.20
N ASP D 175 -3.55 30.78 17.60
CA ASP D 175 -4.83 30.17 17.87
C ASP D 175 -5.37 29.56 16.58
N LEU D 176 -4.57 29.62 15.52
CA LEU D 176 -4.68 28.66 14.43
C LEU D 176 -3.54 27.67 14.20
N LEU D 177 -4.06 26.62 13.41
CA LEU D 177 -3.08 25.60 13.03
C LEU D 177 -2.89 25.51 11.51
N ALA D 178 -1.66 25.29 11.05
CA ALA D 178 -1.33 25.18 9.66
C ALA D 178 -0.99 23.77 9.39
N VAL D 179 -1.42 23.32 8.22
CA VAL D 179 -1.22 21.95 7.80
C VAL D 179 -0.76 22.13 6.39
N MET D 180 -0.14 21.05 5.85
CA MET D 180 0.32 21.06 4.49
C MET D 180 0.55 19.64 4.09
N SER D 181 0.97 19.44 2.86
CA SER D 181 1.25 18.14 2.33
C SER D 181 2.74 17.84 2.44
N ALA D 182 3.22 17.85 3.67
CA ALA D 182 4.64 17.70 3.95
C ALA D 182 4.74 17.26 5.38
N ASN D 183 5.94 17.25 5.96
CA ASN D 183 6.11 16.85 7.36
C ASN D 183 5.93 18.07 8.22
N ASN D 184 5.04 17.97 9.22
CA ASN D 184 4.80 18.98 10.23
C ASN D 184 5.59 18.55 11.47
N GLU D 185 6.36 19.74 11.97
CA GLU D 185 7.09 19.20 13.10
C GLU D 185 6.36 19.03 14.43
N ARG D 190 -0.37 25.05 18.07
CA ARG D 190 0.70 25.81 18.65
C ARG D 190 0.55 27.28 18.28
N ASP D 191 1.60 27.83 17.67
CA ASP D 191 2.09 29.15 18.03
C ASP D 191 1.70 30.16 16.95
N GLY D 192 1.81 29.73 15.70
CA GLY D 192 1.32 30.48 14.54
C GLY D 192 2.51 30.65 13.62
N ASP D 193 3.55 29.88 13.88
CA ASP D 193 4.80 29.85 13.12
C ASP D 193 5.16 28.36 12.94
N TYR D 194 4.82 27.85 11.73
CA TYR D 194 5.01 26.42 11.38
C TYR D 194 5.93 26.53 10.18
N PHE D 195 6.65 25.46 9.91
CA PHE D 195 7.54 25.47 8.75
C PHE D 195 7.25 23.99 8.42
N PHE D 196 6.96 23.68 7.12
CA PHE D 196 6.74 22.30 6.66
C PHE D 196 7.83 21.89 5.62
N SER D 197 8.07 20.60 5.47
CA SER D 197 9.06 20.10 4.55
C SER D 197 8.65 18.78 3.84
N MET D 198 8.55 18.79 2.52
CA MET D 198 8.20 17.65 1.70
C MET D 198 9.48 17.32 0.89
N PRO D 199 10.25 16.35 1.33
CA PRO D 199 11.52 15.91 0.63
C PRO D 199 11.25 14.99 -0.50
N GLN D 200 9.99 14.81 -0.79
CA GLN D 200 9.59 14.01 -1.89
C GLN D 200 9.09 14.82 -3.04
N ALA D 201 9.72 14.63 -4.18
CA ALA D 201 9.36 15.43 -5.33
C ALA D 201 7.90 15.22 -5.78
N ILE D 202 7.06 16.27 -5.80
CA ILE D 202 5.65 16.07 -6.21
C ILE D 202 5.19 17.17 -7.23
N PRO D 203 4.25 16.86 -8.11
CA PRO D 203 3.79 17.94 -8.96
C PRO D 203 2.94 18.93 -8.13
N PRO D 204 3.07 20.22 -8.42
CA PRO D 204 2.31 21.32 -7.78
C PRO D 204 0.83 21.17 -7.39
N TYR D 205 0.02 20.46 -8.12
CA TYR D 205 -1.42 20.42 -7.79
C TYR D 205 -1.53 19.66 -6.49
N LEU D 206 -0.38 19.09 -6.08
CA LEU D 206 -0.33 18.29 -4.83
C LEU D 206 0.22 19.08 -3.62
N ILE D 207 0.71 20.29 -3.87
CA ILE D 207 1.10 21.18 -2.81
C ILE D 207 -0.23 21.67 -2.20
N ALA D 208 -0.41 21.41 -0.92
CA ALA D 208 -1.68 21.81 -0.29
C ALA D 208 -1.50 22.37 1.06
N ILE D 209 -2.49 23.18 1.47
CA ILE D 209 -2.45 23.84 2.74
C ILE D 209 -3.85 23.98 3.33
N GLY D 210 -3.92 23.85 4.67
CA GLY D 210 -5.14 24.02 5.37
C GLY D 210 -4.79 24.75 6.65
N VAL D 211 -5.59 25.75 6.98
CA VAL D 211 -5.39 26.47 8.19
C VAL D 211 -6.71 26.69 8.91
N GLY D 212 -6.75 26.34 10.19
CA GLY D 212 -7.98 26.57 10.94
C GLY D 212 -7.87 26.08 12.34
N ASP D 213 -8.99 26.06 13.05
CA ASP D 213 -9.03 25.54 14.43
C ASP D 213 -9.01 23.99 14.36
N LEU D 214 -7.86 23.38 14.11
CA LEU D 214 -7.78 21.93 13.92
C LEU D 214 -7.32 21.25 15.17
N GLU D 215 -7.80 20.06 15.44
CA GLU D 215 -7.40 19.20 16.56
C GLU D 215 -6.93 17.91 15.91
N PHE D 216 -6.13 17.11 16.59
CA PHE D 216 -5.59 15.89 16.01
C PHE D 216 -5.57 14.73 16.99
N LYS D 217 -6.07 13.58 16.50
CA LYS D 217 -6.02 12.27 17.22
C LYS D 217 -5.52 11.32 16.18
N ALA D 218 -4.70 10.37 16.44
CA ALA D 218 -4.31 9.39 15.49
C ALA D 218 -5.25 8.23 15.61
N MET D 219 -4.89 7.14 14.87
CA MET D 219 -5.69 5.95 14.88
C MET D 219 -4.71 4.80 14.93
N SER D 220 -3.66 4.87 14.11
CA SER D 220 -2.64 3.82 13.97
C SER D 220 -1.28 4.46 14.24
N HIS D 221 -0.16 3.77 13.92
CA HIS D 221 1.17 4.37 14.01
C HIS D 221 1.50 5.39 12.92
N GLN D 222 0.85 5.24 11.78
CA GLN D 222 1.03 6.13 10.63
C GLN D 222 -0.23 6.71 10.05
N THR D 223 -1.30 6.73 10.80
CA THR D 223 -2.55 7.37 10.31
C THR D 223 -3.28 8.16 11.36
N GLY D 224 -3.72 9.33 11.01
CA GLY D 224 -4.51 10.16 11.97
C GLY D 224 -5.45 11.11 11.31
N ILE D 225 -6.12 11.90 12.10
CA ILE D 225 -7.15 12.79 11.61
C ILE D 225 -7.00 14.18 12.21
N TYR D 226 -7.36 15.19 11.45
CA TYR D 226 -7.35 16.55 11.92
C TYR D 226 -8.76 17.05 11.66
N ALA D 227 -9.42 17.71 12.59
CA ALA D 227 -10.76 18.16 12.32
C ALA D 227 -11.22 19.17 13.35
N GLU D 228 -12.48 19.59 13.31
CA GLU D 228 -13.02 20.61 14.23
C GLU D 228 -13.73 20.15 15.50
N SER D 229 -13.26 19.01 16.01
CA SER D 229 -13.73 18.47 17.26
C SER D 229 -15.11 17.83 17.13
N TYR D 230 -16.05 18.54 16.51
CA TYR D 230 -17.41 18.04 16.41
C TYR D 230 -17.41 16.72 15.65
N ILE D 231 -16.66 16.70 14.58
CA ILE D 231 -16.51 15.53 13.72
C ILE D 231 -15.25 14.71 13.98
N LEU D 232 -14.43 15.20 14.89
CA LEU D 232 -13.17 14.54 15.19
C LEU D 232 -13.31 13.08 15.63
N ASP D 233 -13.89 12.84 16.81
CA ASP D 233 -14.03 11.47 17.26
C ASP D 233 -14.96 10.58 16.43
N ALA D 234 -15.89 11.21 15.70
CA ALA D 234 -16.86 10.50 14.84
C ALA D 234 -16.07 10.01 13.63
N ALA D 235 -15.13 10.84 13.21
CA ALA D 235 -14.24 10.57 12.07
C ALA D 235 -13.21 9.49 12.39
N VAL D 236 -12.69 9.48 13.60
CA VAL D 236 -11.65 8.53 13.98
C VAL D 236 -12.25 7.11 14.12
N ALA D 237 -13.55 7.13 14.46
CA ALA D 237 -14.39 5.91 14.57
C ALA D 237 -14.76 5.37 13.19
N GLU D 238 -14.77 6.24 12.18
CA GLU D 238 -15.14 5.86 10.88
C GLU D 238 -14.04 5.33 9.96
N PHE D 239 -12.79 5.77 10.12
CA PHE D 239 -11.71 5.45 9.16
C PHE D 239 -10.63 4.74 9.87
N ASP D 240 -10.96 4.16 11.01
CA ASP D 240 -9.96 3.42 11.76
C ASP D 240 -9.62 2.06 11.11
N ASP D 241 -9.93 1.95 9.82
CA ASP D 241 -9.64 0.76 9.07
C ASP D 241 -8.53 1.10 8.06
N THR D 242 -8.26 2.41 7.87
CA THR D 242 -7.33 2.84 6.88
C THR D 242 -5.98 2.26 7.05
N GLN D 243 -5.59 2.04 8.28
CA GLN D 243 -4.35 1.37 8.53
C GLN D 243 -4.31 0.05 7.81
N ALA D 244 -5.41 -0.67 7.84
CA ALA D 244 -5.57 -1.94 7.18
C ALA D 244 -5.51 -1.71 5.69
N MET D 245 -6.09 -0.59 5.22
CA MET D 245 -6.00 -0.35 3.74
C MET D 245 -4.56 -0.33 3.27
N ILE D 246 -3.68 0.23 4.12
CA ILE D 246 -2.30 0.52 3.70
C ILE D 246 -1.46 -0.74 3.76
N ASP D 247 -1.82 -1.66 4.65
CA ASP D 247 -1.06 -2.89 4.80
C ASP D 247 -1.47 -3.89 3.74
N LYS D 248 -2.77 -3.94 3.45
CA LYS D 248 -3.26 -4.78 2.36
C LYS D 248 -2.85 -4.21 1.05
N ALA D 249 -2.81 -2.87 0.95
CA ALA D 249 -2.38 -2.17 -0.27
C ALA D 249 -0.88 -2.33 -0.61
N GLU D 250 -0.08 -2.35 0.44
CA GLU D 250 1.36 -2.51 0.31
C GLU D 250 1.69 -3.92 -0.16
N GLN D 251 0.82 -4.85 0.24
CA GLN D 251 1.05 -6.25 0.00
C GLN D 251 1.09 -6.56 -1.49
N MET D 252 0.19 -5.87 -2.21
CA MET D 252 0.05 -6.01 -3.65
C MET D 252 0.70 -4.95 -4.50
N TYR D 253 0.63 -3.69 -4.06
CA TYR D 253 1.17 -2.56 -4.84
C TYR D 253 2.58 -1.95 -4.58
N GLY D 254 3.26 -2.43 -3.54
CA GLY D 254 4.60 -1.97 -3.19
C GLY D 254 4.52 -1.09 -1.94
N LYS D 255 5.65 -0.56 -1.45
CA LYS D 255 5.58 0.26 -0.24
C LYS D 255 4.89 1.62 -0.39
N TYR D 256 4.27 2.08 0.69
CA TYR D 256 3.61 3.43 0.78
C TYR D 256 4.79 4.35 1.07
N ARG D 257 5.44 4.85 0.02
CA ARG D 257 6.59 5.73 0.08
C ARG D 257 6.38 7.13 0.68
N TRP D 258 5.26 7.44 1.31
CA TRP D 258 5.15 8.75 1.92
C TRP D 258 5.20 8.84 3.42
N GLY D 259 5.38 7.71 4.13
CA GLY D 259 5.53 7.67 5.58
C GLY D 259 4.29 7.75 6.41
N ARG D 260 3.59 8.86 6.38
CA ARG D 260 2.41 8.99 7.22
C ARG D 260 1.28 9.22 6.27
N TYR D 261 0.03 8.95 6.70
CA TYR D 261 -1.14 9.16 5.91
C TYR D 261 -2.23 9.65 6.85
N ASP D 262 -2.55 10.92 6.71
CA ASP D 262 -3.54 11.52 7.58
C ASP D 262 -4.76 11.96 6.82
N LEU D 263 -5.77 12.37 7.57
CA LEU D 263 -7.07 12.78 6.99
C LEU D 263 -7.41 14.13 7.51
N LEU D 264 -7.83 15.02 6.64
CA LEU D 264 -8.13 16.33 7.10
C LEU D 264 -9.58 16.50 6.72
N MET D 265 -10.42 16.59 7.71
CA MET D 265 -11.79 16.74 7.38
C MET D 265 -12.02 18.20 7.14
N LEU D 266 -12.56 18.57 5.98
CA LEU D 266 -12.84 19.98 5.63
C LEU D 266 -14.27 20.28 6.00
N PRO D 267 -14.63 21.56 6.02
CA PRO D 267 -16.04 21.82 6.35
C PRO D 267 -16.95 21.41 5.17
N PRO D 268 -18.26 21.24 5.44
CA PRO D 268 -19.34 20.83 4.53
C PRO D 268 -19.33 21.50 3.13
N SER D 269 -18.53 22.52 2.99
CA SER D 269 -18.44 23.33 1.81
C SER D 269 -17.52 22.66 0.76
N PHE D 270 -16.66 21.73 1.20
CA PHE D 270 -15.74 21.07 0.27
C PHE D 270 -16.55 20.58 -0.92
N PRO D 271 -16.23 21.06 -2.13
CA PRO D 271 -16.85 20.73 -3.44
C PRO D 271 -16.71 19.27 -3.91
N PHE D 272 -15.59 18.63 -3.53
CA PHE D 272 -15.33 17.24 -3.93
C PHE D 272 -15.58 16.27 -2.81
N GLY D 273 -15.09 15.06 -2.97
CA GLY D 273 -15.21 14.06 -1.94
C GLY D 273 -13.87 13.99 -1.27
N GLY D 274 -12.83 14.40 -1.99
CA GLY D 274 -11.56 14.44 -1.41
C GLY D 274 -10.41 14.62 -2.33
N MET D 275 -9.35 15.24 -1.83
CA MET D 275 -8.17 15.45 -2.66
C MET D 275 -6.99 14.60 -2.11
N GLU D 276 -6.25 13.96 -2.99
CA GLU D 276 -5.09 13.13 -2.55
C GLU D 276 -3.75 13.84 -2.27
N ASN D 277 -3.75 14.79 -1.37
CA ASN D 277 -2.63 15.62 -1.12
C ASN D 277 -1.76 14.72 -0.28
N PRO D 278 -0.54 14.44 -0.77
CA PRO D 278 0.40 13.61 -0.10
C PRO D 278 0.52 13.80 1.40
N ARG D 279 0.40 12.71 2.15
CA ARG D 279 0.45 12.70 3.58
C ARG D 279 -0.77 13.32 4.22
N LEU D 280 -1.63 14.04 3.48
CA LEU D 280 -2.77 14.70 4.12
C LEU D 280 -3.93 14.81 3.09
N SER D 281 -4.82 13.82 3.12
CA SER D 281 -5.92 13.78 2.18
C SER D 281 -7.05 14.68 2.71
N PHE D 282 -7.55 15.53 1.83
CA PHE D 282 -8.67 16.44 2.27
C PHE D 282 -9.98 15.75 2.11
N ILE D 283 -10.65 15.43 3.20
CA ILE D 283 -11.89 14.68 3.07
C ILE D 283 -13.17 15.45 3.43
N THR D 284 -14.21 15.16 2.69
CA THR D 284 -15.50 15.78 2.92
C THR D 284 -16.17 15.10 4.10
N PRO D 285 -16.94 15.88 4.90
CA PRO D 285 -17.64 15.43 6.07
C PRO D 285 -18.85 14.52 5.75
N THR D 286 -19.25 14.55 4.49
CA THR D 286 -20.37 13.81 3.95
C THR D 286 -20.15 12.30 4.00
N VAL D 287 -18.91 11.85 4.29
CA VAL D 287 -18.64 10.44 4.38
C VAL D 287 -18.60 9.88 5.78
N VAL D 288 -18.67 10.74 6.80
CA VAL D 288 -18.71 10.24 8.17
C VAL D 288 -20.19 9.96 8.37
N ALA D 289 -20.57 8.74 7.98
CA ALA D 289 -21.92 8.23 8.02
C ALA D 289 -22.29 7.50 9.30
N GLY D 290 -21.34 6.81 9.88
CA GLY D 290 -21.67 6.10 11.11
C GLY D 290 -21.63 4.58 10.93
N ASP D 291 -21.53 4.09 9.71
CA ASP D 291 -21.54 2.70 9.47
C ASP D 291 -20.42 2.25 8.56
N LYS D 292 -19.50 3.12 8.19
CA LYS D 292 -18.37 2.73 7.31
C LYS D 292 -18.74 2.38 5.86
N SER D 293 -19.91 2.78 5.40
CA SER D 293 -20.40 2.47 4.07
C SER D 293 -19.75 3.19 2.93
N LEU D 294 -19.53 4.51 3.13
CA LEU D 294 -18.92 5.44 2.13
C LEU D 294 -17.40 5.51 2.19
N VAL D 295 -16.85 4.60 2.94
CA VAL D 295 -15.45 4.47 3.17
C VAL D 295 -14.59 4.14 1.97
N ASN D 296 -15.12 3.62 0.89
CA ASN D 296 -14.27 3.33 -0.29
C ASN D 296 -13.62 4.65 -0.75
N LEU D 297 -14.22 5.76 -0.30
CA LEU D 297 -13.68 7.04 -0.69
C LEU D 297 -12.24 7.08 -0.15
N ILE D 298 -12.01 6.75 1.13
CA ILE D 298 -10.68 6.82 1.68
C ILE D 298 -9.73 5.81 1.07
N ALA D 299 -10.28 4.71 0.60
CA ALA D 299 -9.44 3.62 0.05
C ALA D 299 -9.02 4.19 -1.25
N HIS D 300 -9.92 4.96 -1.83
CA HIS D 300 -9.67 5.63 -3.10
C HIS D 300 -8.61 6.74 -3.04
N GLU D 301 -8.51 7.42 -1.92
CA GLU D 301 -7.54 8.48 -1.82
C GLU D 301 -6.19 7.87 -1.44
N LEU D 302 -6.22 6.74 -0.77
CA LEU D 302 -5.01 6.08 -0.42
C LEU D 302 -4.39 5.43 -1.67
N ALA D 303 -5.23 5.23 -2.70
CA ALA D 303 -4.83 4.54 -3.94
C ALA D 303 -3.99 5.51 -4.72
N HIS D 304 -4.31 6.78 -4.61
CA HIS D 304 -3.57 7.79 -5.36
C HIS D 304 -2.14 7.74 -5.00
N SER D 305 -1.83 7.48 -3.73
CA SER D 305 -0.46 7.39 -3.30
C SER D 305 0.41 6.65 -4.31
N TRP D 306 -0.20 5.86 -5.16
CA TRP D 306 0.54 5.13 -6.17
C TRP D 306 0.21 5.65 -7.56
N SER D 307 -1.07 5.85 -7.84
CA SER D 307 -1.51 6.37 -9.15
C SER D 307 -2.01 7.79 -9.00
N GLY D 308 -1.23 8.72 -9.53
CA GLY D 308 -1.51 10.09 -9.51
C GLY D 308 -0.73 10.91 -8.54
N ASN D 309 0.18 10.28 -7.79
CA ASN D 309 1.02 10.84 -6.74
C ASN D 309 2.38 10.27 -6.87
N LEU D 310 2.52 8.99 -7.04
CA LEU D 310 3.86 8.42 -7.08
C LEU D 310 4.25 8.44 -8.50
N VAL D 311 3.35 8.03 -9.40
CA VAL D 311 3.46 8.15 -10.86
C VAL D 311 2.33 9.00 -11.33
N THR D 312 2.67 10.11 -11.99
CA THR D 312 1.66 11.11 -12.40
C THR D 312 1.59 11.41 -13.87
N ASN D 313 0.38 11.67 -14.32
CA ASN D 313 0.15 11.93 -15.71
C ASN D 313 0.93 13.17 -16.15
N GLU D 314 1.63 13.20 -17.31
CA GLU D 314 2.33 14.36 -17.67
C GLU D 314 1.41 15.48 -18.13
N SER D 315 0.27 15.15 -18.71
CA SER D 315 -0.66 16.17 -19.14
C SER D 315 -2.07 15.91 -18.61
N TRP D 316 -3.03 16.75 -18.90
CA TRP D 316 -4.38 16.48 -18.45
C TRP D 316 -5.20 15.60 -19.41
N ARG D 317 -4.53 15.09 -20.45
CA ARG D 317 -5.14 14.15 -21.40
C ARG D 317 -4.73 12.73 -20.95
N ASP D 318 -3.83 12.66 -19.96
CA ASP D 318 -3.37 11.35 -19.44
C ASP D 318 -3.94 11.13 -18.12
N LEU D 319 -4.94 11.96 -17.83
CA LEU D 319 -5.64 11.98 -16.57
C LEU D 319 -6.26 10.67 -16.17
N TRP D 320 -6.52 9.81 -17.14
CA TRP D 320 -7.03 8.46 -16.87
C TRP D 320 -5.98 7.53 -16.27
N LEU D 321 -4.67 7.82 -16.41
CA LEU D 321 -3.63 6.86 -15.97
C LEU D 321 -3.64 7.04 -14.47
N ASN D 322 -4.32 8.06 -14.07
CA ASN D 322 -4.46 8.49 -12.68
C ASN D 322 -5.67 7.92 -12.11
N GLU D 323 -6.87 8.36 -12.58
CA GLU D 323 -8.15 7.90 -12.02
C GLU D 323 -8.39 6.45 -12.32
N GLY D 324 -8.05 6.03 -13.52
CA GLY D 324 -8.19 4.67 -13.91
C GLY D 324 -7.60 3.71 -12.94
N PHE D 325 -6.29 3.72 -12.90
CA PHE D 325 -5.60 2.89 -11.92
C PHE D 325 -5.94 3.10 -10.47
N THR D 326 -6.19 4.35 -10.10
CA THR D 326 -6.61 4.63 -8.68
C THR D 326 -7.96 4.04 -8.39
N SER D 327 -8.82 3.97 -9.38
CA SER D 327 -10.18 3.36 -9.18
C SER D 327 -10.02 1.84 -9.07
N TYR D 328 -9.17 1.27 -9.93
CA TYR D 328 -8.90 -0.13 -9.94
C TYR D 328 -8.30 -0.58 -8.61
N VAL D 329 -7.21 0.07 -8.20
CA VAL D 329 -6.51 -0.17 -6.92
C VAL D 329 -7.45 0.15 -5.76
N GLU D 330 -8.34 1.10 -5.93
CA GLU D 330 -9.29 1.44 -4.88
C GLU D 330 -10.07 0.19 -4.48
N ASN D 331 -10.63 -0.48 -5.50
CA ASN D 331 -11.48 -1.66 -5.32
C ASN D 331 -10.73 -2.77 -4.69
N ARG D 332 -9.51 -3.04 -5.21
CA ARG D 332 -8.69 -4.12 -4.69
C ARG D 332 -8.47 -3.99 -3.18
N ILE D 333 -8.11 -2.81 -2.74
CA ILE D 333 -7.96 -2.52 -1.31
C ILE D 333 -9.27 -2.76 -0.59
N MET D 334 -10.39 -2.61 -1.28
CA MET D 334 -11.71 -2.84 -0.67
C MET D 334 -11.98 -4.36 -0.55
N GLU D 335 -11.50 -5.08 -1.53
CA GLU D 335 -11.64 -6.52 -1.54
C GLU D 335 -10.81 -7.12 -0.46
N ALA D 336 -9.58 -6.66 -0.31
CA ALA D 336 -8.65 -7.23 0.66
C ALA D 336 -9.07 -6.95 2.09
N VAL D 337 -9.57 -5.75 2.39
CA VAL D 337 -9.96 -5.54 3.79
C VAL D 337 -11.42 -5.84 4.14
N PHE D 338 -12.32 -5.62 3.15
CA PHE D 338 -13.78 -5.89 3.33
C PHE D 338 -14.39 -7.13 2.63
N GLY D 339 -13.64 -7.73 1.67
CA GLY D 339 -14.15 -8.93 1.00
C GLY D 339 -14.76 -8.61 -0.34
N THR D 340 -14.75 -9.61 -1.26
CA THR D 340 -15.10 -9.36 -2.65
C THR D 340 -16.60 -9.12 -2.90
N ASP D 341 -17.45 -9.43 -1.94
CA ASP D 341 -18.85 -9.15 -2.11
C ASP D 341 -19.15 -7.68 -1.85
N ARG D 342 -18.42 -7.09 -0.91
CA ARG D 342 -18.47 -5.60 -0.75
C ARG D 342 -17.86 -4.90 -1.98
N ALA D 343 -16.70 -5.42 -2.42
CA ALA D 343 -15.94 -5.03 -3.58
C ALA D 343 -16.65 -5.01 -4.92
N VAL D 344 -17.37 -6.08 -5.29
CA VAL D 344 -17.98 -6.11 -6.58
C VAL D 344 -19.35 -5.49 -6.51
N MET D 345 -19.84 -5.29 -5.30
CA MET D 345 -21.12 -4.65 -5.07
C MET D 345 -20.85 -3.20 -5.34
N GLU D 346 -19.59 -2.81 -5.29
CA GLU D 346 -19.20 -1.44 -5.56
C GLU D 346 -18.76 -1.22 -7.01
N GLN D 347 -18.28 -2.24 -7.69
CA GLN D 347 -17.96 -2.09 -9.10
C GLN D 347 -19.19 -2.06 -9.98
N ALA D 348 -20.23 -2.74 -9.56
CA ALA D 348 -21.50 -2.73 -10.23
C ALA D 348 -22.06 -1.35 -10.03
N LEU D 349 -22.40 -1.03 -8.80
CA LEU D 349 -23.00 0.27 -8.46
C LEU D 349 -22.34 1.39 -9.25
N GLY D 350 -21.05 1.25 -9.44
CA GLY D 350 -20.33 2.26 -10.16
C GLY D 350 -20.45 2.14 -11.65
N ALA D 351 -20.27 0.92 -12.21
CA ALA D 351 -20.46 0.69 -13.66
C ALA D 351 -21.85 1.07 -14.21
N GLN D 352 -22.85 1.04 -13.35
CA GLN D 352 -24.17 1.56 -13.65
C GLN D 352 -24.23 3.04 -13.95
N ASP D 353 -23.35 3.79 -13.32
CA ASP D 353 -23.24 5.26 -13.49
C ASP D 353 -22.43 5.63 -14.73
N LEU D 354 -21.41 4.85 -14.99
CA LEU D 354 -20.62 4.97 -16.17
C LEU D 354 -21.53 4.90 -17.37
N ASN D 355 -22.38 3.88 -17.47
CA ASN D 355 -23.30 3.68 -18.54
C ASN D 355 -24.26 4.85 -18.57
N ALA D 356 -24.68 5.35 -17.41
CA ALA D 356 -25.65 6.43 -17.40
C ALA D 356 -24.99 7.68 -17.91
N GLU D 357 -23.70 7.85 -17.56
CA GLU D 357 -22.92 9.02 -18.04
C GLU D 357 -22.54 8.95 -19.50
N ILE D 358 -22.17 7.78 -20.00
CA ILE D 358 -21.82 7.65 -21.40
C ILE D 358 -23.00 8.22 -22.19
N LEU D 359 -24.18 7.94 -21.69
CA LEU D 359 -25.43 8.41 -22.32
C LEU D 359 -25.57 9.92 -22.38
N GLU D 360 -25.39 10.60 -21.25
CA GLU D 360 -25.52 12.06 -21.18
C GLU D 360 -24.23 12.70 -21.67
N LEU D 361 -23.28 11.89 -22.05
CA LEU D 361 -21.99 12.43 -22.44
C LEU D 361 -21.77 12.50 -23.92
N ASP D 362 -20.93 13.43 -24.31
CA ASP D 362 -20.53 13.64 -25.65
C ASP D 362 -19.59 12.52 -26.06
N ALA D 363 -19.87 11.93 -27.19
CA ALA D 363 -19.15 10.76 -27.66
C ALA D 363 -17.78 11.16 -28.06
N SER D 364 -17.04 11.84 -27.21
CA SER D 364 -15.68 12.27 -27.54
C SER D 364 -14.93 12.29 -26.19
N ASP D 365 -15.69 12.66 -25.15
CA ASP D 365 -15.25 12.72 -23.79
C ASP D 365 -15.28 11.33 -23.19
N THR D 366 -16.01 10.39 -23.82
CA THR D 366 -16.07 9.06 -23.25
C THR D 366 -14.77 8.32 -23.63
N GLN D 367 -13.85 8.99 -24.30
CA GLN D 367 -12.58 8.38 -24.64
C GLN D 367 -11.65 8.51 -23.47
N LEU D 368 -10.74 7.56 -23.33
CA LEU D 368 -9.84 7.56 -22.14
C LEU D 368 -8.76 8.66 -22.29
N TYR D 369 -8.13 8.68 -23.47
CA TYR D 369 -7.09 9.64 -23.84
C TYR D 369 -7.91 10.76 -24.45
N ILE D 370 -8.61 11.46 -23.60
CA ILE D 370 -9.53 12.52 -23.91
C ILE D 370 -8.82 13.73 -24.49
N ASP D 371 -9.49 14.40 -25.45
CA ASP D 371 -9.08 15.68 -26.03
C ASP D 371 -9.86 16.76 -25.26
N LEU D 372 -9.09 17.72 -24.72
CA LEU D 372 -9.67 18.77 -23.93
C LEU D 372 -10.36 19.85 -24.76
N LYS D 373 -9.99 19.91 -26.02
CA LYS D 373 -10.60 20.89 -26.92
C LYS D 373 -10.33 22.32 -26.54
N GLY D 374 -9.30 22.53 -25.68
CA GLY D 374 -8.95 23.86 -25.20
C GLY D 374 -9.80 24.30 -24.00
N ARG D 375 -10.57 23.37 -23.45
CA ARG D 375 -11.45 23.65 -22.31
C ARG D 375 -10.71 23.79 -20.98
N ASP D 376 -11.47 24.00 -19.90
CA ASP D 376 -10.95 24.05 -18.59
C ASP D 376 -10.76 22.63 -18.11
N PRO D 377 -9.56 22.24 -17.60
CA PRO D 377 -9.32 20.89 -17.06
C PRO D 377 -10.33 20.44 -16.02
N ASP D 378 -11.13 21.37 -15.53
CA ASP D 378 -12.23 21.06 -14.60
C ASP D 378 -13.55 20.84 -15.33
N ASP D 379 -13.90 21.73 -16.28
CA ASP D 379 -15.04 21.58 -17.20
C ASP D 379 -14.97 20.16 -17.82
N ALA D 380 -13.88 19.90 -18.57
CA ALA D 380 -13.64 18.59 -19.18
C ALA D 380 -13.33 17.53 -18.10
N PHE D 381 -14.38 17.12 -17.41
CA PHE D 381 -14.21 16.16 -16.31
C PHE D 381 -15.45 15.24 -16.20
N SER D 382 -15.19 13.93 -16.18
CA SER D 382 -16.28 12.99 -16.07
C SER D 382 -15.92 11.80 -15.19
N GLY D 383 -16.64 10.69 -15.35
CA GLY D 383 -16.47 9.55 -14.50
C GLY D 383 -15.74 8.59 -15.35
N VAL D 384 -15.77 8.90 -16.63
CA VAL D 384 -15.07 8.10 -17.61
C VAL D 384 -13.70 7.48 -17.23
N PRO D 385 -12.67 8.31 -17.05
CA PRO D 385 -11.32 7.82 -16.75
C PRO D 385 -11.21 6.85 -15.54
N TYR D 386 -12.00 7.08 -14.51
CA TYR D 386 -12.12 6.21 -13.33
C TYR D 386 -12.69 4.77 -13.49
N VAL D 387 -13.99 4.73 -13.88
CA VAL D 387 -14.67 3.48 -14.08
C VAL D 387 -14.29 2.80 -15.39
N LYS D 388 -14.23 3.54 -16.50
CA LYS D 388 -13.80 2.92 -17.72
C LYS D 388 -12.31 2.54 -17.71
N GLY D 389 -11.53 3.30 -16.93
CA GLY D 389 -10.12 3.04 -16.88
C GLY D 389 -9.96 1.90 -15.95
N GLN D 390 -10.96 1.71 -15.09
CA GLN D 390 -11.00 0.54 -14.16
C GLN D 390 -11.39 -0.76 -14.83
N LEU D 391 -12.50 -0.69 -15.60
CA LEU D 391 -12.98 -1.84 -16.33
C LEU D 391 -11.86 -2.22 -17.27
N PHE D 392 -11.12 -1.26 -17.78
CA PHE D 392 -10.05 -1.52 -18.66
C PHE D 392 -8.98 -2.37 -18.05
N LEU D 393 -8.59 -2.04 -16.82
CA LEU D 393 -7.54 -2.78 -16.13
C LEU D 393 -8.07 -4.06 -15.58
N MET D 394 -9.38 -4.05 -15.32
CA MET D 394 -10.06 -5.30 -14.87
C MET D 394 -10.10 -6.28 -16.00
N TYR D 395 -10.04 -5.74 -17.21
CA TYR D 395 -10.07 -6.48 -18.45
C TYR D 395 -8.71 -7.18 -18.61
N LEU D 396 -7.66 -6.46 -18.33
CA LEU D 396 -6.31 -7.02 -18.43
C LEU D 396 -6.12 -8.00 -17.30
N GLU D 397 -6.86 -7.77 -16.21
CA GLU D 397 -6.72 -8.71 -15.08
C GLU D 397 -7.29 -10.06 -15.51
N GLU D 398 -8.60 -10.06 -15.84
CA GLU D 398 -9.25 -11.27 -16.29
C GLU D 398 -8.45 -11.95 -17.35
N LYS D 399 -7.83 -11.19 -18.22
CA LYS D 399 -7.16 -11.71 -19.37
C LYS D 399 -5.89 -12.40 -19.02
N PHE D 400 -5.18 -11.87 -18.02
CA PHE D 400 -3.82 -12.39 -17.60
C PHE D 400 -3.77 -13.05 -16.24
N GLY D 401 -4.72 -12.71 -15.37
CA GLY D 401 -4.76 -13.27 -14.02
C GLY D 401 -4.10 -12.26 -13.11
N ARG D 402 -4.34 -12.34 -11.82
CA ARG D 402 -3.75 -11.41 -10.87
C ARG D 402 -2.25 -11.69 -10.73
N GLU D 403 -1.86 -12.95 -10.60
CA GLU D 403 -0.46 -13.23 -10.44
C GLU D 403 0.32 -12.38 -11.44
N ARG D 404 0.00 -12.53 -12.72
CA ARG D 404 0.70 -11.87 -13.78
C ARG D 404 0.37 -10.38 -13.90
N PHE D 405 -0.91 -10.07 -13.81
CA PHE D 405 -1.31 -8.67 -13.93
C PHE D 405 -0.74 -7.88 -12.79
N ASP D 406 -0.99 -8.31 -11.54
CA ASP D 406 -0.47 -7.66 -10.29
C ASP D 406 1.05 -7.57 -10.16
N ALA D 407 1.82 -8.53 -10.67
CA ALA D 407 3.29 -8.46 -10.70
C ALA D 407 3.70 -7.30 -11.58
N PHE D 408 3.08 -7.20 -12.74
CA PHE D 408 3.27 -6.16 -13.75
C PHE D 408 2.90 -4.80 -13.11
N VAL D 409 1.66 -4.63 -12.61
CA VAL D 409 1.25 -3.42 -11.95
C VAL D 409 2.18 -3.04 -10.85
N LEU D 410 2.66 -3.99 -10.04
CA LEU D 410 3.64 -3.60 -9.01
C LEU D 410 4.89 -3.07 -9.69
N GLU D 411 5.44 -3.73 -10.73
CA GLU D 411 6.59 -3.17 -11.41
C GLU D 411 6.29 -1.80 -12.06
N TYR D 412 5.09 -1.65 -12.64
CA TYR D 412 4.66 -0.39 -13.23
C TYR D 412 4.85 0.76 -12.24
N PHE D 413 4.37 0.60 -11.01
CA PHE D 413 4.62 1.63 -10.00
C PHE D 413 6.04 1.74 -9.48
N ASP D 414 6.78 0.64 -9.29
CA ASP D 414 8.15 0.76 -8.87
C ASP D 414 8.97 1.48 -9.91
N SER D 415 8.81 1.14 -11.17
CA SER D 415 9.60 1.68 -12.30
C SER D 415 9.34 3.15 -12.64
N HIS D 416 8.20 3.69 -12.21
CA HIS D 416 7.86 5.09 -12.51
C HIS D 416 7.80 5.86 -11.24
N ALA D 417 8.51 5.37 -10.20
CA ALA D 417 8.53 6.02 -8.89
C ALA D 417 8.89 7.49 -8.99
N PHE D 418 7.93 8.35 -8.63
CA PHE D 418 8.14 9.81 -8.60
C PHE D 418 8.36 10.37 -10.03
N GLN D 419 7.71 9.80 -11.02
CA GLN D 419 7.89 10.17 -12.41
C GLN D 419 6.59 10.61 -13.03
N SER D 420 6.67 11.01 -14.27
CA SER D 420 5.52 11.51 -15.03
C SER D 420 5.33 10.53 -16.21
N LEU D 421 4.12 10.41 -16.74
CA LEU D 421 3.89 9.47 -17.87
C LEU D 421 2.73 9.93 -18.71
N GLY D 422 2.89 9.63 -19.98
CA GLY D 422 1.86 9.99 -20.97
C GLY D 422 1.29 8.73 -21.55
N THR D 423 0.09 8.86 -22.08
CA THR D 423 -0.66 7.74 -22.64
C THR D 423 0.18 6.92 -23.61
N ASP D 424 0.80 7.53 -24.60
CA ASP D 424 1.62 6.85 -25.58
C ASP D 424 2.67 5.99 -25.00
N ASN D 425 3.27 6.43 -23.93
CA ASN D 425 4.37 5.66 -23.26
C ASN D 425 3.85 4.58 -22.36
N PHE D 426 2.74 4.85 -21.68
CA PHE D 426 2.07 3.80 -20.96
C PHE D 426 1.92 2.57 -21.83
N VAL D 427 1.40 2.77 -23.04
CA VAL D 427 1.16 1.72 -24.01
C VAL D 427 2.43 0.96 -24.29
N LYS D 428 3.50 1.67 -24.62
CA LYS D 428 4.77 1.05 -24.96
C LYS D 428 5.09 0.09 -23.82
N TYR D 429 4.93 0.56 -22.56
CA TYR D 429 5.25 -0.18 -21.33
C TYR D 429 4.28 -1.36 -21.02
N LEU D 430 3.00 -1.12 -21.33
CA LEU D 430 1.90 -2.05 -21.18
C LEU D 430 2.09 -3.16 -22.16
N LYS D 431 2.74 -2.88 -23.28
CA LYS D 431 3.06 -3.93 -24.24
C LYS D 431 4.34 -4.64 -23.93
N ALA D 432 5.38 -3.90 -23.66
CA ALA D 432 6.69 -4.45 -23.41
C ALA D 432 6.70 -5.25 -22.08
N ASN D 433 5.75 -4.94 -21.18
CA ASN D 433 5.66 -5.68 -19.90
C ASN D 433 4.43 -6.53 -19.55
N LEU D 434 3.51 -6.56 -20.53
CA LEU D 434 2.34 -7.38 -20.39
C LEU D 434 1.93 -8.05 -21.71
N THR D 435 1.26 -7.25 -22.53
CA THR D 435 0.64 -7.65 -23.78
C THR D 435 1.69 -8.30 -24.73
N ASP D 436 2.97 -8.00 -24.52
CA ASP D 436 3.97 -8.55 -25.39
C ASP D 436 4.78 -9.49 -24.55
N LYS D 437 4.71 -9.34 -23.22
CA LYS D 437 5.50 -10.23 -22.38
C LYS D 437 4.88 -11.61 -22.44
N TYR D 438 3.56 -11.60 -22.31
CA TYR D 438 2.69 -12.77 -22.45
C TYR D 438 1.79 -12.51 -23.66
N PRO D 439 2.33 -12.83 -24.89
CA PRO D 439 1.80 -12.56 -26.20
C PRO D 439 0.58 -13.38 -26.59
N ASN D 440 -0.27 -12.83 -27.46
CA ASN D 440 -1.44 -13.53 -27.97
C ASN D 440 -2.60 -13.68 -26.98
N ILE D 441 -2.63 -12.85 -25.94
CA ILE D 441 -3.79 -12.87 -25.04
C ILE D 441 -4.61 -11.65 -25.40
N VAL D 442 -3.95 -10.47 -25.35
CA VAL D 442 -4.55 -9.22 -25.75
C VAL D 442 -3.83 -8.59 -26.98
N SER D 443 -4.63 -8.14 -27.96
CA SER D 443 -4.08 -7.56 -29.18
C SER D 443 -4.15 -6.03 -29.13
N ASP D 444 -3.14 -5.40 -29.70
CA ASP D 444 -3.08 -3.95 -29.71
C ASP D 444 -4.36 -3.30 -30.21
N ASN D 445 -5.35 -4.07 -30.63
CA ASN D 445 -6.57 -3.51 -31.18
C ASN D 445 -7.48 -3.32 -30.01
N GLU D 446 -7.31 -4.18 -29.02
CA GLU D 446 -8.13 -4.13 -27.83
C GLU D 446 -7.58 -3.05 -26.94
N ILE D 447 -6.28 -2.83 -27.08
CA ILE D 447 -5.60 -1.80 -26.29
C ILE D 447 -5.98 -0.43 -26.82
N ASN D 448 -5.76 -0.25 -28.12
CA ASN D 448 -6.14 1.03 -28.79
C ASN D 448 -7.62 1.35 -28.65
N GLU D 449 -8.41 0.30 -28.65
CA GLU D 449 -9.83 0.40 -28.65
C GLU D 449 -10.23 0.92 -27.27
N TRP D 450 -9.64 0.33 -26.25
CA TRP D 450 -9.83 0.70 -24.86
C TRP D 450 -9.57 2.12 -24.47
N ILE D 451 -8.41 2.65 -24.89
CA ILE D 451 -8.01 4.02 -24.58
C ILE D 451 -8.29 5.19 -25.50
N PHE D 452 -8.58 4.89 -26.76
CA PHE D 452 -8.84 5.91 -27.74
C PHE D 452 -10.30 6.11 -28.25
N LYS D 453 -11.15 5.07 -28.16
CA LYS D 453 -12.50 5.16 -28.69
C LYS D 453 -13.55 5.52 -27.66
N ALA D 454 -14.65 6.10 -28.14
CA ALA D 454 -15.73 6.45 -27.28
C ALA D 454 -16.52 5.22 -26.88
N GLY D 455 -17.45 5.41 -25.92
CA GLY D 455 -18.21 4.29 -25.31
C GLY D 455 -17.37 3.09 -24.87
N LEU D 456 -18.03 2.00 -24.46
CA LEU D 456 -17.34 0.81 -23.97
C LEU D 456 -17.21 -0.26 -25.05
N PRO D 457 -16.16 -1.09 -25.03
CA PRO D 457 -15.89 -2.15 -26.01
C PRO D 457 -16.86 -3.33 -26.06
N SER D 458 -17.95 -3.31 -25.27
CA SER D 458 -18.92 -4.41 -25.36
C SER D 458 -18.31 -5.65 -24.70
N TYR D 459 -17.03 -5.94 -25.00
CA TYR D 459 -16.33 -7.01 -24.28
C TYR D 459 -15.74 -6.50 -22.98
N ALA D 460 -16.17 -5.31 -22.59
CA ALA D 460 -15.75 -4.65 -21.36
C ALA D 460 -16.35 -5.33 -20.17
N PRO D 461 -15.53 -5.75 -19.18
CA PRO D 461 -16.07 -6.40 -18.01
C PRO D 461 -17.34 -5.72 -17.53
N GLN D 462 -18.31 -6.47 -17.08
CA GLN D 462 -19.54 -5.79 -16.64
C GLN D 462 -19.97 -6.38 -15.28
N PRO D 463 -19.23 -6.03 -14.19
CA PRO D 463 -19.38 -6.55 -12.87
C PRO D 463 -20.85 -6.61 -12.54
N THR D 464 -21.17 -7.75 -11.89
CA THR D 464 -22.52 -8.20 -11.64
C THR D 464 -22.36 -8.66 -10.22
N SER D 465 -23.36 -8.33 -9.41
CA SER D 465 -23.36 -8.65 -8.02
C SER D 465 -24.55 -9.56 -7.75
N ASN D 466 -24.36 -10.81 -7.37
CA ASN D 466 -25.57 -11.46 -6.91
C ASN D 466 -26.59 -10.70 -6.06
N ALA D 467 -26.20 -10.22 -4.89
CA ALA D 467 -27.13 -9.59 -3.89
C ALA D 467 -27.93 -8.51 -4.50
N PHE D 468 -27.33 -7.89 -5.49
CA PHE D 468 -27.91 -6.75 -6.13
C PHE D 468 -29.08 -7.27 -6.95
N LYS D 469 -28.99 -8.52 -7.32
CA LYS D 469 -29.64 -8.97 -8.47
C LYS D 469 -30.72 -9.82 -7.98
N VAL D 470 -30.54 -10.42 -6.84
CA VAL D 470 -31.72 -10.77 -6.06
C VAL D 470 -32.71 -9.68 -5.92
N ILE D 471 -32.25 -8.45 -5.99
CA ILE D 471 -33.03 -7.29 -5.70
C ILE D 471 -33.75 -6.87 -6.94
N ASP D 472 -33.02 -6.86 -8.03
CA ASP D 472 -33.62 -6.75 -9.32
C ASP D 472 -34.93 -7.49 -9.52
N LYS D 473 -35.03 -8.67 -8.91
CA LYS D 473 -36.11 -9.63 -9.05
C LYS D 473 -37.22 -9.19 -8.13
N GLN D 474 -36.85 -8.92 -6.89
CA GLN D 474 -37.68 -8.19 -5.98
C GLN D 474 -38.22 -6.86 -6.32
N ILE D 475 -37.50 -5.97 -6.98
CA ILE D 475 -38.04 -4.61 -7.32
C ILE D 475 -39.37 -4.85 -8.08
N ASN D 476 -39.62 -6.07 -8.49
CA ASN D 476 -40.83 -6.35 -9.23
C ASN D 476 -41.99 -6.72 -8.29
N GLN D 477 -42.60 -5.68 -7.78
CA GLN D 477 -43.78 -5.83 -7.03
C GLN D 477 -44.64 -5.14 -7.98
N LEU D 478 -44.59 -5.63 -9.21
CA LEU D 478 -45.30 -5.12 -10.38
C LEU D 478 -45.87 -3.71 -10.34
N VAL D 479 -47.16 -3.55 -10.23
CA VAL D 479 -47.68 -2.18 -10.32
C VAL D 479 -47.70 -1.46 -9.02
N THR D 480 -46.84 -1.81 -8.08
CA THR D 480 -46.68 -1.00 -6.87
C THR D 480 -47.51 -1.58 -5.76
N ASP D 481 -46.88 -2.39 -4.92
CA ASP D 481 -47.50 -3.33 -3.97
C ASP D 481 -48.31 -4.38 -4.69
N GLU D 482 -48.06 -4.43 -5.99
CA GLU D 482 -48.71 -5.29 -6.92
C GLU D 482 -48.10 -6.64 -6.88
N LEU D 483 -48.25 -7.26 -5.76
CA LEU D 483 -47.81 -8.59 -5.61
C LEU D 483 -47.36 -8.61 -4.21
N THR D 484 -46.16 -8.10 -4.02
CA THR D 484 -45.55 -8.07 -2.72
C THR D 484 -45.73 -6.75 -2.00
N LEU D 485 -45.91 -6.83 -0.70
CA LEU D 485 -45.85 -5.69 0.12
C LEU D 485 -44.40 -5.29 0.17
N GLU D 486 -43.75 -5.30 1.33
CA GLU D 486 -42.58 -4.51 1.35
C GLU D 486 -41.75 -5.25 2.34
N GLN D 487 -42.39 -6.13 3.09
CA GLN D 487 -41.79 -7.38 3.49
C GLN D 487 -40.78 -8.02 2.54
N LEU D 488 -39.77 -7.23 2.18
CA LEU D 488 -38.47 -7.67 1.71
C LEU D 488 -37.40 -7.65 2.79
N PRO D 489 -36.18 -8.05 2.41
CA PRO D 489 -35.02 -8.12 3.29
C PRO D 489 -34.40 -6.73 3.62
N THR D 490 -35.19 -5.66 3.55
CA THR D 490 -34.68 -4.32 3.85
C THR D 490 -33.88 -4.25 5.14
N ALA D 491 -34.41 -4.83 6.21
CA ALA D 491 -33.72 -4.80 7.49
C ALA D 491 -32.34 -5.48 7.37
N GLN D 492 -31.98 -5.88 6.17
CA GLN D 492 -30.68 -6.50 5.96
C GLN D 492 -29.87 -5.82 4.83
N TRP D 493 -30.49 -4.84 4.21
CA TRP D 493 -29.92 -4.11 3.10
C TRP D 493 -28.84 -3.16 3.55
N THR D 494 -27.65 -3.36 2.96
CA THR D 494 -26.51 -2.49 3.17
C THR D 494 -26.70 -1.26 2.29
N LEU D 495 -25.94 -0.21 2.57
CA LEU D 495 -25.94 1.06 1.82
C LEU D 495 -25.83 0.73 0.37
N HIS D 496 -24.88 -0.08 -0.01
CA HIS D 496 -24.89 -0.56 -1.37
C HIS D 496 -26.19 -1.21 -1.85
N GLU D 497 -26.93 -1.87 -0.95
CA GLU D 497 -28.12 -2.51 -1.39
C GLU D 497 -29.21 -1.65 -1.67
N TRP D 498 -29.09 -0.39 -1.32
CA TRP D 498 -30.22 0.47 -1.10
C TRP D 498 -30.20 1.37 -2.28
N LEU D 499 -29.04 1.48 -2.88
CA LEU D 499 -28.87 2.39 -3.99
C LEU D 499 -29.24 1.73 -5.28
N HIS D 500 -28.82 0.49 -5.41
CA HIS D 500 -29.39 -0.39 -6.39
C HIS D 500 -30.90 -0.49 -6.36
N PHE D 501 -31.47 -0.56 -5.17
CA PHE D 501 -32.90 -0.54 -5.04
C PHE D 501 -33.49 0.76 -5.52
N ILE D 502 -33.04 1.83 -4.93
CA ILE D 502 -33.57 3.15 -5.24
C ILE D 502 -33.37 3.50 -6.70
N ASN D 503 -32.24 3.13 -7.25
CA ASN D 503 -31.88 3.70 -8.53
C ASN D 503 -32.26 2.85 -9.73
N ASN D 504 -32.53 1.58 -9.46
CA ASN D 504 -33.00 0.65 -10.48
C ASN D 504 -34.49 0.50 -10.36
N LEU D 505 -35.08 1.34 -9.53
CA LEU D 505 -36.51 1.39 -9.32
C LEU D 505 -37.07 2.06 -10.52
N PRO D 506 -38.25 1.64 -10.92
CA PRO D 506 -38.92 2.31 -12.04
C PRO D 506 -39.27 3.76 -11.76
N VAL D 507 -38.98 4.60 -12.73
CA VAL D 507 -39.30 6.02 -12.60
C VAL D 507 -40.82 6.27 -12.74
N ASP D 508 -41.60 5.21 -12.54
CA ASP D 508 -43.05 5.20 -12.83
C ASP D 508 -43.98 4.64 -11.73
N VAL D 515 -44.73 6.43 -1.02
CA VAL D 515 -45.07 7.08 0.21
C VAL D 515 -44.97 5.85 1.01
N ASN D 516 -45.35 4.76 0.40
CA ASN D 516 -45.12 3.44 0.95
C ASN D 516 -43.66 3.38 1.29
N LEU D 517 -42.86 3.68 0.28
CA LEU D 517 -41.44 3.72 0.44
C LEU D 517 -41.00 4.73 1.47
N ASP D 518 -41.13 6.01 1.16
CA ASP D 518 -40.77 7.06 2.10
C ASP D 518 -41.39 6.88 3.49
N LYS D 519 -42.67 6.59 3.61
CA LYS D 519 -43.14 6.48 4.98
C LYS D 519 -42.67 5.23 5.76
N ALA D 520 -42.44 4.15 5.03
CA ALA D 520 -41.89 2.99 5.69
C ALA D 520 -40.44 3.17 6.12
N PHE D 521 -39.58 3.42 5.13
CA PHE D 521 -38.14 3.56 5.34
C PHE D 521 -37.65 5.00 5.55
N ASP D 522 -38.51 5.97 5.19
CA ASP D 522 -38.17 7.39 5.28
C ASP D 522 -36.82 7.66 4.62
N LEU D 523 -36.81 7.64 3.29
CA LEU D 523 -35.59 7.87 2.56
C LEU D 523 -35.40 9.38 2.41
N THR D 524 -36.45 10.13 2.76
CA THR D 524 -36.41 11.60 2.71
C THR D 524 -35.45 12.18 3.76
N ASN D 525 -35.65 11.84 5.02
CA ASN D 525 -34.80 12.31 6.09
C ASN D 525 -33.65 11.33 6.32
N SER D 526 -33.31 10.53 5.30
CA SER D 526 -32.24 9.52 5.36
C SER D 526 -30.93 10.15 5.79
N SER D 527 -30.29 9.47 6.74
CA SER D 527 -29.06 9.88 7.34
C SER D 527 -27.99 9.90 6.27
N ASN D 528 -27.54 8.73 5.84
CA ASN D 528 -26.50 8.62 4.83
C ASN D 528 -26.84 9.53 3.67
N ALA D 529 -25.92 10.42 3.29
CA ALA D 529 -26.13 11.39 2.18
C ALA D 529 -26.35 10.75 0.81
N GLU D 530 -25.61 9.68 0.52
CA GLU D 530 -25.75 9.00 -0.75
C GLU D 530 -27.23 8.63 -0.95
N ILE D 531 -27.80 8.03 0.11
CA ILE D 531 -29.18 7.61 0.12
C ILE D 531 -30.03 8.82 -0.18
N ALA D 532 -29.96 9.84 0.65
CA ALA D 532 -30.76 11.04 0.42
C ALA D 532 -30.61 11.51 -1.04
N HIS D 533 -29.43 11.29 -1.64
CA HIS D 533 -29.20 11.81 -3.00
C HIS D 533 -30.00 11.03 -4.04
N ALA D 534 -29.72 9.71 -4.10
CA ALA D 534 -30.40 8.78 -4.97
C ALA D 534 -31.94 8.89 -4.82
N TRP D 535 -32.40 9.15 -3.59
CA TRP D 535 -33.80 9.34 -3.30
C TRP D 535 -34.39 10.56 -4.00
N TYR D 536 -33.86 11.76 -3.74
CA TYR D 536 -34.36 12.99 -4.40
C TYR D 536 -34.24 12.90 -5.92
N LEU D 537 -33.15 12.32 -6.41
CA LEU D 537 -32.94 12.07 -7.85
C LEU D 537 -34.11 11.30 -8.47
N LEU D 538 -34.42 10.16 -7.86
CA LEU D 538 -35.57 9.34 -8.26
C LEU D 538 -36.87 10.14 -8.06
N SER D 539 -37.04 10.70 -6.87
CA SER D 539 -38.22 11.48 -6.57
C SER D 539 -38.56 12.47 -7.68
N VAL D 540 -37.79 13.55 -7.77
CA VAL D 540 -37.99 14.57 -8.80
C VAL D 540 -38.23 13.95 -10.21
N ARG D 541 -37.56 12.84 -10.52
CA ARG D 541 -37.74 12.18 -11.81
C ARG D 541 -39.17 11.70 -11.97
N ALA D 542 -39.59 10.80 -11.09
CA ALA D 542 -40.94 10.28 -11.08
C ALA D 542 -41.90 11.33 -10.49
N ASP D 543 -41.35 12.52 -10.25
CA ASP D 543 -42.11 13.65 -9.70
C ASP D 543 -42.78 13.37 -8.37
N TYR D 544 -41.97 13.03 -7.36
CA TYR D 544 -42.49 12.78 -6.02
C TYR D 544 -42.23 14.09 -5.33
N LYS D 545 -42.97 15.11 -5.77
CA LYS D 545 -42.87 16.47 -5.25
C LYS D 545 -42.75 16.62 -3.72
N GLU D 546 -43.19 15.61 -2.96
CA GLU D 546 -43.13 15.62 -1.48
C GLU D 546 -41.72 15.77 -0.81
N VAL D 547 -40.67 15.34 -1.50
CA VAL D 547 -39.29 15.44 -0.97
C VAL D 547 -38.58 16.75 -1.36
N TYR D 548 -39.32 17.73 -1.89
CA TYR D 548 -38.77 19.04 -2.27
C TYR D 548 -38.18 19.88 -1.09
N PRO D 549 -38.92 19.98 0.05
CA PRO D 549 -38.37 20.73 1.19
C PRO D 549 -37.06 20.14 1.77
N ALA D 550 -37.06 18.84 2.07
CA ALA D 550 -35.89 18.16 2.59
C ALA D 550 -34.71 18.27 1.61
N MET D 551 -35.04 18.25 0.31
CA MET D 551 -34.05 18.35 -0.75
C MET D 551 -33.50 19.76 -0.73
N ALA D 552 -34.36 20.70 -0.39
CA ALA D 552 -33.97 22.11 -0.34
C ALA D 552 -32.85 22.34 0.70
N LYS D 553 -33.11 22.03 1.96
CA LYS D 553 -32.08 22.16 2.96
C LYS D 553 -30.83 21.36 2.54
N TYR D 554 -31.03 20.20 1.91
CA TYR D 554 -29.92 19.33 1.48
C TYR D 554 -29.03 20.06 0.47
N LEU D 555 -29.70 20.66 -0.50
CA LEU D 555 -29.05 21.44 -1.54
C LEU D 555 -28.32 22.64 -0.95
N LYS D 556 -28.98 23.30 -0.01
CA LYS D 556 -28.45 24.50 0.65
C LYS D 556 -27.29 24.20 1.63
N SER D 557 -27.41 23.04 2.33
CA SER D 557 -26.38 22.57 3.29
C SER D 557 -25.10 22.13 2.64
N ILE D 558 -25.13 21.00 1.92
CA ILE D 558 -23.91 20.48 1.31
C ILE D 558 -23.53 21.06 -0.07
N GLY D 559 -22.23 21.18 -0.31
CA GLY D 559 -21.75 21.80 -1.53
C GLY D 559 -20.87 20.85 -2.32
N ARG D 560 -20.93 19.57 -1.94
CA ARG D 560 -20.15 18.51 -2.62
C ARG D 560 -20.86 18.50 -4.00
N ARG D 561 -20.11 18.58 -5.10
CA ARG D 561 -20.68 18.64 -6.46
C ARG D 561 -21.44 17.34 -6.72
N LYS D 562 -20.69 16.26 -6.83
CA LYS D 562 -21.26 14.91 -6.92
C LYS D 562 -22.13 14.51 -5.77
N LEU D 563 -23.04 15.40 -5.44
CA LEU D 563 -24.21 15.14 -4.63
C LEU D 563 -25.31 16.24 -4.71
N ILE D 564 -25.05 17.25 -5.51
CA ILE D 564 -25.99 18.33 -5.75
C ILE D 564 -26.01 18.68 -7.27
N VAL D 565 -24.85 18.52 -7.94
CA VAL D 565 -24.73 18.77 -9.39
C VAL D 565 -25.83 18.01 -10.12
N PRO D 566 -25.78 16.62 -10.12
CA PRO D 566 -26.77 15.85 -10.86
C PRO D 566 -28.20 16.18 -10.43
N LEU D 567 -28.35 16.62 -9.20
CA LEU D 567 -29.67 17.00 -8.66
C LEU D 567 -30.18 18.28 -9.33
N TYR D 568 -29.32 19.30 -9.41
CA TYR D 568 -29.65 20.53 -10.11
C TYR D 568 -29.89 20.33 -11.64
N LYS D 569 -29.29 19.27 -12.21
CA LYS D 569 -29.45 18.94 -13.61
C LYS D 569 -30.86 18.44 -13.84
N GLU D 570 -31.18 17.30 -13.25
CA GLU D 570 -32.52 16.77 -13.39
C GLU D 570 -33.56 17.86 -13.02
N LEU D 571 -33.25 18.62 -11.98
CA LEU D 571 -34.14 19.66 -11.49
C LEU D 571 -34.38 20.73 -12.56
N ALA D 572 -33.28 21.20 -13.16
CA ALA D 572 -33.33 22.22 -14.20
C ALA D 572 -33.50 21.55 -15.57
N LYS D 573 -34.65 20.92 -15.80
CA LYS D 573 -34.97 20.24 -17.07
C LYS D 573 -36.49 20.20 -17.26
N ASN D 574 -37.19 20.99 -16.47
CA ASN D 574 -38.64 21.08 -16.58
C ASN D 574 -38.64 22.54 -16.16
N ALA D 575 -38.83 23.47 -17.09
CA ALA D 575 -38.87 24.91 -16.80
C ALA D 575 -39.54 25.42 -15.51
N GLU D 576 -40.57 24.71 -15.08
CA GLU D 576 -41.28 25.04 -13.87
C GLU D 576 -40.43 24.58 -12.70
N SER D 577 -39.87 23.38 -12.84
CA SER D 577 -38.94 22.80 -11.84
C SER D 577 -37.59 23.52 -11.84
N LYS D 578 -36.97 23.69 -13.03
CA LYS D 578 -35.72 24.45 -13.25
C LYS D 578 -35.75 25.82 -12.60
N ALA D 579 -36.94 26.34 -12.34
CA ALA D 579 -37.10 27.65 -11.68
C ALA D 579 -37.00 27.50 -10.18
N TRP D 580 -37.50 26.38 -9.64
CA TRP D 580 -37.36 26.05 -8.20
C TRP D 580 -35.88 25.96 -7.80
N ALA D 581 -35.05 25.52 -8.76
CA ALA D 581 -33.58 25.48 -8.61
C ALA D 581 -33.00 26.87 -8.37
N VAL D 582 -33.07 27.74 -9.37
CA VAL D 582 -32.58 29.12 -9.19
C VAL D 582 -33.00 29.75 -7.85
N GLU D 583 -34.20 29.47 -7.37
CA GLU D 583 -34.65 30.05 -6.12
C GLU D 583 -33.88 29.54 -4.90
N VAL D 584 -33.52 28.27 -4.93
CA VAL D 584 -32.71 27.68 -3.87
C VAL D 584 -31.21 27.91 -4.15
N TYR D 585 -30.77 27.74 -5.41
CA TYR D 585 -29.38 27.97 -5.77
C TYR D 585 -28.98 29.39 -5.51
N LYS D 586 -29.96 30.24 -5.16
CA LYS D 586 -29.67 31.65 -4.82
C LYS D 586 -29.42 31.78 -3.33
N GLN D 587 -29.78 30.72 -2.62
CA GLN D 587 -29.59 30.56 -1.17
C GLN D 587 -28.31 29.75 -0.86
N ALA D 588 -28.13 28.68 -1.62
CA ALA D 588 -27.00 27.83 -1.43
C ALA D 588 -25.78 28.35 -2.19
N ARG D 589 -26.02 29.29 -3.10
CA ARG D 589 -24.97 29.84 -3.96
C ARG D 589 -23.79 30.28 -3.10
N PRO D 590 -24.05 31.20 -2.14
CA PRO D 590 -23.00 31.68 -1.25
C PRO D 590 -22.61 30.56 -0.25
N GLY D 591 -21.34 30.24 -0.14
CA GLY D 591 -21.01 29.11 0.71
C GLY D 591 -20.39 27.99 -0.10
N TYR D 592 -20.94 27.77 -1.31
CA TYR D 592 -20.39 26.77 -2.21
C TYR D 592 -18.95 27.15 -2.53
N HIS D 593 -18.13 26.13 -2.81
CA HIS D 593 -16.77 26.39 -3.22
C HIS D 593 -16.89 26.96 -4.65
N GLY D 594 -15.95 27.79 -5.08
CA GLY D 594 -15.98 28.30 -6.45
C GLY D 594 -16.15 27.13 -7.42
N LEU D 595 -15.34 26.08 -7.24
CA LEU D 595 -15.31 24.93 -8.17
C LEU D 595 -16.68 24.28 -8.30
N ALA D 596 -17.58 24.54 -7.36
CA ALA D 596 -18.97 24.06 -7.41
C ALA D 596 -19.89 25.06 -8.07
N GLN D 597 -20.03 26.23 -7.46
CA GLN D 597 -20.82 27.29 -8.09
C GLN D 597 -20.62 27.31 -9.62
N GLY D 598 -19.36 27.32 -10.03
CA GLY D 598 -18.96 27.26 -11.43
C GLY D 598 -19.79 26.25 -12.17
N THR D 599 -19.76 25.00 -11.71
CA THR D 599 -20.48 23.91 -12.38
C THR D 599 -22.00 24.09 -12.41
N VAL D 600 -22.60 24.39 -11.24
CA VAL D 600 -24.03 24.61 -11.10
C VAL D 600 -24.46 25.86 -11.85
N ASP D 601 -23.57 26.86 -11.92
CA ASP D 601 -23.85 28.09 -12.67
C ASP D 601 -24.14 27.82 -14.16
N GLY D 602 -23.64 26.69 -14.65
CA GLY D 602 -23.82 26.31 -16.04
C GLY D 602 -25.07 25.46 -16.26
N VAL D 603 -25.22 24.43 -15.43
CA VAL D 603 -26.38 23.52 -15.53
C VAL D 603 -27.69 24.22 -15.15
N LEU D 604 -27.57 25.49 -14.77
CA LEU D 604 -28.74 26.24 -14.40
C LEU D 604 -28.96 27.35 -15.42
N LYS D 605 -28.64 27.06 -16.69
CA LYS D 605 -28.75 28.04 -17.81
C LYS D 605 -28.08 29.37 -17.49
ZN ZN E . -15.52 31.04 -50.98
ZN ZN F . -1.12 -41.29 28.76
ZN ZN G . 26.36 -1.59 29.71
ZN ZN H . -9.50 11.32 -7.23
#